data_2Q9P
# 
_entry.id   2Q9P 
# 
_audit_conform.dict_name       mmcif_pdbx.dic 
_audit_conform.dict_version    5.377 
_audit_conform.dict_location   http://mmcif.pdb.org/dictionaries/ascii/mmcif_pdbx.dic 
# 
loop_
_database_2.database_id 
_database_2.database_code 
_database_2.pdbx_database_accession 
_database_2.pdbx_DOI 
PDB   2Q9P         pdb_00002q9p 10.2210/pdb2q9p/pdb 
RCSB  RCSB043325   ?            ?                   
WWPDB D_1000043325 ?            ?                   
# 
_pdbx_database_related.db_name        PDB 
_pdbx_database_related.db_id          2FVV 
_pdbx_database_related.details        'Human diphosphoinositol polyphosphate phosphohydrolase 1' 
_pdbx_database_related.content_type   unspecified 
# 
_pdbx_database_status.entry_id                        2Q9P 
_pdbx_database_status.deposit_site                    RCSB 
_pdbx_database_status.process_site                    RCSB 
_pdbx_database_status.recvd_initial_deposition_date   2007-06-13 
_pdbx_database_status.status_code                     REL 
_pdbx_database_status.status_code_sf                  REL 
_pdbx_database_status.status_code_mr                  ? 
_pdbx_database_status.SG_entry                        Y 
_pdbx_database_status.pdb_format_compatible           Y 
_pdbx_database_status.status_code_cs                  ? 
_pdbx_database_status.status_code_nmr_data            ? 
_pdbx_database_status.methods_development_category    ? 
# 
loop_
_audit_author.name 
_audit_author.pdbx_ordinal 
'Thorsell, A.G.'                       1  
'Busam, R.'                            2  
'Arrowsmith, C.H.'                     3  
'Berglund, H.'                         4  
'Collins, R.'                          5  
'Dahlgren, L.G.'                       6  
'Edwards, A.'                          7  
'Flodin, S.'                           8  
'Flores, A.'                           9  
'Graslund, S.'                         10 
'Hammarstrom, M.'                      11 
'Holmberg-Schiavone, L.'               12 
'Johansson, I.'                        13 
'Kallas, A.'                           14 
'Karlberg, T.'                         15 
'Kotenyova, T.'                        16 
'Lehtio, L.'                           17 
'Moche, M.'                            18 
'Nordlund, P.'                         19 
'Nyman, T.'                            20 
'Ogg, D.'                              21 
'Sagemark, J.'                         22 
'Sundstrom, M.'                        23 
'Van den Berg, S.'                     24 
'Weigelt, J.'                          25 
'Welin, M.'                            26 
'Persson, C.'                          27 
'Hallberg, B.M.'                       28 
'Structural Genomics Consortium (SGC)' 29 
# 
_citation.id                        primary 
_citation.title                     'Crystal structure of human diphosphoinositol phosphatase 1.' 
_citation.journal_abbrev            Proteins 
_citation.journal_volume            77 
_citation.page_first                242 
_citation.page_last                 246 
_citation.year                      2009 
_citation.journal_id_ASTM           PSFGEY 
_citation.country                   US 
_citation.journal_id_ISSN           0887-3585 
_citation.journal_id_CSD            0867 
_citation.book_publisher            ? 
_citation.pdbx_database_id_PubMed   19585659 
_citation.pdbx_database_id_DOI      10.1002/prot.22489 
# 
loop_
_citation_author.citation_id 
_citation_author.name 
_citation_author.ordinal 
_citation_author.identifier_ORCID 
primary 'Thorsell, A.G.'  1 ? 
primary 'Persson, C.'     2 ? 
primary 'Graslund, S.'    3 ? 
primary 'Hammarstrom, M.' 4 ? 
primary 'Busam, R.D.'     5 ? 
primary 'Hallberg, B.M.'  6 ? 
# 
_cell.entry_id           2Q9P 
_cell.length_a           45.193 
_cell.length_b           59.444 
_cell.length_c           62.547 
_cell.angle_alpha        90.00 
_cell.angle_beta         90.00 
_cell.angle_gamma        90.00 
_cell.Z_PDB              4 
_cell.pdbx_unique_axis   ? 
_cell.length_a_esd       ? 
_cell.length_b_esd       ? 
_cell.length_c_esd       ? 
_cell.angle_alpha_esd    ? 
_cell.angle_beta_esd     ? 
_cell.angle_gamma_esd    ? 
# 
_symmetry.entry_id                         2Q9P 
_symmetry.space_group_name_H-M             'P 21 21 21' 
_symmetry.pdbx_full_space_group_name_H-M   ? 
_symmetry.cell_setting                     ? 
_symmetry.Int_Tables_number                19 
_symmetry.space_group_name_Hall            ? 
# 
loop_
_entity.id 
_entity.type 
_entity.src_method 
_entity.pdbx_description 
_entity.formula_weight 
_entity.pdbx_number_of_molecules 
_entity.pdbx_ec 
_entity.pdbx_mutation 
_entity.pdbx_fragment 
_entity.details 
1 polymer     man 'Diphosphoinositol polyphosphate phosphohydrolase 1' 22055.725 1   3.6.1.52 ? ? ? 
2 non-polymer syn 'MAGNESIUM ION'                                      24.305    4   ?        ? ? ? 
3 non-polymer syn 'CHLORIDE ION'                                       35.453    1   ?        ? ? ? 
4 non-polymer syn 'FLUORIDE ION'                                       18.998    10  ?        ? ? ? 
5 non-polymer syn 'INOSITOL HEXAKISPHOSPHATE'                          660.035   1   ?        ? ? ? 
6 water       nat water                                                18.015    146 ?        ? ? ? 
# 
_entity_name_com.entity_id   1 
_entity_name_com.name        
;DIPP-1, Diadenosine 5',5'''-P1,P6-hexaphosphate hydrolase 1, Nucleoside diphosphate-linked moiety X motif 3, Nudix motif 3
;
# 
_entity_poly.entity_id                      1 
_entity_poly.type                           'polypeptide(L)' 
_entity_poly.nstd_linkage                   no 
_entity_poly.nstd_monomer                   no 
_entity_poly.pdbx_seq_one_letter_code       
;MHHHHHHSSGVDLGTENLYFQSMMKLKSNQTRTYDGDGYKKRAACLCFRSESEEEVLLVSSSRHPDRWIVPGGGMEPEEE
PSVAAVREVCEEAGVKGTLGRLVGIFENQERKHRTYVYVLIVTEVLEDWEDSVNIGRKREWFKIEDAIKVLQYHKPVQAS
YFETLRQGYSANNGTPVVATTYSVSAQSSMSGIR
;
_entity_poly.pdbx_seq_one_letter_code_can   
;MHHHHHHSSGVDLGTENLYFQSMMKLKSNQTRTYDGDGYKKRAACLCFRSESEEEVLLVSSSRHPDRWIVPGGGMEPEEE
PSVAAVREVCEEAGVKGTLGRLVGIFENQERKHRTYVYVLIVTEVLEDWEDSVNIGRKREWFKIEDAIKVLQYHKPVQAS
YFETLRQGYSANNGTPVVATTYSVSAQSSMSGIR
;
_entity_poly.pdbx_strand_id                 A 
_entity_poly.pdbx_target_identifier         ? 
# 
loop_
_entity_poly_seq.entity_id 
_entity_poly_seq.num 
_entity_poly_seq.mon_id 
_entity_poly_seq.hetero 
1 1   MET n 
1 2   HIS n 
1 3   HIS n 
1 4   HIS n 
1 5   HIS n 
1 6   HIS n 
1 7   HIS n 
1 8   SER n 
1 9   SER n 
1 10  GLY n 
1 11  VAL n 
1 12  ASP n 
1 13  LEU n 
1 14  GLY n 
1 15  THR n 
1 16  GLU n 
1 17  ASN n 
1 18  LEU n 
1 19  TYR n 
1 20  PHE n 
1 21  GLN n 
1 22  SER n 
1 23  MET n 
1 24  MET n 
1 25  LYS n 
1 26  LEU n 
1 27  LYS n 
1 28  SER n 
1 29  ASN n 
1 30  GLN n 
1 31  THR n 
1 32  ARG n 
1 33  THR n 
1 34  TYR n 
1 35  ASP n 
1 36  GLY n 
1 37  ASP n 
1 38  GLY n 
1 39  TYR n 
1 40  LYS n 
1 41  LYS n 
1 42  ARG n 
1 43  ALA n 
1 44  ALA n 
1 45  CYS n 
1 46  LEU n 
1 47  CYS n 
1 48  PHE n 
1 49  ARG n 
1 50  SER n 
1 51  GLU n 
1 52  SER n 
1 53  GLU n 
1 54  GLU n 
1 55  GLU n 
1 56  VAL n 
1 57  LEU n 
1 58  LEU n 
1 59  VAL n 
1 60  SER n 
1 61  SER n 
1 62  SER n 
1 63  ARG n 
1 64  HIS n 
1 65  PRO n 
1 66  ASP n 
1 67  ARG n 
1 68  TRP n 
1 69  ILE n 
1 70  VAL n 
1 71  PRO n 
1 72  GLY n 
1 73  GLY n 
1 74  GLY n 
1 75  MET n 
1 76  GLU n 
1 77  PRO n 
1 78  GLU n 
1 79  GLU n 
1 80  GLU n 
1 81  PRO n 
1 82  SER n 
1 83  VAL n 
1 84  ALA n 
1 85  ALA n 
1 86  VAL n 
1 87  ARG n 
1 88  GLU n 
1 89  VAL n 
1 90  CYS n 
1 91  GLU n 
1 92  GLU n 
1 93  ALA n 
1 94  GLY n 
1 95  VAL n 
1 96  LYS n 
1 97  GLY n 
1 98  THR n 
1 99  LEU n 
1 100 GLY n 
1 101 ARG n 
1 102 LEU n 
1 103 VAL n 
1 104 GLY n 
1 105 ILE n 
1 106 PHE n 
1 107 GLU n 
1 108 ASN n 
1 109 GLN n 
1 110 GLU n 
1 111 ARG n 
1 112 LYS n 
1 113 HIS n 
1 114 ARG n 
1 115 THR n 
1 116 TYR n 
1 117 VAL n 
1 118 TYR n 
1 119 VAL n 
1 120 LEU n 
1 121 ILE n 
1 122 VAL n 
1 123 THR n 
1 124 GLU n 
1 125 VAL n 
1 126 LEU n 
1 127 GLU n 
1 128 ASP n 
1 129 TRP n 
1 130 GLU n 
1 131 ASP n 
1 132 SER n 
1 133 VAL n 
1 134 ASN n 
1 135 ILE n 
1 136 GLY n 
1 137 ARG n 
1 138 LYS n 
1 139 ARG n 
1 140 GLU n 
1 141 TRP n 
1 142 PHE n 
1 143 LYS n 
1 144 ILE n 
1 145 GLU n 
1 146 ASP n 
1 147 ALA n 
1 148 ILE n 
1 149 LYS n 
1 150 VAL n 
1 151 LEU n 
1 152 GLN n 
1 153 TYR n 
1 154 HIS n 
1 155 LYS n 
1 156 PRO n 
1 157 VAL n 
1 158 GLN n 
1 159 ALA n 
1 160 SER n 
1 161 TYR n 
1 162 PHE n 
1 163 GLU n 
1 164 THR n 
1 165 LEU n 
1 166 ARG n 
1 167 GLN n 
1 168 GLY n 
1 169 TYR n 
1 170 SER n 
1 171 ALA n 
1 172 ASN n 
1 173 ASN n 
1 174 GLY n 
1 175 THR n 
1 176 PRO n 
1 177 VAL n 
1 178 VAL n 
1 179 ALA n 
1 180 THR n 
1 181 THR n 
1 182 TYR n 
1 183 SER n 
1 184 VAL n 
1 185 SER n 
1 186 ALA n 
1 187 GLN n 
1 188 SER n 
1 189 SER n 
1 190 MET n 
1 191 SER n 
1 192 GLY n 
1 193 ILE n 
1 194 ARG n 
# 
_entity_src_gen.entity_id                          1 
_entity_src_gen.pdbx_src_id                        1 
_entity_src_gen.pdbx_alt_source_flag               sample 
_entity_src_gen.pdbx_seq_type                      ? 
_entity_src_gen.pdbx_beg_seq_num                   ? 
_entity_src_gen.pdbx_end_seq_num                   ? 
_entity_src_gen.gene_src_common_name               human 
_entity_src_gen.gene_src_genus                     Homo 
_entity_src_gen.pdbx_gene_src_gene                 'NUDT3, DIPP, DIPP1' 
_entity_src_gen.gene_src_species                   ? 
_entity_src_gen.gene_src_strain                    ? 
_entity_src_gen.gene_src_tissue                    Uterus 
_entity_src_gen.gene_src_tissue_fraction           ? 
_entity_src_gen.gene_src_details                   ? 
_entity_src_gen.pdbx_gene_src_fragment             ? 
_entity_src_gen.pdbx_gene_src_scientific_name      'Homo sapiens' 
_entity_src_gen.pdbx_gene_src_ncbi_taxonomy_id     9606 
_entity_src_gen.pdbx_gene_src_variant              ? 
_entity_src_gen.pdbx_gene_src_cell_line            ? 
_entity_src_gen.pdbx_gene_src_atcc                 ? 
_entity_src_gen.pdbx_gene_src_organ                ? 
_entity_src_gen.pdbx_gene_src_organelle            ? 
_entity_src_gen.pdbx_gene_src_cell                 ? 
_entity_src_gen.pdbx_gene_src_cellular_location    ? 
_entity_src_gen.host_org_common_name               ? 
_entity_src_gen.pdbx_host_org_scientific_name      'Escherichia coli BL21(DE3)' 
_entity_src_gen.pdbx_host_org_ncbi_taxonomy_id     469008 
_entity_src_gen.host_org_genus                     Escherichia 
_entity_src_gen.pdbx_host_org_gene                 ? 
_entity_src_gen.pdbx_host_org_organ                ? 
_entity_src_gen.host_org_species                   'Escherichia coli' 
_entity_src_gen.pdbx_host_org_tissue               ? 
_entity_src_gen.pdbx_host_org_tissue_fraction      ? 
_entity_src_gen.pdbx_host_org_strain               'BL21(DE3)' 
_entity_src_gen.pdbx_host_org_variant              ? 
_entity_src_gen.pdbx_host_org_cell_line            ? 
_entity_src_gen.pdbx_host_org_atcc                 ? 
_entity_src_gen.pdbx_host_org_culture_collection   ? 
_entity_src_gen.pdbx_host_org_cell                 ? 
_entity_src_gen.pdbx_host_org_organelle            ? 
_entity_src_gen.pdbx_host_org_cellular_location    ? 
_entity_src_gen.pdbx_host_org_vector_type          Plasmid 
_entity_src_gen.pdbx_host_org_vector               ? 
_entity_src_gen.host_org_details                   ? 
_entity_src_gen.expression_system_id               ? 
_entity_src_gen.plasmid_name                       pNIC-BSA4 
_entity_src_gen.plasmid_details                    ? 
_entity_src_gen.pdbx_description                   ? 
# 
_struct_ref.id                         1 
_struct_ref.db_name                    UNP 
_struct_ref.db_code                    NUDT3_HUMAN 
_struct_ref.pdbx_db_accession          O95989 
_struct_ref.entity_id                  1 
_struct_ref.pdbx_seq_one_letter_code   
;MMKLKSNQTRTYDGDGYKKRAACLCFRSESEEEVLLVSSSRHPDRWIVPGGGMEPEEEPSVAAVREVCEEAGVKGTLGRL
VGIFENQERKHRTYVYVLIVTEVLEDWEDSVNIGRKREWFKIEDAIKVLQYHKPVQASYFETLRQGYSANNGTPVVATTY
SVSAQSSMSGIR
;
_struct_ref.pdbx_align_begin           1 
_struct_ref.pdbx_db_isoform            ? 
# 
_struct_ref_seq.align_id                      1 
_struct_ref_seq.ref_id                        1 
_struct_ref_seq.pdbx_PDB_id_code              2Q9P 
_struct_ref_seq.pdbx_strand_id                A 
_struct_ref_seq.seq_align_beg                 23 
_struct_ref_seq.pdbx_seq_align_beg_ins_code   ? 
_struct_ref_seq.seq_align_end                 194 
_struct_ref_seq.pdbx_seq_align_end_ins_code   ? 
_struct_ref_seq.pdbx_db_accession             O95989 
_struct_ref_seq.db_align_beg                  1 
_struct_ref_seq.pdbx_db_align_beg_ins_code    ? 
_struct_ref_seq.db_align_end                  172 
_struct_ref_seq.pdbx_db_align_end_ins_code    ? 
_struct_ref_seq.pdbx_auth_seq_align_beg       1 
_struct_ref_seq.pdbx_auth_seq_align_end       172 
# 
loop_
_struct_ref_seq_dif.align_id 
_struct_ref_seq_dif.pdbx_pdb_id_code 
_struct_ref_seq_dif.mon_id 
_struct_ref_seq_dif.pdbx_pdb_strand_id 
_struct_ref_seq_dif.seq_num 
_struct_ref_seq_dif.pdbx_pdb_ins_code 
_struct_ref_seq_dif.pdbx_seq_db_name 
_struct_ref_seq_dif.pdbx_seq_db_accession_code 
_struct_ref_seq_dif.db_mon_id 
_struct_ref_seq_dif.pdbx_seq_db_seq_num 
_struct_ref_seq_dif.details 
_struct_ref_seq_dif.pdbx_auth_seq_num 
_struct_ref_seq_dif.pdbx_ordinal 
1 2Q9P MET A 1  ? UNP O95989 ? ? 'expression tag' -21 1  
1 2Q9P HIS A 2  ? UNP O95989 ? ? 'expression tag' -20 2  
1 2Q9P HIS A 3  ? UNP O95989 ? ? 'expression tag' -19 3  
1 2Q9P HIS A 4  ? UNP O95989 ? ? 'expression tag' -18 4  
1 2Q9P HIS A 5  ? UNP O95989 ? ? 'expression tag' -17 5  
1 2Q9P HIS A 6  ? UNP O95989 ? ? 'expression tag' -16 6  
1 2Q9P HIS A 7  ? UNP O95989 ? ? 'expression tag' -15 7  
1 2Q9P SER A 8  ? UNP O95989 ? ? 'expression tag' -14 8  
1 2Q9P SER A 9  ? UNP O95989 ? ? 'expression tag' -13 9  
1 2Q9P GLY A 10 ? UNP O95989 ? ? 'expression tag' -12 10 
1 2Q9P VAL A 11 ? UNP O95989 ? ? 'expression tag' -11 11 
1 2Q9P ASP A 12 ? UNP O95989 ? ? 'expression tag' -10 12 
1 2Q9P LEU A 13 ? UNP O95989 ? ? 'expression tag' -9  13 
1 2Q9P GLY A 14 ? UNP O95989 ? ? 'expression tag' -8  14 
1 2Q9P THR A 15 ? UNP O95989 ? ? 'expression tag' -7  15 
1 2Q9P GLU A 16 ? UNP O95989 ? ? 'expression tag' -6  16 
1 2Q9P ASN A 17 ? UNP O95989 ? ? 'expression tag' -5  17 
1 2Q9P LEU A 18 ? UNP O95989 ? ? 'expression tag' -4  18 
1 2Q9P TYR A 19 ? UNP O95989 ? ? 'expression tag' -3  19 
1 2Q9P PHE A 20 ? UNP O95989 ? ? 'expression tag' -2  20 
1 2Q9P GLN A 21 ? UNP O95989 ? ? 'expression tag' -1  21 
1 2Q9P SER A 22 ? UNP O95989 ? ? 'expression tag' 0   22 
# 
loop_
_chem_comp.id 
_chem_comp.type 
_chem_comp.mon_nstd_flag 
_chem_comp.name 
_chem_comp.pdbx_synonyms 
_chem_comp.formula 
_chem_comp.formula_weight 
ALA 'L-peptide linking' y ALANINE                     ?                                                                      
'C3 H7 N O2'     89.093  
ARG 'L-peptide linking' y ARGININE                    ?                                                                      
'C6 H15 N4 O2 1' 175.209 
ASN 'L-peptide linking' y ASPARAGINE                  ?                                                                      
'C4 H8 N2 O3'    132.118 
ASP 'L-peptide linking' y 'ASPARTIC ACID'             ?                                                                      
'C4 H7 N O4'     133.103 
CL  non-polymer         . 'CHLORIDE ION'              ?                                                                      
'Cl -1'          35.453  
CYS 'L-peptide linking' y CYSTEINE                    ?                                                                      
'C3 H7 N O2 S'   121.158 
F   non-polymer         . 'FLUORIDE ION'              ?                                                                      
'F -1'           18.998  
GLN 'L-peptide linking' y GLUTAMINE                   ?                                                                      
'C5 H10 N2 O3'   146.144 
GLU 'L-peptide linking' y 'GLUTAMIC ACID'             ?                                                                      
'C5 H9 N O4'     147.129 
GLY 'peptide linking'   y GLYCINE                     ?                                                                      
'C2 H5 N O2'     75.067  
HIS 'L-peptide linking' y HISTIDINE                   ?                                                                      
'C6 H10 N3 O2 1' 156.162 
HOH non-polymer         . WATER                       ?                                                                      
'H2 O'           18.015  
IHP non-polymer         . 'INOSITOL HEXAKISPHOSPHATE' 'MYO-INOSITOL HEXAKISPHOSPHATE; INOSITOL 1,2,3,4,5,6-HEXAKISPHOSPHATE' 
'C6 H18 O24 P6'  660.035 
ILE 'L-peptide linking' y ISOLEUCINE                  ?                                                                      
'C6 H13 N O2'    131.173 
LEU 'L-peptide linking' y LEUCINE                     ?                                                                      
'C6 H13 N O2'    131.173 
LYS 'L-peptide linking' y LYSINE                      ?                                                                      
'C6 H15 N2 O2 1' 147.195 
MET 'L-peptide linking' y METHIONINE                  ?                                                                      
'C5 H11 N O2 S'  149.211 
MG  non-polymer         . 'MAGNESIUM ION'             ?                                                                      
'Mg 2'           24.305  
PHE 'L-peptide linking' y PHENYLALANINE               ?                                                                      
'C9 H11 N O2'    165.189 
PRO 'L-peptide linking' y PROLINE                     ?                                                                      
'C5 H9 N O2'     115.130 
SER 'L-peptide linking' y SERINE                      ?                                                                      
'C3 H7 N O3'     105.093 
THR 'L-peptide linking' y THREONINE                   ?                                                                      
'C4 H9 N O3'     119.119 
TRP 'L-peptide linking' y TRYPTOPHAN                  ?                                                                      
'C11 H12 N2 O2'  204.225 
TYR 'L-peptide linking' y TYROSINE                    ?                                                                      
'C9 H11 N O3'    181.189 
VAL 'L-peptide linking' y VALINE                      ?                                                                      
'C5 H11 N O2'    117.146 
# 
_exptl.crystals_number   1 
_exptl.entry_id          2Q9P 
_exptl.method            'X-RAY DIFFRACTION' 
# 
_exptl_crystal.id                    1 
_exptl_crystal.density_Matthews      1.90 
_exptl_crystal.density_meas          ? 
_exptl_crystal.density_percent_sol   35.40 
_exptl_crystal.description           ? 
_exptl_crystal.F_000                 ? 
_exptl_crystal.preparation           ? 
# 
_exptl_crystal_grow.crystal_id      1 
_exptl_crystal_grow.method          'VAPOR DIFFUSION, SITTING DROP' 
_exptl_crystal_grow.pH              4.5 
_exptl_crystal_grow.temp            277 
_exptl_crystal_grow.temp_details    ? 
_exptl_crystal_grow.pdbx_details    
'30% PEG 8000, 200 mM LiCl, 5 mM MgCl2, 20 mM NaF, 5 mM IP6, pH 4.5, VAPOR DIFFUSION, SITTING DROP, temperature 277K' 
_exptl_crystal_grow.pdbx_pH_range   . 
# 
_diffrn.id                     1 
_diffrn.ambient_temp           100 
_diffrn.ambient_temp_details   ? 
_diffrn.crystal_id             1 
# 
_diffrn_detector.diffrn_id              1 
_diffrn_detector.detector               CCD 
_diffrn_detector.type                   'Bruker Platinum 135' 
_diffrn_detector.pdbx_collection_date   2007-05-19 
_diffrn_detector.details                'Helios multilayer mirrors' 
# 
_diffrn_radiation.diffrn_id                        1 
_diffrn_radiation.wavelength_id                    1 
_diffrn_radiation.pdbx_diffrn_protocol             'SINGLE WAVELENGTH' 
_diffrn_radiation.monochromator                    'Helios multilayer' 
_diffrn_radiation.pdbx_monochromatic_or_laue_m_l   M 
_diffrn_radiation.pdbx_scattering_type             x-ray 
# 
_diffrn_radiation_wavelength.id           1 
_diffrn_radiation_wavelength.wavelength   1.5418 
_diffrn_radiation_wavelength.wt           1.0 
# 
_diffrn_source.diffrn_id                   1 
_diffrn_source.source                      'ROTATING ANODE' 
_diffrn_source.type                        'BRUKER AXS MICROSTAR' 
_diffrn_source.pdbx_wavelength             1.5418 
_diffrn_source.pdbx_wavelength_list        ? 
_diffrn_source.pdbx_synchrotron_site       ? 
_diffrn_source.pdbx_synchrotron_beamline   ? 
# 
_reflns.entry_id                     2Q9P 
_reflns.observed_criterion_sigma_F   0 
_reflns.observed_criterion_sigma_I   -3 
_reflns.d_resolution_high            1.65 
_reflns.d_resolution_low             50.000 
_reflns.number_all                   20890 
_reflns.number_obs                   20848 
_reflns.percent_possible_obs         99.8 
_reflns.pdbx_Rmerge_I_obs            ? 
_reflns.pdbx_Rsym_value              0.054 
_reflns.pdbx_netI_over_sigmaI        11.7 
_reflns.B_iso_Wilson_estimate        ? 
_reflns.pdbx_redundancy              2.1 
_reflns.R_free_details               ? 
_reflns.limit_h_max                  ? 
_reflns.limit_h_min                  ? 
_reflns.limit_k_max                  ? 
_reflns.limit_k_min                  ? 
_reflns.limit_l_max                  ? 
_reflns.limit_l_min                  ? 
_reflns.observed_criterion_F_max     ? 
_reflns.observed_criterion_F_min     ? 
_reflns.pdbx_chi_squared             ? 
_reflns.pdbx_scaling_rejects         ? 
_reflns.pdbx_diffrn_id               1 
_reflns.pdbx_ordinal                 1 
# 
_reflns_shell.d_res_high             1.65 
_reflns_shell.d_res_low              1.75 
_reflns_shell.percent_possible_obs   ? 
_reflns_shell.percent_possible_all   99.3 
_reflns_shell.Rmerge_I_obs           ? 
_reflns_shell.meanI_over_sigI_obs    2.1 
_reflns_shell.pdbx_Rsym_value        0.461 
_reflns_shell.pdbx_redundancy        ? 
_reflns_shell.number_unique_all      ? 
_reflns_shell.number_measured_all    ? 
_reflns_shell.number_measured_obs    ? 
_reflns_shell.number_unique_obs      ? 
_reflns_shell.pdbx_chi_squared       ? 
_reflns_shell.pdbx_diffrn_id         ? 
_reflns_shell.pdbx_ordinal           1 
# 
_refine.entry_id                                 2Q9P 
_refine.ls_d_res_high                            1.650 
_refine.ls_d_res_low                             32.210 
_refine.pdbx_ls_sigma_F                          ? 
_refine.ls_percent_reflns_obs                    99.700 
_refine.ls_number_reflns_obs                     20813 
_refine.pdbx_ls_cross_valid_method               THROUGHOUT 
_refine.pdbx_R_Free_selection_details            RANDOM 
_refine.details                                  
;Structure was determined starting from rigid body refinement of the PDB entry 2FVV with Refmac 5 program. HYDROGENS HAVE BEEN ADDED IN THE RIDING POSITIONS.
;
_refine.ls_R_factor_obs                          0.194 
_refine.ls_R_factor_R_work                       0.192 
_refine.ls_R_factor_R_free                       0.230 
_refine.ls_percent_reflns_R_free                 5.100 
_refine.ls_number_reflns_R_free                  1067 
_refine.B_iso_mean                               15.789 
_refine.aniso_B[1][1]                            0.020 
_refine.aniso_B[2][2]                            -0.020 
_refine.aniso_B[3][3]                            0.000 
_refine.aniso_B[1][2]                            0.000 
_refine.aniso_B[1][3]                            0.000 
_refine.aniso_B[2][3]                            0.000 
_refine.correlation_coeff_Fo_to_Fc               0.953 
_refine.correlation_coeff_Fo_to_Fc_free          0.944 
_refine.pdbx_overall_ESU_R                       0.099 
_refine.pdbx_overall_ESU_R_Free                  0.101 
_refine.overall_SU_ML                            0.077 
_refine.overall_SU_B                             2.277 
_refine.solvent_model_details                    MASK 
_refine.pdbx_solvent_vdw_probe_radii             1.200 
_refine.pdbx_solvent_ion_probe_radii             0.800 
_refine.pdbx_solvent_shrinkage_radii             0.800 
_refine.pdbx_stereochemistry_target_values       'MAXIMUM LIKELIHOOD' 
_refine.pdbx_ls_sigma_I                          ? 
_refine.ls_number_reflns_all                     20848 
_refine.ls_R_factor_all                          0.194 
_refine.ls_redundancy_reflns_obs                 ? 
_refine.pdbx_data_cutoff_high_absF               ? 
_refine.pdbx_data_cutoff_low_absF                ? 
_refine.ls_number_parameters                     ? 
_refine.ls_number_restraints                     ? 
_refine.ls_R_factor_R_free_error                 ? 
_refine.ls_R_factor_R_free_error_details         ? 
_refine.pdbx_method_to_determine_struct          'FOURIER SYNTHESIS' 
_refine.pdbx_starting_model                      'PDB entry 2FVV' 
_refine.pdbx_stereochem_target_val_spec_case     ? 
_refine.solvent_model_param_bsol                 ? 
_refine.solvent_model_param_ksol                 ? 
_refine.occupancy_max                            ? 
_refine.occupancy_min                            ? 
_refine.pdbx_isotropic_thermal_model             ? 
_refine.B_iso_min                                ? 
_refine.B_iso_max                                ? 
_refine.overall_SU_R_Cruickshank_DPI             ? 
_refine.overall_SU_R_free                        ? 
_refine.pdbx_data_cutoff_high_rms_absF           ? 
_refine.ls_wR_factor_R_free                      ? 
_refine.ls_wR_factor_R_work                      ? 
_refine.overall_FOM_free_R_set                   ? 
_refine.overall_FOM_work_R_set                   ? 
_refine.pdbx_refine_id                           'X-RAY DIFFRACTION' 
_refine.pdbx_diffrn_id                           1 
_refine.pdbx_TLS_residual_ADP_flag               ? 
_refine.pdbx_overall_phase_error                 ? 
_refine.pdbx_overall_SU_R_free_Cruickshank_DPI   ? 
_refine.pdbx_overall_SU_R_Blow_DPI               ? 
_refine.pdbx_overall_SU_R_free_Blow_DPI          ? 
# 
_refine_hist.pdbx_refine_id                   'X-RAY DIFFRACTION' 
_refine_hist.cycle_id                         LAST 
_refine_hist.pdbx_number_atoms_protein        1110 
_refine_hist.pdbx_number_atoms_nucleic_acid   0 
_refine_hist.pdbx_number_atoms_ligand         87 
_refine_hist.number_atoms_solvent             146 
_refine_hist.number_atoms_total               1343 
_refine_hist.d_res_high                       1.650 
_refine_hist.d_res_low                        32.210 
# 
loop_
_refine_ls_restr.type 
_refine_ls_restr.number 
_refine_ls_restr.dev_ideal 
_refine_ls_restr.dev_ideal_target 
_refine_ls_restr.weight 
_refine_ls_restr.pdbx_refine_id 
_refine_ls_restr.pdbx_restraint_function 
r_bond_refined_d         1210 0.020  0.021  ? 'X-RAY DIFFRACTION' ? 
r_bond_other_d           819  0.002  0.020  ? 'X-RAY DIFFRACTION' ? 
r_angle_refined_deg      1661 1.846  1.909  ? 'X-RAY DIFFRACTION' ? 
r_angle_other_deg        1960 1.001  2.990  ? 'X-RAY DIFFRACTION' ? 
r_dihedral_angle_1_deg   139  6.861  5.000  ? 'X-RAY DIFFRACTION' ? 
r_dihedral_angle_2_deg   61   32.112 23.443 ? 'X-RAY DIFFRACTION' ? 
r_dihedral_angle_3_deg   204  13.810 15.000 ? 'X-RAY DIFFRACTION' ? 
r_dihedral_angle_4_deg   12   20.631 15.000 ? 'X-RAY DIFFRACTION' ? 
r_chiral_restr           183  0.122  0.200  ? 'X-RAY DIFFRACTION' ? 
r_gen_planes_refined     1294 0.008  0.020  ? 'X-RAY DIFFRACTION' ? 
r_gen_planes_other       247  0.003  0.020  ? 'X-RAY DIFFRACTION' ? 
r_nbd_refined            270  0.212  0.200  ? 'X-RAY DIFFRACTION' ? 
r_nbd_other              891  0.215  0.200  ? 'X-RAY DIFFRACTION' ? 
r_nbtor_refined          567  0.173  0.200  ? 'X-RAY DIFFRACTION' ? 
r_nbtor_other            649  0.094  0.200  ? 'X-RAY DIFFRACTION' ? 
r_xyhbond_nbd_refined    127  0.183  0.200  ? 'X-RAY DIFFRACTION' ? 
r_xyhbond_nbd_other      2    0.027  0.200  ? 'X-RAY DIFFRACTION' ? 
r_metal_ion_refined      4    0.188  0.200  ? 'X-RAY DIFFRACTION' ? 
r_symmetry_vdw_refined   6    0.084  0.200  ? 'X-RAY DIFFRACTION' ? 
r_symmetry_vdw_other     17   0.180  0.200  ? 'X-RAY DIFFRACTION' ? 
r_symmetry_hbond_refined 13   0.157  0.200  ? 'X-RAY DIFFRACTION' ? 
r_mcbond_it              873  1.591  1.500  ? 'X-RAY DIFFRACTION' ? 
r_mcbond_other           276  0.357  1.500  ? 'X-RAY DIFFRACTION' ? 
r_mcangle_it             1100 1.761  2.000  ? 'X-RAY DIFFRACTION' ? 
r_scbond_it              615  3.211  3.000  ? 'X-RAY DIFFRACTION' ? 
r_scangle_it             561  4.469  4.500  ? 'X-RAY DIFFRACTION' ? 
# 
_refine_ls_shell.d_res_high                       1.650 
_refine_ls_shell.d_res_low                        1.693 
_refine_ls_shell.pdbx_total_number_of_bins_used   20 
_refine_ls_shell.percent_reflns_obs               98.220 
_refine_ls_shell.number_reflns_R_work             1404 
_refine_ls_shell.R_factor_all                     ? 
_refine_ls_shell.R_factor_R_work                  0.320 
_refine_ls_shell.R_factor_R_free                  0.387 
_refine_ls_shell.percent_reflns_R_free            ? 
_refine_ls_shell.number_reflns_R_free             84 
_refine_ls_shell.R_factor_R_free_error            ? 
_refine_ls_shell.number_reflns_all                ? 
_refine_ls_shell.number_reflns_obs                1488 
_refine_ls_shell.redundancy_reflns_obs            ? 
_refine_ls_shell.pdbx_refine_id                   'X-RAY DIFFRACTION' 
# 
_struct.entry_id                  2Q9P 
_struct.title                     'Human diphosphoinositol polyphosphate phosphohydrolase 1, Mg-F complex' 
_struct.pdbx_model_details        ? 
_struct.pdbx_CASP_flag            ? 
_struct.pdbx_model_type_details   ? 
# 
_struct_keywords.entry_id        2Q9P 
_struct_keywords.pdbx_keywords   HYDROLASE 
_struct_keywords.text            
;DIPHOSPHOINOSITOL POLYPHOSPHATE PHOSPHOHYDROLASE, NUDIX, INOSITOL PYROPHOSPHATE METABOLISM, STRUCTURAL GENOMICS CONSORTIUM, SGC, HYDROLASE
;
# 
loop_
_struct_asym.id 
_struct_asym.pdbx_blank_PDB_chainid_flag 
_struct_asym.pdbx_modified 
_struct_asym.entity_id 
_struct_asym.details 
A N N 1 ? 
B N N 2 ? 
C N N 2 ? 
D N N 2 ? 
E N N 2 ? 
F N N 3 ? 
G N N 4 ? 
H N N 4 ? 
I N N 4 ? 
J N N 4 ? 
K N N 4 ? 
L N N 4 ? 
M N N 4 ? 
N N N 4 ? 
O N N 4 ? 
P N N 4 ? 
Q N N 5 ? 
R N N 6 ? 
# 
_struct_biol.id   1 
# 
loop_
_struct_conf.conf_type_id 
_struct_conf.id 
_struct_conf.pdbx_PDB_helix_id 
_struct_conf.beg_label_comp_id 
_struct_conf.beg_label_asym_id 
_struct_conf.beg_label_seq_id 
_struct_conf.pdbx_beg_PDB_ins_code 
_struct_conf.end_label_comp_id 
_struct_conf.end_label_asym_id 
_struct_conf.end_label_seq_id 
_struct_conf.pdbx_end_PDB_ins_code 
_struct_conf.beg_auth_comp_id 
_struct_conf.beg_auth_asym_id 
_struct_conf.beg_auth_seq_id 
_struct_conf.end_auth_comp_id 
_struct_conf.end_auth_asym_id 
_struct_conf.end_auth_seq_id 
_struct_conf.pdbx_PDB_helix_class 
_struct_conf.details 
_struct_conf.pdbx_PDB_helix_length 
HELX_P HELX_P1 1 GLU A 80  ? GLY A 94  ? GLU A 58  GLY A 72  1 ? 15 
HELX_P HELX_P2 2 TRP A 129 ? GLY A 136 ? TRP A 107 GLY A 114 1 ? 8  
HELX_P HELX_P3 3 ILE A 144 ? GLN A 152 ? ILE A 122 GLN A 130 1 ? 9  
HELX_P HELX_P4 4 LYS A 155 ? TYR A 161 ? LYS A 133 TYR A 139 1 ? 7  
# 
_struct_conf_type.id          HELX_P 
_struct_conf_type.criteria    ? 
_struct_conf_type.reference   ? 
# 
loop_
_struct_conn.id 
_struct_conn.conn_type_id 
_struct_conn.pdbx_leaving_atom_flag 
_struct_conn.pdbx_PDB_id 
_struct_conn.ptnr1_label_asym_id 
_struct_conn.ptnr1_label_comp_id 
_struct_conn.ptnr1_label_seq_id 
_struct_conn.ptnr1_label_atom_id 
_struct_conn.pdbx_ptnr1_label_alt_id 
_struct_conn.pdbx_ptnr1_PDB_ins_code 
_struct_conn.pdbx_ptnr1_standard_comp_id 
_struct_conn.ptnr1_symmetry 
_struct_conn.ptnr2_label_asym_id 
_struct_conn.ptnr2_label_comp_id 
_struct_conn.ptnr2_label_seq_id 
_struct_conn.ptnr2_label_atom_id 
_struct_conn.pdbx_ptnr2_label_alt_id 
_struct_conn.pdbx_ptnr2_PDB_ins_code 
_struct_conn.ptnr1_auth_asym_id 
_struct_conn.ptnr1_auth_comp_id 
_struct_conn.ptnr1_auth_seq_id 
_struct_conn.ptnr2_auth_asym_id 
_struct_conn.ptnr2_auth_comp_id 
_struct_conn.ptnr2_auth_seq_id 
_struct_conn.ptnr2_symmetry 
_struct_conn.pdbx_ptnr3_label_atom_id 
_struct_conn.pdbx_ptnr3_label_seq_id 
_struct_conn.pdbx_ptnr3_label_comp_id 
_struct_conn.pdbx_ptnr3_label_asym_id 
_struct_conn.pdbx_ptnr3_label_alt_id 
_struct_conn.pdbx_ptnr3_PDB_ins_code 
_struct_conn.details 
_struct_conn.pdbx_dist_value 
_struct_conn.pdbx_value_order 
_struct_conn.pdbx_role 
metalc1  metalc ? ? A GLY 72 O   ? ? ? 1_555 C MG  . MG ? ? A GLY 50  A MG  302 1_555 ? ? ? ? ? ? ? 2.101 ? ? 
metalc2  metalc ? ? A GLU 88 OE1 ? ? ? 1_555 B MG  . MG ? ? A GLU 66  A MG  301 1_555 ? ? ? ? ? ? ? 2.059 ? ? 
metalc3  metalc ? ? A GLU 88 OE2 ? ? ? 1_555 E MG  . MG ? ? A GLU 66  A MG  304 1_555 ? ? ? ? ? ? ? 1.991 ? ? 
metalc4  metalc ? ? A GLU 92 OE2 ? ? ? 1_555 B MG  . MG ? ? A GLU 70  A MG  301 1_555 ? ? ? ? ? ? ? 2.155 ? ? 
metalc5  metalc ? ? A GLU 92 OE2 ? ? ? 1_555 C MG  . MG ? ? A GLU 70  A MG  302 1_555 ? ? ? ? ? ? ? 2.180 ? ? 
metalc6  metalc ? ? Q IHP .  O24 A ? ? 1_555 C MG  . MG ? ? A IHP 201 A MG  302 1_555 ? ? ? ? ? ? ? 1.968 ? ? 
metalc7  metalc ? ? Q IHP .  O35 B ? ? 1_555 C MG  . MG ? ? A IHP 201 A MG  302 1_555 ? ? ? ? ? ? ? 2.169 ? ? 
metalc8  metalc ? ? Q IHP .  O24 B ? ? 1_555 C MG  . MG ? ? A IHP 201 A MG  302 1_555 ? ? ? ? ? ? ? 2.327 ? ? 
metalc9  metalc ? ? Q IHP .  O35 A ? ? 1_555 C MG  . MG ? ? A IHP 201 A MG  302 1_555 ? ? ? ? ? ? ? 1.995 ? ? 
metalc10 metalc ? ? D MG  .  MG  ? ? ? 1_555 R HOH . O  ? ? A MG  303 A HOH 836 1_555 ? ? ? ? ? ? ? 2.044 ? ? 
# 
_struct_conn_type.id          metalc 
_struct_conn_type.criteria    ? 
_struct_conn_type.reference   ? 
# 
loop_
_struct_sheet.id 
_struct_sheet.type 
_struct_sheet.number_strands 
_struct_sheet.details 
A ? 4 ? 
B ? 3 ? 
# 
loop_
_struct_sheet_order.sheet_id 
_struct_sheet_order.range_id_1 
_struct_sheet_order.range_id_2 
_struct_sheet_order.offset 
_struct_sheet_order.sense 
A 1 2 ? anti-parallel 
A 2 3 ? parallel      
A 3 4 ? anti-parallel 
B 1 2 ? anti-parallel 
B 2 3 ? anti-parallel 
# 
loop_
_struct_sheet_range.sheet_id 
_struct_sheet_range.id 
_struct_sheet_range.beg_label_comp_id 
_struct_sheet_range.beg_label_asym_id 
_struct_sheet_range.beg_label_seq_id 
_struct_sheet_range.pdbx_beg_PDB_ins_code 
_struct_sheet_range.end_label_comp_id 
_struct_sheet_range.end_label_asym_id 
_struct_sheet_range.end_label_seq_id 
_struct_sheet_range.pdbx_end_PDB_ins_code 
_struct_sheet_range.beg_auth_comp_id 
_struct_sheet_range.beg_auth_asym_id 
_struct_sheet_range.beg_auth_seq_id 
_struct_sheet_range.end_auth_comp_id 
_struct_sheet_range.end_auth_asym_id 
_struct_sheet_range.end_auth_seq_id 
A 1 GLY A 72  ? GLY A 74  ? GLY A 50  GLY A 52  
A 2 LYS A 40  ? PHE A 48  ? LYS A 18  PHE A 26  
A 3 HIS A 113 ? VAL A 125 ? HIS A 91  VAL A 103 
A 4 VAL A 95  ? ASN A 108 ? VAL A 73  ASN A 86  
B 1 TRP A 68  ? ILE A 69  ? TRP A 46  ILE A 47  
B 2 GLU A 55  ? SER A 60  ? GLU A 33  SER A 38  
B 3 ARG A 139 ? LYS A 143 ? ARG A 117 LYS A 121 
# 
loop_
_pdbx_struct_sheet_hbond.sheet_id 
_pdbx_struct_sheet_hbond.range_id_1 
_pdbx_struct_sheet_hbond.range_id_2 
_pdbx_struct_sheet_hbond.range_1_label_atom_id 
_pdbx_struct_sheet_hbond.range_1_label_comp_id 
_pdbx_struct_sheet_hbond.range_1_label_asym_id 
_pdbx_struct_sheet_hbond.range_1_label_seq_id 
_pdbx_struct_sheet_hbond.range_1_PDB_ins_code 
_pdbx_struct_sheet_hbond.range_1_auth_atom_id 
_pdbx_struct_sheet_hbond.range_1_auth_comp_id 
_pdbx_struct_sheet_hbond.range_1_auth_asym_id 
_pdbx_struct_sheet_hbond.range_1_auth_seq_id 
_pdbx_struct_sheet_hbond.range_2_label_atom_id 
_pdbx_struct_sheet_hbond.range_2_label_comp_id 
_pdbx_struct_sheet_hbond.range_2_label_asym_id 
_pdbx_struct_sheet_hbond.range_2_label_seq_id 
_pdbx_struct_sheet_hbond.range_2_PDB_ins_code 
_pdbx_struct_sheet_hbond.range_2_auth_atom_id 
_pdbx_struct_sheet_hbond.range_2_auth_comp_id 
_pdbx_struct_sheet_hbond.range_2_auth_asym_id 
_pdbx_struct_sheet_hbond.range_2_auth_seq_id 
A 1 2 O GLY A 73  ? O GLY A 51 N ALA A 43  ? N ALA A 21  
A 2 3 N LYS A 40  ? N LYS A 18 O ARG A 114 ? O ARG A 92  
A 3 4 O VAL A 119 ? O VAL A 97 N GLY A 100 ? N GLY A 78  
B 1 2 O ILE A 69  ? O ILE A 47 N VAL A 59  ? N VAL A 37  
B 2 3 N VAL A 56  ? N VAL A 34 O PHE A 142 ? O PHE A 120 
# 
loop_
_struct_site.id 
_struct_site.pdbx_evidence_code 
_struct_site.pdbx_auth_asym_id 
_struct_site.pdbx_auth_comp_id 
_struct_site.pdbx_auth_seq_id 
_struct_site.pdbx_auth_ins_code 
_struct_site.pdbx_num_residues 
_struct_site.details 
AC1 Software A MG  301 ? 10 'BINDING SITE FOR RESIDUE MG A 301'  
AC2 Software A MG  302 ? 9  'BINDING SITE FOR RESIDUE MG A 302'  
AC3 Software A MG  303 ? 11 'BINDING SITE FOR RESIDUE MG A 303'  
AC4 Software A MG  304 ? 8  'BINDING SITE FOR RESIDUE MG A 304'  
AC5 Software A CL  401 ? 6  'BINDING SITE FOR RESIDUE CL A 401'  
AC6 Software A F   402 ? 6  'BINDING SITE FOR RESIDUE F A 402'   
AC7 Software A F   403 ? 12 'BINDING SITE FOR RESIDUE F A 403'   
AC8 Software A F   404 ? 12 'BINDING SITE FOR RESIDUE F A 404'   
AC9 Software A F   405 ? 7  'BINDING SITE FOR RESIDUE F A 405'   
BC1 Software A F   406 ? 7  'BINDING SITE FOR RESIDUE F A 406'   
BC2 Software A F   407 ? 8  'BINDING SITE FOR RESIDUE F A 407'   
BC3 Software A F   408 ? 8  'BINDING SITE FOR RESIDUE F A 408'   
BC4 Software A F   409 ? 11 'BINDING SITE FOR RESIDUE F A 409'   
BC5 Software A F   410 ? 11 'BINDING SITE FOR RESIDUE F A 410'   
BC6 Software A F   411 ? 2  'BINDING SITE FOR RESIDUE F A 411'   
BC7 Software A IHP 201 ? 29 'BINDING SITE FOR RESIDUE IHP A 201' 
# 
loop_
_struct_site_gen.id 
_struct_site_gen.site_id 
_struct_site_gen.pdbx_num_res 
_struct_site_gen.label_comp_id 
_struct_site_gen.label_asym_id 
_struct_site_gen.label_seq_id 
_struct_site_gen.pdbx_auth_ins_code 
_struct_site_gen.auth_comp_id 
_struct_site_gen.auth_asym_id 
_struct_site_gen.auth_seq_id 
_struct_site_gen.label_atom_id 
_struct_site_gen.label_alt_id 
_struct_site_gen.symmetry 
_struct_site_gen.details 
1   AC1 10 GLU A 88  ? GLU A 66  . ? 1_555 ? 
2   AC1 10 GLU A 92  ? GLU A 70  . ? 1_555 ? 
3   AC1 10 IHP Q .   ? IHP A 201 . ? 1_555 ? 
4   AC1 10 MG  C .   ? MG  A 302 . ? 1_555 ? 
5   AC1 10 MG  D .   ? MG  A 303 . ? 1_555 ? 
6   AC1 10 MG  E .   ? MG  A 304 . ? 1_555 ? 
7   AC1 10 F   H .   ? F   A 403 . ? 1_555 ? 
8   AC1 10 F   J .   ? F   A 405 . ? 1_555 ? 
9   AC1 10 F   N .   ? F   A 409 . ? 1_555 ? 
10  AC1 10 F   O .   ? F   A 410 . ? 1_555 ? 
11  AC2 9  GLY A 72  ? GLY A 50  . ? 1_555 ? 
12  AC2 9  GLY A 73  ? GLY A 51  . ? 1_555 ? 
13  AC2 9  GLU A 92  ? GLU A 70  . ? 1_555 ? 
14  AC2 9  IHP Q .   ? IHP A 201 . ? 1_555 ? 
15  AC2 9  MG  B .   ? MG  A 301 . ? 1_555 ? 
16  AC2 9  MG  D .   ? MG  A 303 . ? 1_555 ? 
17  AC2 9  F   G .   ? F   A 402 . ? 1_555 ? 
18  AC2 9  F   H .   ? F   A 403 . ? 1_555 ? 
19  AC2 9  F   O .   ? F   A 410 . ? 1_555 ? 
20  AC3 11 IHP Q .   ? IHP A 201 . ? 1_555 ? 
21  AC3 11 MG  B .   ? MG  A 301 . ? 1_555 ? 
22  AC3 11 MG  C .   ? MG  A 302 . ? 1_555 ? 
23  AC3 11 MG  E .   ? MG  A 304 . ? 1_555 ? 
24  AC3 11 F   H .   ? F   A 403 . ? 1_555 ? 
25  AC3 11 F   I .   ? F   A 404 . ? 1_555 ? 
26  AC3 11 F   K .   ? F   A 406 . ? 1_555 ? 
27  AC3 11 F   N .   ? F   A 409 . ? 1_555 ? 
28  AC3 11 F   O .   ? F   A 410 . ? 1_555 ? 
29  AC3 11 HOH R .   ? HOH A 836 . ? 1_555 ? 
30  AC3 11 HOH R .   ? HOH A 837 . ? 1_555 ? 
31  AC4 8  GLU A 88  ? GLU A 66  . ? 1_555 ? 
32  AC4 8  MG  B .   ? MG  A 301 . ? 1_555 ? 
33  AC4 8  MG  D .   ? MG  A 303 . ? 1_555 ? 
34  AC4 8  F   I .   ? F   A 404 . ? 1_555 ? 
35  AC4 8  F   K .   ? F   A 406 . ? 1_555 ? 
36  AC4 8  F   L .   ? F   A 407 . ? 1_555 ? 
37  AC4 8  F   M .   ? F   A 408 . ? 1_555 ? 
38  AC4 8  F   N .   ? F   A 409 . ? 1_555 ? 
39  AC5 6  SER A 50  ? SER A 28  . ? 1_555 ? 
40  AC5 6  SER A 52  ? SER A 30  . ? 1_555 ? 
41  AC5 6  GLU A 53  ? GLU A 31  . ? 1_555 ? 
42  AC5 6  GLU A 54  ? GLU A 32  . ? 1_555 ? 
43  AC5 6  GLU A 55  ? GLU A 33  . ? 1_555 ? 
44  AC5 6  HOH R .   ? HOH A 846 . ? 1_555 ? 
45  AC6 6  ILE A 69  ? ILE A 47  . ? 1_555 ? 
46  AC6 6  GLY A 72  ? GLY A 50  . ? 1_555 ? 
47  AC6 6  GLU A 92  ? GLU A 70  . ? 1_555 ? 
48  AC6 6  IHP Q .   ? IHP A 201 . ? 1_555 ? 
49  AC6 6  MG  C .   ? MG  A 302 . ? 1_555 ? 
50  AC6 6  HOH R .   ? HOH A 566 . ? 1_555 ? 
51  AC7 12 GLY A 72  ? GLY A 50  . ? 1_555 ? 
52  AC7 12 GLY A 73  ? GLY A 51  . ? 1_555 ? 
53  AC7 12 GLU A 88  ? GLU A 66  . ? 1_555 ? 
54  AC7 12 GLU A 92  ? GLU A 70  . ? 1_555 ? 
55  AC7 12 IHP Q .   ? IHP A 201 . ? 1_555 ? 
56  AC7 12 MG  B .   ? MG  A 301 . ? 1_555 ? 
57  AC7 12 MG  C .   ? MG  A 302 . ? 1_555 ? 
58  AC7 12 MG  D .   ? MG  A 303 . ? 1_555 ? 
59  AC7 12 F   I .   ? F   A 404 . ? 1_555 ? 
60  AC7 12 F   N .   ? F   A 409 . ? 1_555 ? 
61  AC7 12 F   O .   ? F   A 410 . ? 1_555 ? 
62  AC7 12 HOH R .   ? HOH A 837 . ? 1_555 ? 
63  AC8 12 GLY A 73  ? GLY A 51  . ? 1_555 ? 
64  AC8 12 GLY A 74  ? GLY A 52  . ? 1_555 ? 
65  AC8 12 GLU A 88  ? GLU A 66  . ? 1_555 ? 
66  AC8 12 IHP Q .   ? IHP A 201 . ? 1_555 ? 
67  AC8 12 MG  D .   ? MG  A 303 . ? 1_555 ? 
68  AC8 12 MG  E .   ? MG  A 304 . ? 1_555 ? 
69  AC8 12 F   H .   ? F   A 403 . ? 1_555 ? 
70  AC8 12 F   K .   ? F   A 406 . ? 1_555 ? 
71  AC8 12 F   L .   ? F   A 407 . ? 1_555 ? 
72  AC8 12 F   N .   ? F   A 409 . ? 1_555 ? 
73  AC8 12 HOH R .   ? HOH A 821 . ? 1_555 ? 
74  AC8 12 HOH R .   ? HOH A 836 . ? 1_555 ? 
75  AC9 7  GLU A 88  ? GLU A 66  . ? 1_555 ? 
76  AC9 7  GLU A 91  ? GLU A 69  . ? 1_555 ? 
77  AC9 7  GLU A 92  ? GLU A 70  . ? 1_555 ? 
78  AC9 7  MG  B .   ? MG  A 301 . ? 1_555 ? 
79  AC9 7  F   N .   ? F   A 409 . ? 1_555 ? 
80  AC9 7  F   O .   ? F   A 410 . ? 1_555 ? 
81  AC9 7  HOH R .   ? HOH A 725 . ? 1_555 ? 
82  BC1 7  MG  D .   ? MG  A 303 . ? 1_555 ? 
83  BC1 7  MG  E .   ? MG  A 304 . ? 1_555 ? 
84  BC1 7  F   I .   ? F   A 404 . ? 1_555 ? 
85  BC1 7  F   L .   ? F   A 407 . ? 1_555 ? 
86  BC1 7  F   M .   ? F   A 408 . ? 1_555 ? 
87  BC1 7  F   N .   ? F   A 409 . ? 1_555 ? 
88  BC1 7  HOH R .   ? HOH A 836 . ? 1_555 ? 
89  BC2 8  GLY A 74  ? GLY A 52  . ? 1_555 ? 
90  BC2 8  ARG A 87  ? ARG A 65  . ? 1_555 ? 
91  BC2 8  GLU A 88  ? GLU A 66  . ? 1_555 ? 
92  BC2 8  MG  E .   ? MG  A 304 . ? 1_555 ? 
93  BC2 8  F   I .   ? F   A 404 . ? 1_555 ? 
94  BC2 8  F   K .   ? F   A 406 . ? 1_555 ? 
95  BC2 8  F   M .   ? F   A 408 . ? 1_555 ? 
96  BC2 8  HOH R .   ? HOH A 637 . ? 1_555 ? 
97  BC3 8  ARG A 87  ? ARG A 65  . ? 1_555 ? 
98  BC3 8  GLU A 88  ? GLU A 66  . ? 1_555 ? 
99  BC3 8  GLU A 91  ? GLU A 69  . ? 1_555 ? 
100 BC3 8  MG  E .   ? MG  A 304 . ? 1_555 ? 
101 BC3 8  F   K .   ? F   A 406 . ? 1_555 ? 
102 BC3 8  F   L .   ? F   A 407 . ? 1_555 ? 
103 BC3 8  F   N .   ? F   A 409 . ? 1_555 ? 
104 BC3 8  HOH R .   ? HOH A 824 . ? 1_555 ? 
105 BC4 11 GLU A 88  ? GLU A 66  . ? 1_555 ? 
106 BC4 11 MG  B .   ? MG  A 301 . ? 1_555 ? 
107 BC4 11 MG  D .   ? MG  A 303 . ? 1_555 ? 
108 BC4 11 MG  E .   ? MG  A 304 . ? 1_555 ? 
109 BC4 11 F   H .   ? F   A 403 . ? 1_555 ? 
110 BC4 11 F   I .   ? F   A 404 . ? 1_555 ? 
111 BC4 11 F   J .   ? F   A 405 . ? 1_555 ? 
112 BC4 11 F   K .   ? F   A 406 . ? 1_555 ? 
113 BC4 11 F   M .   ? F   A 408 . ? 1_555 ? 
114 BC4 11 F   O .   ? F   A 410 . ? 1_555 ? 
115 BC4 11 HOH R .   ? HOH A 612 . ? 1_555 ? 
116 BC5 11 GLU A 92  ? GLU A 70  . ? 1_555 ? 
117 BC5 11 ARG A 137 ? ARG A 115 . ? 1_555 ? 
118 BC5 11 IHP Q .   ? IHP A 201 . ? 1_555 ? 
119 BC5 11 MG  B .   ? MG  A 301 . ? 1_555 ? 
120 BC5 11 MG  C .   ? MG  A 302 . ? 1_555 ? 
121 BC5 11 MG  D .   ? MG  A 303 . ? 1_555 ? 
122 BC5 11 F   H .   ? F   A 403 . ? 1_555 ? 
123 BC5 11 F   J .   ? F   A 405 . ? 1_555 ? 
124 BC5 11 F   N .   ? F   A 409 . ? 1_555 ? 
125 BC5 11 HOH R .   ? HOH A 589 . ? 1_555 ? 
126 BC5 11 HOH R .   ? HOH A 837 . ? 1_555 ? 
127 BC6 2  ASN A 108 ? ASN A 86  . ? 1_555 ? 
128 BC6 2  GLN A 158 ? GLN A 136 . ? 1_555 ? 
129 BC7 29 ARG A 32  ? ARG A 10  . ? 1_555 ? 
130 BC7 29 LYS A 40  ? LYS A 18  . ? 1_555 ? 
131 BC7 29 ARG A 42  ? ARG A 20  . ? 1_555 ? 
132 BC7 29 SER A 61  ? SER A 39  . ? 1_555 ? 
133 BC7 29 SER A 62  ? SER A 40  . ? 1_555 ? 
134 BC7 29 ARG A 63  ? ARG A 41  . ? 1_555 ? 
135 BC7 29 ILE A 69  ? ILE A 47  . ? 1_555 ? 
136 BC7 29 GLY A 72  ? GLY A 50  . ? 1_555 ? 
137 BC7 29 GLY A 73  ? GLY A 51  . ? 1_555 ? 
138 BC7 29 GLY A 74  ? GLY A 52  . ? 1_555 ? 
139 BC7 29 GLU A 92  ? GLU A 70  . ? 1_555 ? 
140 BC7 29 ARG A 111 ? ARG A 89  . ? 1_555 ? 
141 BC7 29 HIS A 113 ? HIS A 91  . ? 1_555 ? 
142 BC7 29 ARG A 137 ? ARG A 115 . ? 1_555 ? 
143 BC7 29 LYS A 155 ? LYS A 133 . ? 1_555 ? 
144 BC7 29 MG  B .   ? MG  A 301 . ? 1_555 ? 
145 BC7 29 MG  C .   ? MG  A 302 . ? 1_555 ? 
146 BC7 29 MG  D .   ? MG  A 303 . ? 1_555 ? 
147 BC7 29 F   G .   ? F   A 402 . ? 1_555 ? 
148 BC7 29 F   H .   ? F   A 403 . ? 1_555 ? 
149 BC7 29 F   I .   ? F   A 404 . ? 1_555 ? 
150 BC7 29 F   O .   ? F   A 410 . ? 1_555 ? 
151 BC7 29 HOH R .   ? HOH A 602 . ? 1_555 ? 
152 BC7 29 HOH R .   ? HOH A 606 . ? 1_555 ? 
153 BC7 29 HOH R .   ? HOH A 738 . ? 1_555 ? 
154 BC7 29 HOH R .   ? HOH A 803 . ? 1_555 ? 
155 BC7 29 HOH R .   ? HOH A 821 . ? 1_555 ? 
156 BC7 29 HOH R .   ? HOH A 836 . ? 1_555 ? 
157 BC7 29 HOH R .   ? HOH A 837 . ? 1_555 ? 
# 
_atom_sites.entry_id                    2Q9P 
_atom_sites.fract_transf_matrix[1][1]   -0.01918009 
_atom_sites.fract_transf_matrix[1][2]   0.00484170 
_atom_sites.fract_transf_matrix[1][3]   -0.00991394 
_atom_sites.fract_transf_matrix[2][1]   -0.00650815 
_atom_sites.fract_transf_matrix[2][2]   0.00457227 
_atom_sites.fract_transf_matrix[2][3]   0.01482402 
_atom_sites.fract_transf_matrix[3][1]   0.00502962 
_atom_sites.fract_transf_matrix[3][2]   0.01498317 
_atom_sites.fract_transf_matrix[3][3]   -0.00241322 
_atom_sites.fract_transf_vector[1]      0.117228 
_atom_sites.fract_transf_vector[2]      0.127330 
_atom_sites.fract_transf_vector[3]      0.227509 
# 
loop_
_atom_type.symbol 
C  
CL 
F  
MG 
N  
O  
P  
S  
# 
loop_
_atom_site.group_PDB 
_atom_site.id 
_atom_site.type_symbol 
_atom_site.label_atom_id 
_atom_site.label_alt_id 
_atom_site.label_comp_id 
_atom_site.label_asym_id 
_atom_site.label_entity_id 
_atom_site.label_seq_id 
_atom_site.pdbx_PDB_ins_code 
_atom_site.Cartn_x 
_atom_site.Cartn_y 
_atom_site.Cartn_z 
_atom_site.occupancy 
_atom_site.B_iso_or_equiv 
_atom_site.pdbx_formal_charge 
_atom_site.auth_seq_id 
_atom_site.auth_comp_id 
_atom_site.auth_asym_id 
_atom_site.auth_atom_id 
_atom_site.pdbx_PDB_model_num 
ATOM   1    N  N   . ARG A 1 32  ? -5.492  14.040  -9.379  1.00 24.20 ? 10  ARG A N   1 
ATOM   2    C  CA  . ARG A 1 32  ? -4.600  12.911  -9.831  1.00 24.16 ? 10  ARG A CA  1 
ATOM   3    C  C   . ARG A 1 32  ? -3.442  13.458  -10.622 1.00 21.38 ? 10  ARG A C   1 
ATOM   4    O  O   . ARG A 1 32  ? -3.553  14.486  -11.318 1.00 20.07 ? 10  ARG A O   1 
ATOM   5    C  CB  . ARG A 1 32  ? -5.309  11.877  -10.718 1.00 24.49 ? 10  ARG A CB  1 
ATOM   6    C  CG  . ARG A 1 32  ? -6.415  11.041  -10.066 1.00 27.67 ? 10  ARG A CG  1 
ATOM   7    C  CD  . ARG A 1 32  ? -7.051  10.245  -11.178 1.00 29.80 ? 10  ARG A CD  1 
ATOM   8    N  NE  . ARG A 1 32  ? -8.209  9.388   -10.886 1.00 34.76 ? 10  ARG A NE  1 
ATOM   9    C  CZ  . ARG A 1 32  ? -9.352  9.779   -10.306 1.00 38.65 ? 10  ARG A CZ  1 
ATOM   10   N  NH1 . ARG A 1 32  ? -10.335 8.889   -10.161 1.00 38.44 ? 10  ARG A NH1 1 
ATOM   11   N  NH2 . ARG A 1 32  ? -9.534  11.023  -9.833  1.00 41.12 ? 10  ARG A NH2 1 
ATOM   12   N  N   . THR A 1 33  ? -2.327  12.742  -10.561 1.00 17.92 ? 11  THR A N   1 
ATOM   13   C  CA  . THR A 1 33  ? -1.110  13.187  -11.202 1.00 17.54 ? 11  THR A CA  1 
ATOM   14   C  C   . THR A 1 33  ? -0.535  12.053  -12.054 1.00 16.64 ? 11  THR A C   1 
ATOM   15   O  O   . THR A 1 33  ? -0.881  10.873  -11.856 1.00 14.62 ? 11  THR A O   1 
ATOM   16   C  CB  . THR A 1 33  ? -0.040  13.721  -10.211 1.00 18.23 ? 11  THR A CB  1 
ATOM   17   O  OG1 . THR A 1 33  ? 0.485   12.652  -9.413  1.00 18.57 ? 11  THR A OG1 1 
ATOM   18   C  CG2 . THR A 1 33  ? -0.569  14.901  -9.297  1.00 15.20 ? 11  THR A CG2 1 
ATOM   19   N  N   . TYR A 1 34  ? 0.310   12.413  -13.017 1.00 16.27 ? 12  TYR A N   1 
ATOM   20   C  CA  . TYR A 1 34  ? 0.681   11.494  -14.102 1.00 16.87 ? 12  TYR A CA  1 
ATOM   21   C  C   . TYR A 1 34  ? 2.139   11.676  -14.527 1.00 16.82 ? 12  TYR A C   1 
ATOM   22   O  O   . TYR A 1 34  ? 2.671   12.789  -14.528 1.00 16.06 ? 12  TYR A O   1 
ATOM   23   C  CB  . TYR A 1 34  ? -0.211  11.743  -15.308 1.00 17.63 ? 12  TYR A CB  1 
ATOM   24   C  CG  . TYR A 1 34  ? -1.680  11.535  -15.017 1.00 18.14 ? 12  TYR A CG  1 
ATOM   25   C  CD1 . TYR A 1 34  ? -2.275  10.298  -15.226 1.00 19.79 ? 12  TYR A CD1 1 
ATOM   26   C  CD2 . TYR A 1 34  ? -2.483  12.566  -14.485 1.00 20.22 ? 12  TYR A CD2 1 
ATOM   27   C  CE1 . TYR A 1 34  ? -3.608  10.096  -14.909 1.00 17.31 ? 12  TYR A CE1 1 
ATOM   28   C  CE2 . TYR A 1 34  ? -3.795  12.372  -14.188 1.00 21.15 ? 12  TYR A CE2 1 
ATOM   29   C  CZ  . TYR A 1 34  ? -4.369  11.118  -14.407 1.00 21.97 ? 12  TYR A CZ  1 
ATOM   30   O  OH  . TYR A 1 34  ? -5.728  10.903  -14.135 1.00 21.82 ? 12  TYR A OH  1 
ATOM   31   N  N   . ASP A 1 35  ? 2.771   10.592  -14.923 1.00 16.71 ? 13  ASP A N   1 
ATOM   32   C  CA  . ASP A 1 35  ? 4.080   10.677  -15.520 1.00 16.88 ? 13  ASP A CA  1 
ATOM   33   C  C   . ASP A 1 35  ? 3.933   11.165  -16.972 1.00 15.80 ? 13  ASP A C   1 
ATOM   34   O  O   . ASP A 1 35  ? 2.797   11.292  -17.465 1.00 15.74 ? 13  ASP A O   1 
ATOM   35   C  CB  . ASP A 1 35  ? 4.817   9.322   -15.440 1.00 17.41 ? 13  ASP A CB  1 
ATOM   36   C  CG  . ASP A 1 35  ? 5.275   9.029   -14.035 1.00 19.78 ? 13  ASP A CG  1 
ATOM   37   O  OD1 . ASP A 1 35  ? 5.748   9.962   -13.343 1.00 20.66 ? 13  ASP A OD1 1 
ATOM   38   O  OD2 . ASP A 1 35  ? 5.206   7.861   -13.618 1.00 27.16 ? 13  ASP A OD2 1 
ATOM   39   N  N   . GLY A 1 36  ? 5.055   11.458  -17.620 1.00 18.15 ? 14  GLY A N   1 
ATOM   40   C  CA  . GLY A 1 36  ? 5.041   11.978  -18.981 1.00 18.03 ? 14  GLY A CA  1 
ATOM   41   C  C   . GLY A 1 36  ? 4.413   11.059  -20.017 1.00 18.34 ? 14  GLY A C   1 
ATOM   42   O  O   . GLY A 1 36  ? 3.919   11.506  -21.051 1.00 18.86 ? 14  GLY A O   1 
ATOM   43   N  N   . ASP A 1 37  ? 4.360   9.771   -19.718 1.00 17.82 ? 15  ASP A N   1 
ATOM   44   C  CA  . ASP A 1 37  ? 3.675   8.806   -20.581 1.00 19.36 ? 15  ASP A CA  1 
ATOM   45   C  C   . ASP A 1 37  ? 2.165   8.587   -20.292 1.00 18.74 ? 15  ASP A C   1 
ATOM   46   O  O   . ASP A 1 37  ? 1.514   7.718   -20.921 1.00 18.79 ? 15  ASP A O   1 
ATOM   47   C  CB  . ASP A 1 37  ? 4.432   7.490   -20.540 1.00 21.48 ? 15  ASP A CB  1 
ATOM   48   C  CG  . ASP A 1 37  ? 4.415   6.828   -19.150 1.00 23.34 ? 15  ASP A CG  1 
ATOM   49   O  OD1 . ASP A 1 37  ? 3.875   7.410   -18.176 1.00 18.48 ? 15  ASP A OD1 1 
ATOM   50   O  OD2 . ASP A 1 37  ? 4.917   5.675   -19.093 1.00 27.04 ? 15  ASP A OD2 1 
ATOM   51   N  N   . GLY A 1 38  ? 1.597   9.358   -19.372 1.00 17.36 ? 16  GLY A N   1 
ATOM   52   C  CA  . GLY A 1 38  ? 0.182   9.311   -19.041 1.00 17.26 ? 16  GLY A CA  1 
ATOM   53   C  C   . GLY A 1 38  ? -0.193  8.269   -17.985 1.00 16.88 ? 16  GLY A C   1 
ATOM   54   O  O   . GLY A 1 38  ? -1.353  8.092   -17.664 1.00 18.48 ? 16  GLY A O   1 
ATOM   55   N  N   . TYR A 1 39  ? 0.799   7.574   -17.434 1.00 16.34 ? 17  TYR A N   1 
ATOM   56   C  CA  . TYR A 1 39  ? 0.519   6.646   -16.335 1.00 16.74 ? 17  TYR A CA  1 
ATOM   57   C  C   . TYR A 1 39  ? 0.262   7.428   -15.037 1.00 15.79 ? 17  TYR A C   1 
ATOM   58   O  O   . TYR A 1 39  ? 0.985   8.388   -14.717 1.00 15.54 ? 17  TYR A O   1 
ATOM   59   C  CB  . TYR A 1 39  ? 1.723   5.761   -16.098 1.00 17.62 ? 17  TYR A CB  1 
ATOM   60   C  CG  . TYR A 1 39  ? 1.820   4.566   -17.021 1.00 19.57 ? 17  TYR A CG  1 
ATOM   61   C  CD1 . TYR A 1 39  ? 1.951   4.745   -18.403 1.00 21.98 ? 17  TYR A CD1 1 
ATOM   62   C  CD2 . TYR A 1 39  ? 1.793   3.254   -16.514 1.00 19.58 ? 17  TYR A CD2 1 
ATOM   63   C  CE1 . TYR A 1 39  ? 2.051   3.654   -19.254 1.00 22.11 ? 17  TYR A CE1 1 
ATOM   64   C  CE2 . TYR A 1 39  ? 1.905   2.147   -17.369 1.00 20.23 ? 17  TYR A CE2 1 
ATOM   65   C  CZ  . TYR A 1 39  ? 1.998   2.366   -18.726 1.00 23.48 ? 17  TYR A CZ  1 
ATOM   66   O  OH  . TYR A 1 39  ? 2.120   1.286   -19.583 1.00 24.80 ? 17  TYR A OH  1 
ATOM   67   N  N   . LYS A 1 40  ? -0.787  7.046   -14.339 1.00 14.92 ? 18  LYS A N   1 
ATOM   68   C  CA  . LYS A 1 40  ? -1.096  7.635   -13.063 1.00 15.02 ? 18  LYS A CA  1 
ATOM   69   C  C   . LYS A 1 40  ? 0.049   7.341   -12.046 1.00 14.42 ? 18  LYS A C   1 
ATOM   70   O  O   . LYS A 1 40  ? 0.498   6.183   -11.886 1.00 14.35 ? 18  LYS A O   1 
ATOM   71   C  CB  . LYS A 1 40  ? -2.428  7.146   -12.522 1.00 16.04 ? 18  LYS A CB  1 
ATOM   72   C  CG  . LYS A 1 40  ? -2.848  7.894   -11.307 1.00 16.80 ? 18  LYS A CG  1 
ATOM   73   C  CD  . LYS A 1 40  ? -4.222  7.460   -10.874 1.00 19.93 ? 18  LYS A CD  1 
ATOM   74   C  CE  . LYS A 1 40  ? -4.215  6.277   -9.908  1.00 23.24 ? 18  LYS A CE  1 
ATOM   75   N  NZ  . LYS A 1 40  ? -5.618  5.989   -9.336  1.00 27.61 ? 18  LYS A NZ  1 
ATOM   76   N  N   . LYS A 1 41  ? 0.412   8.377   -11.311 1.00 14.69 ? 19  LYS A N   1 
ATOM   77   C  CA  . LYS A 1 41  ? 1.453   8.291   -10.310 1.00 12.57 ? 19  LYS A CA  1 
ATOM   78   C  C   . LYS A 1 41  ? 0.862   7.850   -8.945  1.00 13.64 ? 19  LYS A C   1 
ATOM   79   O  O   . LYS A 1 41  ? -0.056  8.481   -8.418  1.00 12.32 ? 19  LYS A O   1 
ATOM   80   C  CB  . LYS A 1 41  ? 2.197   9.638   -10.145 1.00 14.64 ? 19  LYS A CB  1 
ATOM   81   C  CG  . LYS A 1 41  ? 2.879   10.071  -11.389 1.00 14.09 ? 19  LYS A CG  1 
ATOM   82   C  CD  . LYS A 1 41  ? 3.605   11.376  -11.109 1.00 14.44 ? 19  LYS A CD  1 
ATOM   83   C  CE  . LYS A 1 41  ? 4.835   11.101  -10.254 1.00 17.59 ? 19  LYS A CE  1 
ATOM   84   N  NZ  . LYS A 1 41  ? 5.725   10.003  -10.703 1.00 16.70 ? 19  LYS A NZ  1 
ATOM   85   N  N   . ARG A 1 42  ? 1.427   6.784   -8.371  1.00 12.05 ? 20  ARG A N   1 
ATOM   86   C  CA  . ARG A 1 42  ? 0.953   6.248   -7.076  1.00 12.10 ? 20  ARG A CA  1 
ATOM   87   C  C   . ARG A 1 42  ? 2.110   5.894   -6.147  1.00 10.77 ? 20  ARG A C   1 
ATOM   88   O  O   . ARG A 1 42  ? 3.274   5.758   -6.569  1.00 12.68 ? 20  ARG A O   1 
ATOM   89   C  CB  . ARG A 1 42  ? 0.121   4.980   -7.260  1.00 10.78 ? 20  ARG A CB  1 
ATOM   90   C  CG  . ARG A 1 42  ? -1.018  5.098   -8.249  1.00 13.98 ? 20  ARG A CG  1 
ATOM   91   C  CD  . ARG A 1 42  ? -1.771  3.764   -8.355  1.00 12.65 ? 20  ARG A CD  1 
ATOM   92   N  NE  . ARG A 1 42  ? -2.540  3.379   -7.184  1.00 13.28 ? 20  ARG A NE  1 
ATOM   93   C  CZ  . ARG A 1 42  ? -2.210  2.454   -6.288  1.00 12.04 ? 20  ARG A CZ  1 
ATOM   94   N  NH1 . ARG A 1 42  ? -1.061  1.793   -6.366  1.00 10.02 ? 20  ARG A NH1 1 
ATOM   95   N  NH2 . ARG A 1 42  ? -3.012  2.180   -5.292  1.00 14.94 ? 20  ARG A NH2 1 
ATOM   96   N  N   . ALA A 1 43  ? 1.755   5.746   -4.895  1.00 10.39 ? 21  ALA A N   1 
ATOM   97   C  CA  . ALA A 1 43  ? 2.708   5.286   -3.876  1.00 10.99 ? 21  ALA A CA  1 
ATOM   98   C  C   . ALA A 1 43  ? 1.984   4.401   -2.845  1.00 11.34 ? 21  ALA A C   1 
ATOM   99   O  O   . ALA A 1 43  ? 0.754   4.543   -2.594  1.00 10.51 ? 21  ALA A O   1 
ATOM   100  C  CB  . ALA A 1 43  ? 3.476   6.454   -3.238  1.00 12.68 ? 21  ALA A CB  1 
ATOM   101  N  N   . ALA A 1 44  ? 2.757   3.468   -2.275  1.00 12.50 ? 22  ALA A N   1 
ATOM   102  C  CA  . ALA A 1 44  ? 2.239   2.420   -1.370  1.00 11.62 ? 22  ALA A CA  1 
ATOM   103  C  C   . ALA A 1 44  ? 3.370   2.016   -0.400  1.00 11.44 ? 22  ALA A C   1 
ATOM   104  O  O   . ALA A 1 44  ? 4.570   2.246   -0.689  1.00 13.04 ? 22  ALA A O   1 
ATOM   105  C  CB  . ALA A 1 44  ? 1.844   1.186   -2.203  1.00 11.34 ? 22  ALA A CB  1 
ATOM   106  N  N   . CYS A 1 45  ? 2.972   1.450   0.748   1.00 11.19 ? 23  CYS A N   1 
ATOM   107  C  CA  . CYS A 1 45  ? 3.939   0.828   1.656   1.00 11.46 ? 23  CYS A CA  1 
ATOM   108  C  C   . CYS A 1 45  ? 3.540   -0.600  1.893   1.00 11.59 ? 23  CYS A C   1 
ATOM   109  O  O   . CYS A 1 45  ? 2.392   -0.934  1.971   1.00 9.68  ? 23  CYS A O   1 
ATOM   110  C  CB  . CYS A 1 45  ? 4.064   1.515   3.008   1.00 11.39 ? 23  CYS A CB  1 
ATOM   111  S  SG  . CYS A 1 45  ? 4.522   3.243   2.899   1.00 12.82 ? 23  CYS A SG  1 
ATOM   112  N  N   . LEU A 1 46  ? 4.583   -1.413  2.017   1.00 9.29  ? 24  LEU A N   1 
ATOM   113  C  CA  . LEU A 1 46  ? 4.577   -2.706  2.629   1.00 11.20 ? 24  LEU A CA  1 
ATOM   114  C  C   . LEU A 1 46  ? 4.760   -2.405  4.136   1.00 10.87 ? 24  LEU A C   1 
ATOM   115  O  O   . LEU A 1 46  ? 5.851   -2.012  4.613   1.00 12.78 ? 24  LEU A O   1 
ATOM   116  C  CB  . LEU A 1 46  ? 5.737   -3.552  2.090   1.00 10.30 ? 24  LEU A CB  1 
ATOM   117  C  CG  . LEU A 1 46  ? 5.899   -3.758  0.560   1.00 13.12 ? 24  LEU A CG  1 
ATOM   118  C  CD1 . LEU A 1 46  ? 7.007   -4.750  0.170   1.00 13.70 ? 24  LEU A CD1 1 
ATOM   119  C  CD2 . LEU A 1 46  ? 4.545   -4.206  0.014   1.00 14.31 ? 24  LEU A CD2 1 
ATOM   120  N  N   . CYS A 1 47  ? 3.644   -2.534  4.841   1.00 12.55 ? 25  CYS A N   1 
ATOM   121  C  CA  . CYS A 1 47  ? 3.502   -2.125  6.240   1.00 12.50 ? 25  CYS A CA  1 
ATOM   122  C  C   . CYS A 1 47  ? 3.789   -3.349  7.061   1.00 13.11 ? 25  CYS A C   1 
ATOM   123  O  O   . CYS A 1 47  ? 2.908   -4.201  7.299   1.00 13.55 ? 25  CYS A O   1 
ATOM   124  C  CB  . CYS A 1 47  ? 2.095   -1.626  6.501   1.00 12.42 ? 25  CYS A CB  1 
ATOM   125  S  SG  . CYS A 1 47  ? 1.623   -0.110  5.602   1.00 15.18 ? 25  CYS A SG  1 
ATOM   126  N  N   . PHE A 1 48  ? 5.034   -3.469  7.537   1.00 13.39 ? 26  PHE A N   1 
ATOM   127  C  CA  . PHE A 1 48  ? 5.361   -4.637  8.301   1.00 16.27 ? 26  PHE A CA  1 
ATOM   128  C  C   . PHE A 1 48  ? 5.217   -4.451  9.817   1.00 15.86 ? 26  PHE A C   1 
ATOM   129  O  O   . PHE A 1 48  ? 5.381   -3.368  10.356  1.00 13.80 ? 26  PHE A O   1 
ATOM   130  C  CB  . PHE A 1 48  ? 6.802   -5.031  8.023   1.00 15.66 ? 26  PHE A CB  1 
ATOM   131  C  CG  . PHE A 1 48  ? 7.066   -5.462  6.608   1.00 16.28 ? 26  PHE A CG  1 
ATOM   132  C  CD1 . PHE A 1 48  ? 6.489   -6.609  6.077   1.00 17.33 ? 26  PHE A CD1 1 
ATOM   133  C  CD2 . PHE A 1 48  ? 7.849   -4.665  5.785   1.00 18.96 ? 26  PHE A CD2 1 
ATOM   134  C  CE1 . PHE A 1 48  ? 6.748   -6.961  4.706   1.00 18.14 ? 26  PHE A CE1 1 
ATOM   135  C  CE2 . PHE A 1 48  ? 8.111   -5.034  4.486   1.00 19.31 ? 26  PHE A CE2 1 
ATOM   136  C  CZ  . PHE A 1 48  ? 7.552   -6.180  3.951   1.00 15.02 ? 26  PHE A CZ  1 
ATOM   137  N  N   . ARG A 1 49  ? 4.933   -5.552  10.484  1.00 18.24 ? 27  ARG A N   1 
ATOM   138  C  CA  . ARG A 1 49  ? 4.669   -5.536  11.918  1.00 20.43 ? 27  ARG A CA  1 
ATOM   139  C  C   . ARG A 1 49  ? 5.916   -5.196  12.691  1.00 20.42 ? 27  ARG A C   1 
ATOM   140  O  O   . ARG A 1 49  ? 5.824   -4.546  13.737  1.00 21.23 ? 27  ARG A O   1 
ATOM   141  C  CB  . ARG A 1 49  ? 4.078   -6.864  12.418  1.00 20.88 ? 27  ARG A CB  1 
ATOM   142  C  CG  . ARG A 1 49  ? 3.429   -6.698  13.807  1.00 23.15 ? 27  ARG A CG  1 
ATOM   143  C  CD  . ARG A 1 49  ? 3.102   -8.015  14.453  1.00 27.75 ? 27  ARG A CD  1 
ATOM   144  N  NE  . ARG A 1 49  ? 1.824   -8.592  14.074  1.00 35.35 ? 27  ARG A NE  1 
ATOM   145  C  CZ  . ARG A 1 49  ? 0.944   -9.146  14.932  1.00 37.80 ? 27  ARG A CZ  1 
ATOM   146  N  NH1 . ARG A 1 49  ? 1.122   -9.112  16.253  1.00 39.05 ? 27  ARG A NH1 1 
ATOM   147  N  NH2 . ARG A 1 49  ? -0.179  -9.690  14.467  1.00 38.48 ? 27  ARG A NH2 1 
ATOM   148  N  N   . SER A 1 50  ? 7.057   -5.581  12.124  1.00 21.22 ? 28  SER A N   1 
ATOM   149  C  CA  . SER A 1 50  ? 8.349   -5.466  12.741  1.00 21.72 ? 28  SER A CA  1 
ATOM   150  C  C   . SER A 1 50  ? 9.476   -5.433  11.705  1.00 21.60 ? 28  SER A C   1 
ATOM   151  O  O   . SER A 1 50  ? 9.294   -5.674  10.519  1.00 18.17 ? 28  SER A O   1 
ATOM   152  C  CB  . SER A 1 50  ? 8.598   -6.664  13.706  1.00 22.53 ? 28  SER A CB  1 
ATOM   153  O  OG  . SER A 1 50  ? 9.201   -7.761  13.027  1.00 20.87 ? 28  SER A OG  1 
ATOM   154  N  N   . GLU A 1 51  ? 10.680  -5.212  12.210  1.00 22.36 ? 29  GLU A N   1 
ATOM   155  C  CA  . GLU A 1 51  ? 11.845  -5.059  11.380  1.00 23.35 ? 29  GLU A CA  1 
ATOM   156  C  C   . GLU A 1 51  ? 12.197  -6.420  10.763  1.00 22.58 ? 29  GLU A C   1 
ATOM   157  O  O   . GLU A 1 51  ? 12.945  -6.471  9.819   1.00 22.41 ? 29  GLU A O   1 
ATOM   158  C  CB  . GLU A 1 51  ? 12.996  -4.437  12.210  1.00 24.60 ? 29  GLU A CB  1 
ATOM   159  C  CG  . GLU A 1 51  ? 12.523  -3.374  13.294  1.00 29.43 ? 29  GLU A CG  1 
ATOM   160  C  CD  . GLU A 1 51  ? 11.647  -4.013  14.450  1.00 32.86 ? 29  GLU A CD  1 
ATOM   161  O  OE1 . GLU A 1 51  ? 11.942  -5.152  14.865  1.00 40.73 ? 29  GLU A OE1 1 
ATOM   162  O  OE2 . GLU A 1 51  ? 10.652  -3.427  14.916  1.00 34.64 ? 29  GLU A OE2 1 
ATOM   163  N  N   . SER A 1 52  ? 11.608  -7.515  11.265  1.00 22.10 ? 30  SER A N   1 
ATOM   164  C  CA  . SER A 1 52  ? 11.881  -8.834  10.713  1.00 22.80 ? 30  SER A CA  1 
ATOM   165  C  C   . SER A 1 52  ? 11.114  -9.057  9.362   1.00 21.88 ? 30  SER A C   1 
ATOM   166  O  O   . SER A 1 52  ? 11.444  -9.928  8.578   1.00 21.24 ? 30  SER A O   1 
ATOM   167  C  CB  . SER A 1 52  ? 11.623  -9.913  11.760  1.00 23.25 ? 30  SER A CB  1 
ATOM   168  O  OG  . SER A 1 52  ? 10.269  -10.210 11.812  1.00 28.23 ? 30  SER A OG  1 
ATOM   169  N  N   . GLU A 1 53  ? 10.131  -8.203  9.093   1.00 21.25 ? 31  GLU A N   1 
ATOM   170  C  CA  . GLU A 1 53  ? 9.403   -8.203  7.816   1.00 21.38 ? 31  GLU A CA  1 
ATOM   171  C  C   . GLU A 1 53  ? 8.761   -9.571  7.452   1.00 21.78 ? 31  GLU A C   1 
ATOM   172  O  O   . GLU A 1 53  ? 8.820   -10.014 6.295   1.00 22.26 ? 31  GLU A O   1 
ATOM   173  C  CB  . GLU A 1 53  ? 10.258  -7.661  6.682   1.00 21.84 ? 31  GLU A CB  1 
ATOM   174  C  CG  . GLU A 1 53  ? 10.845  -6.289  6.908   1.00 21.57 ? 31  GLU A CG  1 
ATOM   175  C  CD  . GLU A 1 53  ? 11.712  -5.802  5.747   1.00 22.47 ? 31  GLU A CD  1 
ATOM   176  O  OE1 . GLU A 1 53  ? 11.853  -6.494  4.710   1.00 25.79 ? 31  GLU A OE1 1 
ATOM   177  O  OE2 . GLU A 1 53  ? 12.300  -4.723  5.892   1.00 24.69 ? 31  GLU A OE2 1 
ATOM   178  N  N   . GLU A 1 54  ? 8.110   -10.167 8.460   1.00 20.60 ? 32  GLU A N   1 
ATOM   179  C  CA  . GLU A 1 54  ? 7.439   -11.457 8.382   1.00 20.92 ? 32  GLU A CA  1 
ATOM   180  C  C   . GLU A 1 54  ? 5.903   -11.346 8.241   1.00 20.29 ? 32  GLU A C   1 
ATOM   181  O  O   . GLU A 1 54  ? 5.252   -12.269 7.738   1.00 19.92 ? 32  GLU A O   1 
ATOM   182  C  CB  . GLU A 1 54  ? 7.837   -12.300 9.614   1.00 21.64 ? 32  GLU A CB  1 
ATOM   183  C  CG  . GLU A 1 54  ? 9.292   -12.795 9.505   1.00 25.02 ? 32  GLU A CG  1 
ATOM   184  C  CD  . GLU A 1 54  ? 9.851   -13.361 10.790  1.00 26.28 ? 32  GLU A CD  1 
ATOM   185  O  OE1 . GLU A 1 54  ? 9.130   -13.410 11.818  1.00 32.19 ? 32  GLU A OE1 1 
ATOM   186  O  OE2 . GLU A 1 54  ? 11.050  -13.753 10.763  1.00 36.30 ? 32  GLU A OE2 1 
ATOM   187  N  N   . GLU A 1 55  ? 5.340   -10.241 8.730   1.00 17.81 ? 33  GLU A N   1 
ATOM   188  C  CA  . GLU A 1 55  ? 3.899   -10.019 8.726   1.00 18.37 ? 33  GLU A CA  1 
ATOM   189  C  C   . GLU A 1 55  ? 3.671   -8.638  8.142   1.00 16.54 ? 33  GLU A C   1 
ATOM   190  O  O   . GLU A 1 55  ? 4.376   -7.689  8.531   1.00 15.66 ? 33  GLU A O   1 
ATOM   191  C  CB  . GLU A 1 55  ? 3.329   -10.101 10.117  1.00 18.14 ? 33  GLU A CB  1 
ATOM   192  C  CG  . GLU A 1 55  ? 3.080   -11.511 10.599  1.00 24.09 ? 33  GLU A CG  1 
ATOM   193  C  CD  . GLU A 1 55  ? 1.709   -11.578 11.244  1.00 32.12 ? 33  GLU A CD  1 
ATOM   194  O  OE1 . GLU A 1 55  ? 0.716   -11.910 10.516  1.00 40.21 ? 33  GLU A OE1 1 
ATOM   195  O  OE2 . GLU A 1 55  ? 1.605   -11.217 12.441  1.00 35.38 ? 33  GLU A OE2 1 
ATOM   196  N  N   . VAL A 1 56  ? 2.697   -8.554  7.203   1.00 15.68 ? 34  VAL A N   1 
ATOM   197  C  CA  . VAL A 1 56  ? 2.401   -7.325  6.475   1.00 15.47 ? 34  VAL A CA  1 
ATOM   198  C  C   . VAL A 1 56  ? 0.898   -7.060  6.585   1.00 14.30 ? 34  VAL A C   1 
ATOM   199  O  O   . VAL A 1 56  ? 0.090   -7.998  6.599   1.00 13.67 ? 34  VAL A O   1 
ATOM   200  C  CB  . VAL A 1 56  ? 2.839   -7.420  5.006   1.00 16.00 ? 34  VAL A CB  1 
ATOM   201  C  CG1 . VAL A 1 56  ? 2.029   -8.501  4.249   1.00 14.54 ? 34  VAL A CG1 1 
ATOM   202  C  CG2 . VAL A 1 56  ? 2.765   -6.033  4.338   1.00 14.49 ? 34  VAL A CG2 1 
ATOM   203  N  N   . LEU A 1 57  ? 0.524   -5.782  6.613   1.00 14.29 ? 35  LEU A N   1 
ATOM   204  C  CA  . LEU A 1 57  ? -0.824  -5.349  6.784   1.00 14.98 ? 35  LEU A CA  1 
ATOM   205  C  C   . LEU A 1 57  ? -1.415  -5.073  5.400   1.00 14.10 ? 35  LEU A C   1 
ATOM   206  O  O   . LEU A 1 57  ? -0.945  -4.195  4.696   1.00 15.29 ? 35  LEU A O   1 
ATOM   207  C  CB  . LEU A 1 57  ? -0.860  -4.068  7.613   1.00 14.98 ? 35  LEU A CB  1 
ATOM   208  C  CG  . LEU A 1 57  ? -2.267  -3.689  8.090   1.00 14.69 ? 35  LEU A CG  1 
ATOM   209  C  CD1 . LEU A 1 57  ? -2.710  -4.647  9.239   1.00 15.20 ? 35  LEU A CD1 1 
ATOM   210  C  CD2 . LEU A 1 57  ? -2.245  -2.209  8.572   1.00 16.36 ? 35  LEU A CD2 1 
ATOM   211  N  N   . LEU A 1 58  ? -2.414  -5.860  5.031   1.00 13.50 ? 36  LEU A N   1 
ATOM   212  C  CA  . LEU A 1 58  ? -3.307  -5.563  3.878   1.00 13.65 ? 36  LEU A CA  1 
ATOM   213  C  C   . LEU A 1 58  ? -4.628  -4.915  4.313   1.00 14.36 ? 36  LEU A C   1 
ATOM   214  O  O   . LEU A 1 58  ? -5.052  -4.975  5.465   1.00 14.31 ? 36  LEU A O   1 
ATOM   215  C  CB  . LEU A 1 58  ? -3.568  -6.821  3.048   1.00 13.57 ? 36  LEU A CB  1 
ATOM   216  C  CG  . LEU A 1 58  ? -2.307  -7.633  2.634   1.00 11.30 ? 36  LEU A CG  1 
ATOM   217  C  CD1 . LEU A 1 58  ? -2.672  -8.855  1.796   1.00 12.94 ? 36  LEU A CD1 1 
ATOM   218  C  CD2 . LEU A 1 58  ? -1.266  -6.722  1.964   1.00 11.79 ? 36  LEU A CD2 1 
ATOM   219  N  N   . VAL A 1 59  ? -5.251  -4.269  3.346   1.00 13.53 ? 37  VAL A N   1 
ATOM   220  C  CA  . VAL A 1 59  ? -6.541  -3.645  3.554   1.00 13.96 ? 37  VAL A CA  1 
ATOM   221  C  C   . VAL A 1 59  ? -7.512  -4.185  2.537   1.00 14.86 ? 37  VAL A C   1 
ATOM   222  O  O   . VAL A 1 59  ? -7.110  -4.742  1.503   1.00 14.59 ? 37  VAL A O   1 
ATOM   223  C  CB  . VAL A 1 59  ? -6.429  -2.121  3.487   1.00 14.07 ? 37  VAL A CB  1 
ATOM   224  C  CG1 . VAL A 1 59  ? -5.503  -1.549  4.565   1.00 13.26 ? 37  VAL A CG1 1 
ATOM   225  C  CG2 . VAL A 1 59  ? -6.108  -1.589  2.048   1.00 11.15 ? 37  VAL A CG2 1 
ATOM   226  N  N   . SER A 1 60  ? -8.798  -4.056  2.834   1.00 14.24 ? 38  SER A N   1 
ATOM   227  C  CA  . SER A 1 60  ? -9.787  -4.627  1.919   1.00 16.79 ? 38  SER A CA  1 
ATOM   228  C  C   . SER A 1 60  ? -9.941  -3.679  0.720   1.00 17.08 ? 38  SER A C   1 
ATOM   229  O  O   . SER A 1 60  ? -9.755  -2.481  0.851   1.00 17.38 ? 38  SER A O   1 
ATOM   230  C  CB  . SER A 1 60  ? -11.115 -4.839  2.612   1.00 15.44 ? 38  SER A CB  1 
ATOM   231  O  OG  . SER A 1 60  ? -11.540 -3.657  3.253   1.00 16.55 ? 38  SER A OG  1 
ATOM   232  N  N   . SER A 1 61  ? -10.225 -4.249  -0.439  1.00 19.93 ? 39  SER A N   1 
ATOM   233  C  CA  . SER A 1 61  ? -10.630 -3.496  -1.623  1.00 22.09 ? 39  SER A CA  1 
ATOM   234  C  C   . SER A 1 61  ? -11.879 -2.653  -1.363  1.00 24.18 ? 39  SER A C   1 
ATOM   235  O  O   . SER A 1 61  ? -12.807 -3.108  -0.708  1.00 23.45 ? 39  SER A O   1 
ATOM   236  C  CB  . SER A 1 61  ? -10.863 -4.506  -2.758  1.00 22.98 ? 39  SER A CB  1 
ATOM   237  O  OG  . SER A 1 61  ? -11.620 -3.916  -3.774  1.00 23.66 ? 39  SER A OG  1 
ATOM   238  N  N   . SER A 1 62  ? -11.892 -1.414  -1.850  1.00 26.60 ? 40  SER A N   1 
ATOM   239  C  CA  . SER A 1 62  ? -13.060 -0.551  -1.734  1.00 28.87 ? 40  SER A CA  1 
ATOM   240  C  C   . SER A 1 62  ? -14.225 -1.062  -2.624  1.00 31.34 ? 40  SER A C   1 
ATOM   241  O  O   . SER A 1 62  ? -15.360 -1.047  -2.184  1.00 33.36 ? 40  SER A O   1 
ATOM   242  C  CB  . SER A 1 62  ? -12.688 0.892   -2.100  1.00 29.44 ? 40  SER A CB  1 
ATOM   243  O  OG  . SER A 1 62  ? -12.228 0.910   -3.434  1.00 27.63 ? 40  SER A OG  1 
ATOM   244  N  N   . ARG A 1 63  ? -13.922 -1.538  -3.831  1.00 33.76 ? 41  ARG A N   1 
ATOM   245  C  CA  . ARG A 1 63  ? -14.944 -2.036  -4.772  1.00 34.06 ? 41  ARG A CA  1 
ATOM   246  C  C   . ARG A 1 63  ? -15.476 -3.390  -4.296  1.00 34.73 ? 41  ARG A C   1 
ATOM   247  O  O   . ARG A 1 63  ? -16.690 -3.649  -4.329  1.00 35.38 ? 41  ARG A O   1 
ATOM   248  C  CB  . ARG A 1 63  ? -14.326 -2.188  -6.181  1.00 35.58 ? 41  ARG A CB  1 
ATOM   249  C  CG  . ARG A 1 63  ? -15.339 -2.189  -7.375  1.00 38.91 ? 41  ARG A CG  1 
ATOM   250  C  CD  . ARG A 1 63  ? -16.223 -0.891  -7.456  1.00 44.78 ? 41  ARG A CD  1 
ATOM   251  N  NE  . ARG A 1 63  ? -15.792 0.066   -8.483  1.00 47.36 ? 41  ARG A NE  1 
ATOM   252  C  CZ  . ARG A 1 63  ? -16.448 1.192   -8.791  1.00 47.86 ? 41  ARG A CZ  1 
ATOM   253  N  NH1 . ARG A 1 63  ? -17.579 1.519   -8.164  1.00 50.64 ? 41  ARG A NH1 1 
ATOM   254  N  NH2 . ARG A 1 63  ? -15.986 1.996   -9.749  1.00 49.46 ? 41  ARG A NH2 1 
ATOM   255  N  N   . HIS A 1 64  ? -14.560 -4.247  -3.828  1.00 33.68 ? 42  HIS A N   1 
ATOM   256  C  CA  . HIS A 1 64  ? -14.881 -5.627  -3.499  1.00 32.48 ? 42  HIS A CA  1 
ATOM   257  C  C   . HIS A 1 64  ? -14.335 -5.989  -2.127  1.00 31.29 ? 42  HIS A C   1 
ATOM   258  O  O   . HIS A 1 64  ? -13.232 -6.500  -2.028  1.00 30.66 ? 42  HIS A O   1 
ATOM   259  C  CB  . HIS A 1 64  ? -14.297 -6.496  -4.577  1.00 33.06 ? 42  HIS A CB  1 
ATOM   260  C  CG  . HIS A 1 64  ? -14.950 -6.278  -5.913  1.00 36.28 ? 42  HIS A CG  1 
ATOM   261  N  ND1 . HIS A 1 64  ? -14.398 -5.480  -6.895  1.00 37.58 ? 42  HIS A ND1 1 
ATOM   262  C  CD2 . HIS A 1 64  ? -16.138 -6.716  -6.401  1.00 37.71 ? 42  HIS A CD2 1 
ATOM   263  C  CE1 . HIS A 1 64  ? -15.201 -5.467  -7.946  1.00 39.32 ? 42  HIS A CE1 1 
ATOM   264  N  NE2 . HIS A 1 64  ? -16.267 -6.200  -7.668  1.00 38.97 ? 42  HIS A NE2 1 
ATOM   265  N  N   . PRO A 1 65  ? -15.107 -5.689  -1.069  1.00 30.39 ? 43  PRO A N   1 
ATOM   266  C  CA  . PRO A 1 65  ? -14.600 -5.789  0.322   1.00 28.67 ? 43  PRO A CA  1 
ATOM   267  C  C   . PRO A 1 65  ? -14.136 -7.178  0.762   1.00 27.24 ? 43  PRO A C   1 
ATOM   268  O  O   . PRO A 1 65  ? -13.427 -7.279  1.765   1.00 25.61 ? 43  PRO A O   1 
ATOM   269  C  CB  . PRO A 1 65  ? -15.777 -5.296  1.171   1.00 29.36 ? 43  PRO A CB  1 
ATOM   270  C  CG  . PRO A 1 65  ? -16.637 -4.536  0.228   1.00 31.26 ? 43  PRO A CG  1 
ATOM   271  C  CD  . PRO A 1 65  ? -16.496 -5.177  -1.102  1.00 30.86 ? 43  PRO A CD  1 
ATOM   272  N  N   . ASP A 1 66  ? -14.494 -8.213  -0.005  1.00 25.21 ? 44  ASP A N   1 
ATOM   273  C  CA  . ASP A 1 66  ? -14.046 -9.564  0.274   1.00 24.89 ? 44  ASP A CA  1 
ATOM   274  C  C   . ASP A 1 66  ? -12.622 -9.852  -0.262  1.00 22.59 ? 44  ASP A C   1 
ATOM   275  O  O   . ASP A 1 66  ? -12.133 -10.972 -0.129  1.00 23.84 ? 44  ASP A O   1 
ATOM   276  C  CB  . ASP A 1 66  ? -15.033 -10.582 -0.315  1.00 25.86 ? 44  ASP A CB  1 
ATOM   277  C  CG  . ASP A 1 66  ? -15.265 -10.400 -1.830  1.00 28.66 ? 44  ASP A CG  1 
ATOM   278  O  OD1 . ASP A 1 66  ? -15.297 -9.249  -2.343  1.00 34.76 ? 44  ASP A OD1 1 
ATOM   279  O  OD2 . ASP A 1 66  ? -15.491 -11.431 -2.496  1.00 35.28 ? 44  ASP A OD2 1 
ATOM   280  N  N   . ARG A 1 67  ? -11.993 -8.853  -0.869  1.00 21.25 ? 45  ARG A N   1 
ATOM   281  C  CA  . ARG A 1 67  ? -10.655 -8.988  -1.440  1.00 20.83 ? 45  ARG A CA  1 
ATOM   282  C  C   . ARG A 1 67  ? -9.679  -8.098  -0.669  1.00 17.83 ? 45  ARG A C   1 
ATOM   283  O  O   . ARG A 1 67  ? -10.089 -7.092  -0.068  1.00 16.92 ? 45  ARG A O   1 
ATOM   284  C  CB  . ARG A 1 67  ? -10.591 -8.591  -2.918  1.00 22.12 ? 45  ARG A CB  1 
ATOM   285  C  CG  . ARG A 1 67  ? -11.730 -9.113  -3.778  1.00 24.45 ? 45  ARG A CG  1 
ATOM   286  C  CD  . ARG A 1 67  ? -11.701 -8.524  -5.145  1.00 27.18 ? 45  ARG A CD  1 
ATOM   287  N  NE  . ARG A 1 67  ? -12.840 -9.043  -5.898  1.00 29.30 ? 45  ARG A NE  1 
ATOM   288  C  CZ  . ARG A 1 67  ? -13.191 -8.671  -7.132  1.00 32.18 ? 45  ARG A CZ  1 
ATOM   289  N  NH1 . ARG A 1 67  ? -12.481 -7.786  -7.817  1.00 33.90 ? 45  ARG A NH1 1 
ATOM   290  N  NH2 . ARG A 1 67  ? -14.263 -9.217  -7.695  1.00 34.32 ? 45  ARG A NH2 1 
ATOM   291  N  N   . TRP A 1 68  ? -8.409  -8.466  -0.783  1.00 15.89 ? 46  TRP A N   1 
ATOM   292  C  CA  . TRP A 1 68  ? -7.298  -7.728  -0.116  1.00 15.65 ? 46  TRP A CA  1 
ATOM   293  C  C   . TRP A 1 68  ? -6.402  -7.035  -1.130  1.00 14.33 ? 46  TRP A C   1 
ATOM   294  O  O   . TRP A 1 68  ? -6.181  -7.548  -2.235  1.00 13.88 ? 46  TRP A O   1 
ATOM   295  C  CB  . TRP A 1 68  ? -6.443  -8.681  0.705   1.00 16.18 ? 46  TRP A CB  1 
ATOM   296  C  CG  . TRP A 1 68  ? -7.271  -9.347  1.771   1.00 16.69 ? 46  TRP A CG  1 
ATOM   297  C  CD1 . TRP A 1 68  ? -7.726  -10.635 1.769   1.00 19.07 ? 46  TRP A CD1 1 
ATOM   298  C  CD2 . TRP A 1 68  ? -7.758  -8.740  2.974   1.00 17.74 ? 46  TRP A CD2 1 
ATOM   299  N  NE1 . TRP A 1 68  ? -8.419  -10.876 2.928   1.00 18.66 ? 46  TRP A NE1 1 
ATOM   300  C  CE2 . TRP A 1 68  ? -8.477  -9.726  3.677   1.00 21.67 ? 46  TRP A CE2 1 
ATOM   301  C  CE3 . TRP A 1 68  ? -7.635  -7.454  3.543   1.00 18.94 ? 46  TRP A CE3 1 
ATOM   302  C  CZ2 . TRP A 1 68  ? -9.078  -9.462  4.933   1.00 19.99 ? 46  TRP A CZ2 1 
ATOM   303  C  CZ3 . TRP A 1 68  ? -8.217  -7.196  4.770   1.00 17.73 ? 46  TRP A CZ3 1 
ATOM   304  C  CH2 . TRP A 1 68  ? -8.936  -8.204  5.458   1.00 19.23 ? 46  TRP A CH2 1 
ATOM   305  N  N   . ILE A 1 69  ? -5.905  -5.863  -0.727  1.00 11.62 ? 47  ILE A N   1 
ATOM   306  C  CA  . ILE A 1 69  ? -4.897  -5.113  -1.461  1.00 13.45 ? 47  ILE A CA  1 
ATOM   307  C  C   . ILE A 1 69  ? -3.788  -4.587  -0.535  1.00 12.27 ? 47  ILE A C   1 
ATOM   308  O  O   . ILE A 1 69  ? -3.927  -4.520  0.723   1.00 12.18 ? 47  ILE A O   1 
ATOM   309  C  CB  . ILE A 1 69  ? -5.503  -3.900  -2.167  1.00 13.11 ? 47  ILE A CB  1 
ATOM   310  C  CG1 . ILE A 1 69  ? -6.027  -2.844  -1.209  1.00 13.07 ? 47  ILE A CG1 1 
ATOM   311  C  CG2 . ILE A 1 69  ? -6.654  -4.350  -3.027  1.00 11.84 ? 47  ILE A CG2 1 
ATOM   312  C  CD1 . ILE A 1 69  ? -6.607  -1.604  -1.870  1.00 16.11 ? 47  ILE A CD1 1 
ATOM   313  N  N   . VAL A 1 70  ? -2.739  -4.096  -1.194  1.00 10.71 ? 48  VAL A N   1 
ATOM   314  C  CA  . VAL A 1 70  ? -1.712  -3.334  -0.513  1.00 11.85 ? 48  VAL A CA  1 
ATOM   315  C  C   . VAL A 1 70  ? -2.160  -1.865  -0.452  1.00 10.13 ? 48  VAL A C   1 
ATOM   316  O  O   . VAL A 1 70  ? -2.380  -1.265  -1.509  1.00 11.54 ? 48  VAL A O   1 
ATOM   317  C  CB  . VAL A 1 70  ? -0.347  -3.454  -1.190  1.00 11.44 ? 48  VAL A CB  1 
ATOM   318  C  CG1 . VAL A 1 70  ? 0.706   -2.511  -0.537  1.00 12.59 ? 48  VAL A CG1 1 
ATOM   319  C  CG2 . VAL A 1 70  ? 0.116   -4.931  -1.155  1.00 10.89 ? 48  VAL A CG2 1 
ATOM   320  N  N   . PRO A 1 71  ? -2.214  -1.266  0.754   1.00 11.46 ? 49  PRO A N   1 
ATOM   321  C  CA  . PRO A 1 71  ? -2.711  0.136   0.788   1.00 10.79 ? 49  PRO A CA  1 
ATOM   322  C  C   . PRO A 1 71  ? -1.796  1.142   0.050   1.00 10.81 ? 49  PRO A C   1 
ATOM   323  O  O   . PRO A 1 71  ? -0.551  1.003   0.094   1.00 10.49 ? 49  PRO A O   1 
ATOM   324  C  CB  . PRO A 1 71  ? -2.761  0.471   2.274   1.00 11.66 ? 49  PRO A CB  1 
ATOM   325  C  CG  . PRO A 1 71  ? -1.627  -0.393  2.847   1.00 12.06 ? 49  PRO A CG  1 
ATOM   326  C  CD  . PRO A 1 71  ? -1.852  -1.699  2.122   1.00 11.88 ? 49  PRO A CD  1 
ATOM   327  N  N   . GLY A 1 72  ? -2.397  2.114   -0.649  1.00 11.30 ? 50  GLY A N   1 
ATOM   328  C  CA  . GLY A 1 72  ? -1.641  3.020   -1.462  1.00 11.17 ? 50  GLY A CA  1 
ATOM   329  C  C   . GLY A 1 72  ? -2.581  3.824   -2.295  1.00 12.36 ? 50  GLY A C   1 
ATOM   330  O  O   . GLY A 1 72  ? -3.764  3.517   -2.310  1.00 10.82 ? 50  GLY A O   1 
ATOM   331  N  N   . GLY A 1 73  ? -2.045  4.838   -2.932  1.00 13.09 ? 51  GLY A N   1 
ATOM   332  C  CA  . GLY A 1 73  ? -2.910  5.681   -3.794  1.00 12.32 ? 51  GLY A CA  1 
ATOM   333  C  C   . GLY A 1 73  ? -2.160  6.767   -4.513  1.00 13.22 ? 51  GLY A C   1 
ATOM   334  O  O   . GLY A 1 73  ? -0.952  6.717   -4.613  1.00 11.01 ? 51  GLY A O   1 
ATOM   335  N  N   . GLY A 1 74  ? -2.892  7.754   -5.051  1.00 12.69 ? 52  GLY A N   1 
ATOM   336  C  CA  . GLY A 1 74  ? -2.296  8.702   -5.941  1.00 13.19 ? 52  GLY A CA  1 
ATOM   337  C  C   . GLY A 1 74  ? -1.418  9.737   -5.275  1.00 14.24 ? 52  GLY A C   1 
ATOM   338  O  O   . GLY A 1 74  ? -1.769  10.252  -4.205  1.00 16.01 ? 52  GLY A O   1 
ATOM   339  N  N   . MET A 1 75  ? -0.295  10.057  -5.918  1.00 13.92 ? 53  MET A N   1 
ATOM   340  C  CA  . MET A 1 75  ? 0.516   11.193  -5.480  1.00 15.76 ? 53  MET A CA  1 
ATOM   341  C  C   . MET A 1 75  ? -0.188  12.501  -5.848  1.00 16.49 ? 53  MET A C   1 
ATOM   342  O  O   . MET A 1 75  ? -0.758  12.615  -6.951  1.00 16.06 ? 53  MET A O   1 
ATOM   343  C  CB  . MET A 1 75  ? 1.919   11.171  -6.104  1.00 16.56 ? 53  MET A CB  1 
ATOM   344  C  CG  . MET A 1 75  ? 2.694   9.925   -5.787  1.00 18.71 ? 53  MET A CG  1 
ATOM   345  S  SD  . MET A 1 75  ? 4.255   10.014  -6.595  1.00 20.34 ? 53  MET A SD  1 
ATOM   346  C  CE  . MET A 1 75  ? 4.678   8.389   -6.826  1.00 18.73 ? 53  MET A CE  1 
ATOM   347  N  N   . GLU A 1 76  ? -0.164  13.452  -4.920  1.00 16.60 ? 54  GLU A N   1 
ATOM   348  C  CA  . GLU A 1 76  ? -0.656  14.808  -5.208  1.00 17.28 ? 54  GLU A CA  1 
ATOM   349  C  C   . GLU A 1 76  ? 0.408   15.656  -5.960  1.00 15.88 ? 54  GLU A C   1 
ATOM   350  O  O   . GLU A 1 76  ? 1.621   15.310  -6.020  1.00 13.96 ? 54  GLU A O   1 
ATOM   351  C  CB  . GLU A 1 76  ? -1.073  15.501  -3.915  1.00 18.04 ? 54  GLU A CB  1 
ATOM   352  C  CG  . GLU A 1 76  ? -2.194  14.799  -3.151  1.00 20.67 ? 54  GLU A CG  1 
ATOM   353  C  CD  . GLU A 1 76  ? -2.309  15.224  -1.660  1.00 24.79 ? 54  GLU A CD  1 
ATOM   354  O  OE1 . GLU A 1 76  ? -1.425  15.955  -1.132  1.00 30.30 ? 54  GLU A OE1 1 
ATOM   355  O  OE2 . GLU A 1 76  ? -3.291  14.767  -1.003  1.00 32.34 ? 54  GLU A OE2 1 
ATOM   356  N  N   . PRO A 1 77  ? -0.038  16.794  -6.571  1.00 16.63 ? 55  PRO A N   1 
ATOM   357  C  CA  . PRO A 1 77  ? 0.955   17.596  -7.272  1.00 16.79 ? 55  PRO A CA  1 
ATOM   358  C  C   . PRO A 1 77  ? 2.110   17.980  -6.398  1.00 15.99 ? 55  PRO A C   1 
ATOM   359  O  O   . PRO A 1 77  ? 1.911   18.353  -5.226  1.00 16.22 ? 55  PRO A O   1 
ATOM   360  C  CB  . PRO A 1 77  ? 0.168   18.841  -7.734  1.00 17.78 ? 55  PRO A CB  1 
ATOM   361  C  CG  . PRO A 1 77  ? -1.228  18.379  -7.887  1.00 15.90 ? 55  PRO A CG  1 
ATOM   362  C  CD  . PRO A 1 77  ? -1.405  17.334  -6.743  1.00 17.29 ? 55  PRO A CD  1 
ATOM   363  N  N   . GLU A 1 78  ? 3.294   17.829  -6.933  1.00 16.27 ? 56  GLU A N   1 
ATOM   364  C  CA  . GLU A 1 78  ? 4.539   18.171  -6.254  1.00 17.95 ? 56  GLU A CA  1 
ATOM   365  C  C   . GLU A 1 78  ? 4.816   17.368  -4.962  1.00 19.34 ? 56  GLU A C   1 
ATOM   366  O  O   . GLU A 1 78  ? 5.774   17.626  -4.279  1.00 18.96 ? 56  GLU A O   1 
ATOM   367  C  CB  . GLU A 1 78  ? 4.560   19.680  -5.931  1.00 19.54 ? 56  GLU A CB  1 
ATOM   368  C  CG  . GLU A 1 78  ? 4.488   20.500  -7.216  1.00 18.98 ? 56  GLU A CG  1 
ATOM   369  C  CD  . GLU A 1 78  ? 4.611   21.976  -6.933  1.00 22.62 ? 56  GLU A CD  1 
ATOM   370  O  OE1 . GLU A 1 78  ? 3.803   22.515  -6.142  1.00 28.18 ? 56  GLU A OE1 1 
ATOM   371  O  OE2 . GLU A 1 78  ? 5.436   22.579  -7.612  1.00 29.21 ? 56  GLU A OE2 1 
ATOM   372  N  N   . GLU A 1 79  ? 4.010   16.357  -4.684  1.00 18.10 ? 57  GLU A N   1 
ATOM   373  C  CA  . GLU A 1 79  ? 4.161   15.549  -3.492  1.00 17.50 ? 57  GLU A CA  1 
ATOM   374  C  C   . GLU A 1 79  ? 5.239   14.489  -3.664  1.00 17.76 ? 57  GLU A C   1 
ATOM   375  O  O   . GLU A 1 79  ? 5.197   13.648  -4.567  1.00 16.84 ? 57  GLU A O   1 
ATOM   376  C  CB  . GLU A 1 79  ? 2.819   14.879  -3.178  1.00 17.58 ? 57  GLU A CB  1 
ATOM   377  C  CG  . GLU A 1 79  ? 2.876   14.147  -1.823  1.00 16.96 ? 57  GLU A CG  1 
ATOM   378  C  CD  . GLU A 1 79  ? 1.598   13.456  -1.442  1.00 18.53 ? 57  GLU A CD  1 
ATOM   379  O  OE1 . GLU A 1 79  ? 0.849   12.942  -2.322  1.00 14.79 ? 57  GLU A OE1 1 
ATOM   380  O  OE2 . GLU A 1 79  ? 1.302   13.468  -0.251  1.00 17.24 ? 57  GLU A OE2 1 
ATOM   381  N  N   A GLU A 1 80  ? 6.158   14.460  -2.729  0.50 16.78 ? 58  GLU A N   1 
ATOM   382  N  N   B GLU A 1 80  ? 6.192   14.463  -2.751  0.50 16.78 ? 58  GLU A N   1 
ATOM   383  C  CA  A GLU A 1 80  ? 7.245   13.466  -2.787  0.50 17.56 ? 58  GLU A CA  1 
ATOM   384  C  CA  B GLU A 1 80  ? 7.278   13.477  -2.823  0.50 17.56 ? 58  GLU A CA  1 
ATOM   385  C  C   A GLU A 1 80  ? 6.621   12.048  -2.685  0.50 15.86 ? 58  GLU A C   1 
ATOM   386  C  C   B GLU A 1 80  ? 6.643   12.062  -2.719  0.50 15.86 ? 58  GLU A C   1 
ATOM   387  O  O   A GLU A 1 80  ? 5.697   11.868  -1.897  0.50 13.20 ? 58  GLU A O   1 
ATOM   388  O  O   B GLU A 1 80  ? 5.755   11.904  -1.977  0.50 13.20 ? 58  GLU A O   1 
ATOM   389  C  CB  A GLU A 1 80  ? 8.227   13.673  -1.641  0.50 19.08 ? 58  GLU A CB  1 
ATOM   390  C  CB  B GLU A 1 80  ? 8.236   13.606  -1.634  0.50 19.08 ? 58  GLU A CB  1 
ATOM   391  C  CG  A GLU A 1 80  ? 9.260   14.730  -1.954  0.50 25.75 ? 58  GLU A CG  1 
ATOM   392  C  CG  B GLU A 1 80  ? 9.248   14.712  -1.668  0.50 25.75 ? 58  GLU A CG  1 
ATOM   393  C  CD  A GLU A 1 80  ? 10.262  14.188  -3.010  0.50 34.77 ? 58  GLU A CD  1 
ATOM   394  C  CD  B GLU A 1 80  ? 9.983   14.950  -0.282  0.50 34.77 ? 58  GLU A CD  1 
ATOM   395  O  OE1 A GLU A 1 80  ? 11.135  13.337  -2.636  0.50 40.68 ? 58  GLU A OE1 1 
ATOM   396  O  OE1 B GLU A 1 80  ? 10.476  14.023  0.385   0.50 40.68 ? 58  GLU A OE1 1 
ATOM   397  O  OE2 A GLU A 1 80  ? 10.123  14.562  -4.211  0.50 39.25 ? 58  GLU A OE2 1 
ATOM   398  O  OE2 B GLU A 1 80  ? 10.103  16.123  0.132   0.50 39.25 ? 58  GLU A OE2 1 
ATOM   399  N  N   . PRO A 1 81  ? 7.189   11.064  -3.409  1.00 16.16 ? 59  PRO A N   1 
ATOM   400  C  CA  . PRO A 1 81  ? 6.551   9.729   -3.401  1.00 16.11 ? 59  PRO A CA  1 
ATOM   401  C  C   . PRO A 1 81  ? 6.509   9.111   -1.969  1.00 16.04 ? 59  PRO A C   1 
ATOM   402  O  O   . PRO A 1 81  ? 5.488   8.492   -1.599  1.00 14.28 ? 59  PRO A O   1 
ATOM   403  C  CB  . PRO A 1 81  ? 7.350   8.893   -4.416  1.00 16.33 ? 59  PRO A CB  1 
ATOM   404  C  CG  . PRO A 1 81  ? 8.414   9.729   -4.921  1.00 19.46 ? 59  PRO A CG  1 
ATOM   405  C  CD  . PRO A 1 81  ? 8.326   11.114  -4.338  1.00 15.95 ? 59  PRO A CD  1 
ATOM   406  N  N   . SER A 1 82  ? 7.599   9.264   -1.197  1.00 16.02 ? 60  SER A N   1 
ATOM   407  C  CA  . SER A 1 82  ? 7.660   8.769   0.186   1.00 16.42 ? 60  SER A CA  1 
ATOM   408  C  C   . SER A 1 82  ? 6.595   9.415   1.088   1.00 16.98 ? 60  SER A C   1 
ATOM   409  O  O   . SER A 1 82  ? 6.022   8.770   1.961   1.00 17.46 ? 60  SER A O   1 
ATOM   410  C  CB  . SER A 1 82  ? 9.088   8.931   0.774   1.00 17.32 ? 60  SER A CB  1 
ATOM   411  O  OG  . SER A 1 82  ? 9.509   10.272  0.848   1.00 17.69 ? 60  SER A OG  1 
ATOM   412  N  N   . VAL A 1 83  ? 6.291   10.694  0.816   1.00 15.72 ? 61  VAL A N   1 
ATOM   413  C  CA  . VAL A 1 83  ? 5.293   11.439  1.564   1.00 15.43 ? 61  VAL A CA  1 
ATOM   414  C  C   . VAL A 1 83  ? 3.936   10.940  1.178   1.00 13.95 ? 61  VAL A C   1 
ATOM   415  O  O   . VAL A 1 83  ? 3.089   10.672  2.044   1.00 12.50 ? 61  VAL A O   1 
ATOM   416  C  CB  . VAL A 1 83  ? 5.489   12.958  1.354   1.00 15.26 ? 61  VAL A CB  1 
ATOM   417  C  CG1 . VAL A 1 83  ? 4.310   13.743  1.965   1.00 14.46 ? 61  VAL A CG1 1 
ATOM   418  C  CG2 . VAL A 1 83  ? 6.886   13.362  1.977   1.00 14.83 ? 61  VAL A CG2 1 
ATOM   419  N  N   . ALA A 1 84  ? 3.707   10.757  -0.128  1.00 12.59 ? 62  ALA A N   1 
ATOM   420  C  CA  . ALA A 1 84  ? 2.434   10.191  -0.576  1.00 12.83 ? 62  ALA A CA  1 
ATOM   421  C  C   . ALA A 1 84  ? 2.156   8.761   -0.017  1.00 12.82 ? 62  ALA A C   1 
ATOM   422  O  O   . ALA A 1 84  ? 1.046   8.443   0.404   1.00 10.27 ? 62  ALA A O   1 
ATOM   423  C  CB  . ALA A 1 84  ? 2.330   10.181  -2.174  1.00 11.86 ? 62  ALA A CB  1 
ATOM   424  N  N   . ALA A 1 85  ? 3.188   7.949   0.020   1.00 12.26 ? 63  ALA A N   1 
ATOM   425  C  CA  . ALA A 1 85  ? 3.102   6.558   0.500   1.00 13.56 ? 63  ALA A CA  1 
ATOM   426  C  C   . ALA A 1 85  ? 2.576   6.519   1.925   1.00 13.93 ? 63  ALA A C   1 
ATOM   427  O  O   . ALA A 1 85  ? 1.617   5.779   2.248   1.00 13.43 ? 63  ALA A O   1 
ATOM   428  C  CB  . ALA A 1 85  ? 4.503   5.925   0.476   1.00 12.73 ? 63  ALA A CB  1 
ATOM   429  N  N   . VAL A 1 86  ? 3.269   7.272   2.809   1.00 13.14 ? 64  VAL A N   1 
ATOM   430  C  CA  . VAL A 1 86  ? 2.954   7.383   4.247   1.00 14.15 ? 64  VAL A CA  1 
ATOM   431  C  C   . VAL A 1 86  ? 1.553   7.948   4.511   1.00 14.01 ? 64  VAL A C   1 
ATOM   432  O  O   . VAL A 1 86  ? 0.785   7.422   5.325   1.00 14.75 ? 64  VAL A O   1 
ATOM   433  C  CB  . VAL A 1 86  ? 4.061   8.243   4.944   1.00 15.42 ? 64  VAL A CB  1 
ATOM   434  C  CG1 . VAL A 1 86  ? 3.619   8.744   6.299   1.00 19.55 ? 64  VAL A CG1 1 
ATOM   435  C  CG2 . VAL A 1 86  ? 5.420   7.452   4.954   1.00 16.95 ? 64  VAL A CG2 1 
ATOM   436  N  N   . ARG A 1 87  ? 1.176   8.921   3.688   1.00 13.23 ? 65  ARG A N   1 
ATOM   437  C  CA  . ARG A 1 87  ? -0.122  9.563   3.802   1.00 13.75 ? 65  ARG A CA  1 
ATOM   438  C  C   . ARG A 1 87  ? -1.219  8.589   3.396   1.00 13.77 ? 65  ARG A C   1 
ATOM   439  O  O   . ARG A 1 87  ? -2.224  8.415   4.103   1.00 13.64 ? 65  ARG A O   1 
ATOM   440  C  CB  . ARG A 1 87  ? -0.190  10.821  2.924   1.00 13.10 ? 65  ARG A CB  1 
ATOM   441  C  CG  . ARG A 1 87  ? -1.575  11.479  2.908   1.00 14.65 ? 65  ARG A CG  1 
ATOM   442  C  CD  . ARG A 1 87  ? -1.592  12.689  1.980   1.00 15.34 ? 65  ARG A CD  1 
ATOM   443  N  NE  . ARG A 1 87  ? -1.144  12.378  0.627   1.00 14.38 ? 65  ARG A NE  1 
ATOM   444  C  CZ  . ARG A 1 87  ? -1.765  11.541  -0.207  1.00 13.32 ? 65  ARG A CZ  1 
ATOM   445  N  NH1 . ARG A 1 87  ? -2.928  10.966  0.128   1.00 15.28 ? 65  ARG A NH1 1 
ATOM   446  N  NH2 . ARG A 1 87  ? -1.254  11.297  -1.406  1.00 15.41 ? 65  ARG A NH2 1 
ATOM   447  N  N   . GLU A 1 88  ? -1.005  7.921   2.262   1.00 12.55 ? 66  GLU A N   1 
ATOM   448  C  CA  . GLU A 1 88  ? -2.048  6.967   1.821   1.00 12.79 ? 66  GLU A CA  1 
ATOM   449  C  C   . GLU A 1 88  ? -2.214  5.788   2.771   1.00 12.28 ? 66  GLU A C   1 
ATOM   450  O  O   . GLU A 1 88  ? -3.342  5.391   3.038   1.00 12.24 ? 66  GLU A O   1 
ATOM   451  C  CB  . GLU A 1 88  ? -1.821  6.516   0.387   1.00 12.67 ? 66  GLU A CB  1 
ATOM   452  C  CG  . GLU A 1 88  ? -2.173  7.546   -0.655  1.00 14.15 ? 66  GLU A CG  1 
ATOM   453  C  CD  . GLU A 1 88  ? -3.632  7.641   -0.962  1.00 16.35 ? 66  GLU A CD  1 
ATOM   454  O  OE1 . GLU A 1 88  ? -4.385  6.699   -0.686  1.00 12.97 ? 66  GLU A OE1 1 
ATOM   455  O  OE2 . GLU A 1 88  ? -3.991  8.666   -1.568  1.00 13.61 ? 66  GLU A OE2 1 
ATOM   456  N  N   . VAL A 1 89  ? -1.093  5.289   3.333   1.00 13.59 ? 67  VAL A N   1 
ATOM   457  C  CA  . VAL A 1 89  ? -1.175  4.209   4.350   1.00 13.61 ? 67  VAL A CA  1 
ATOM   458  C  C   . VAL A 1 89  ? -1.966  4.697   5.603   1.00 13.61 ? 67  VAL A C   1 
ATOM   459  O  O   . VAL A 1 89  ? -2.748  3.977   6.163   1.00 13.73 ? 67  VAL A O   1 
ATOM   460  C  CB  . VAL A 1 89  ? 0.225   3.675   4.699   1.00 14.18 ? 67  VAL A CB  1 
ATOM   461  C  CG1 . VAL A 1 89  ? 0.210   2.871   6.024   1.00 18.13 ? 67  VAL A CG1 1 
ATOM   462  C  CG2 . VAL A 1 89  ? 0.718   2.884   3.500   1.00 13.64 ? 67  VAL A CG2 1 
ATOM   463  N  N   . CYS A 1 90  ? -1.739  5.926   6.012   1.00 14.99 ? 68  CYS A N   1 
ATOM   464  C  CA  . CYS A 1 90  ? -2.463  6.490   7.132   1.00 15.27 ? 68  CYS A CA  1 
ATOM   465  C  C   . CYS A 1 90  ? -3.972  6.559   6.851   1.00 14.38 ? 68  CYS A C   1 
ATOM   466  O  O   . CYS A 1 90  ? -4.770  6.062   7.636   1.00 14.63 ? 68  CYS A O   1 
ATOM   467  C  CB  . CYS A 1 90  ? -1.862  7.833   7.504   1.00 15.60 ? 68  CYS A CB  1 
ATOM   468  S  SG  . CYS A 1 90  ? -2.890  8.643   8.818   1.00 22.50 ? 68  CYS A SG  1 
ATOM   469  N  N   . GLU A 1 91  ? -4.325  7.066   5.666   1.00 14.69 ? 69  GLU A N   1 
ATOM   470  C  CA  . GLU A 1 91  ? -5.738  7.200   5.270   1.00 15.17 ? 69  GLU A CA  1 
ATOM   471  C  C   . GLU A 1 91  ? -6.439  5.836   5.138   1.00 15.32 ? 69  GLU A C   1 
ATOM   472  O  O   . GLU A 1 91  ? -7.591  5.657   5.557   1.00 14.91 ? 69  GLU A O   1 
ATOM   473  C  CB  . GLU A 1 91  ? -5.811  7.941   3.930   1.00 15.40 ? 69  GLU A CB  1 
ATOM   474  C  CG  . GLU A 1 91  ? -5.274  9.369   3.915   1.00 15.74 ? 69  GLU A CG  1 
ATOM   475  C  CD  . GLU A 1 91  ? -5.206  9.962   2.470   1.00 16.02 ? 69  GLU A CD  1 
ATOM   476  O  OE1 . GLU A 1 91  ? -4.957  11.196  2.401   1.00 15.90 ? 69  GLU A OE1 1 
ATOM   477  O  OE2 . GLU A 1 91  ? -5.407  9.236   1.432   1.00 17.36 ? 69  GLU A OE2 1 
ATOM   478  N  N   . GLU A 1 92  ? -5.779  4.909   4.460   1.00 14.95 ? 70  GLU A N   1 
ATOM   479  C  CA  . GLU A 1 92  ? -6.411  3.641   4.064   1.00 14.40 ? 70  GLU A CA  1 
ATOM   480  C  C   . GLU A 1 92  ? -6.340  2.553   5.144   1.00 14.23 ? 70  GLU A C   1 
ATOM   481  O  O   . GLU A 1 92  ? -7.227  1.736   5.258   1.00 14.65 ? 70  GLU A O   1 
ATOM   482  C  CB  . GLU A 1 92  ? -5.801  3.111   2.761   1.00 14.06 ? 70  GLU A CB  1 
ATOM   483  C  CG  . GLU A 1 92  ? -5.989  4.071   1.622   1.00 12.91 ? 70  GLU A CG  1 
ATOM   484  C  CD  . GLU A 1 92  ? -5.769  3.437   0.256   1.00 13.78 ? 70  GLU A CD  1 
ATOM   485  O  OE1 . GLU A 1 92  ? -5.375  2.234   0.162   1.00 12.59 ? 70  GLU A OE1 1 
ATOM   486  O  OE2 . GLU A 1 92  ? -6.034  4.170   -0.699  1.00 11.86 ? 70  GLU A OE2 1 
ATOM   487  N  N   . ALA A 1 93  ? -5.200  2.485   5.838   1.00 14.39 ? 71  ALA A N   1 
ATOM   488  C  CA  . ALA A 1 93  ? -4.898  1.435   6.799   1.00 13.54 ? 71  ALA A CA  1 
ATOM   489  C  C   . ALA A 1 93  ? -4.930  1.894   8.267   1.00 13.08 ? 71  ALA A C   1 
ATOM   490  O  O   . ALA A 1 93  ? -4.932  1.034   9.161   1.00 14.90 ? 71  ALA A O   1 
ATOM   491  C  CB  . ALA A 1 93  ? -3.533  0.742   6.476   1.00 13.24 ? 71  ALA A CB  1 
ATOM   492  N  N   . GLY A 1 94  ? -4.850  3.195   8.549   1.00 14.22 ? 72  GLY A N   1 
ATOM   493  C  CA  . GLY A 1 94  ? -4.847  3.686   9.927   1.00 13.98 ? 72  GLY A CA  1 
ATOM   494  C  C   . GLY A 1 94  ? -3.603  3.298   10.696  1.00 14.35 ? 72  GLY A C   1 
ATOM   495  O  O   . GLY A 1 94  ? -3.694  3.031   11.897  1.00 14.81 ? 72  GLY A O   1 
ATOM   496  N  N   . VAL A 1 95  ? -2.459  3.296   10.018  1.00 14.52 ? 73  VAL A N   1 
ATOM   497  C  CA  . VAL A 1 95  ? -1.178  3.066   10.679  1.00 13.81 ? 73  VAL A CA  1 
ATOM   498  C  C   . VAL A 1 95  ? -0.092  4.090   10.352  1.00 14.51 ? 73  VAL A C   1 
ATOM   499  O  O   . VAL A 1 95  ? -0.093  4.741   9.336   1.00 13.10 ? 73  VAL A O   1 
ATOM   500  C  CB  . VAL A 1 95  ? -0.537  1.639   10.462  1.00 14.82 ? 73  VAL A CB  1 
ATOM   501  C  CG1 . VAL A 1 95  ? -1.510  0.481   10.787  1.00 15.38 ? 73  VAL A CG1 1 
ATOM   502  C  CG2 . VAL A 1 95  ? 0.047   1.482   9.043   1.00 14.51 ? 73  VAL A CG2 1 
ATOM   503  N  N   . LYS A 1 96  ? 0.875   4.195   11.264  1.00 13.63 ? 74  LYS A N   1 
ATOM   504  C  CA  . LYS A 1 96  ? 2.027   5.052   11.090  1.00 14.94 ? 74  LYS A CA  1 
ATOM   505  C  C   . LYS A 1 96  ? 3.214   4.249   11.547  1.00 13.83 ? 74  LYS A C   1 
ATOM   506  O  O   . LYS A 1 96  ? 3.072   3.250   12.268  1.00 13.84 ? 74  LYS A O   1 
ATOM   507  C  CB  . LYS A 1 96  ? 1.908   6.364   11.878  1.00 15.57 ? 74  LYS A CB  1 
ATOM   508  C  CG  . LYS A 1 96  ? 0.677   7.205   11.381  1.00 18.52 ? 74  LYS A CG  1 
ATOM   509  C  CD  . LYS A 1 96  ? 0.545   8.498   12.137  1.00 20.34 ? 74  LYS A CD  1 
ATOM   510  C  CE  . LYS A 1 96  ? -0.798  9.147   11.851  1.00 21.91 ? 74  LYS A CE  1 
ATOM   511  N  NZ  . LYS A 1 96  ? -0.835  9.602   10.452  1.00 24.27 ? 74  LYS A NZ  1 
ATOM   512  N  N   . GLY A 1 97  ? 4.379   4.726   11.151  1.00 14.09 ? 75  GLY A N   1 
ATOM   513  C  CA  . GLY A 1 97  ? 5.611   4.063   11.502  1.00 13.50 ? 75  GLY A CA  1 
ATOM   514  C  C   . GLY A 1 97  ? 6.889   4.695   10.985  1.00 15.00 ? 75  GLY A C   1 
ATOM   515  O  O   . GLY A 1 97  ? 6.945   5.916   10.653  1.00 14.26 ? 75  GLY A O   1 
ATOM   516  N  N   . THR A 1 98  ? 7.929   3.858   10.924  1.00 15.23 ? 76  THR A N   1 
ATOM   517  C  CA  . THR A 1 98  ? 9.246   4.296   10.475  1.00 15.93 ? 76  THR A CA  1 
ATOM   518  C  C   . THR A 1 98  ? 9.457   3.950   8.996   1.00 16.10 ? 76  THR A C   1 
ATOM   519  O  O   . THR A 1 98  ? 9.456   2.772   8.608   1.00 15.16 ? 76  THR A O   1 
ATOM   520  C  CB  . THR A 1 98  ? 10.339  3.681   11.346  1.00 16.43 ? 76  THR A CB  1 
ATOM   521  O  OG1 . THR A 1 98  ? 10.013  3.987   12.708  1.00 18.09 ? 76  THR A OG1 1 
ATOM   522  C  CG2 . THR A 1 98  ? 11.752  4.236   10.965  1.00 16.84 ? 76  THR A CG2 1 
ATOM   523  N  N   . LEU A 1 99  ? 9.658   4.978   8.187   1.00 16.87 ? 77  LEU A N   1 
ATOM   524  C  CA  . LEU A 1 99  ? 9.772   4.761   6.752   1.00 17.24 ? 77  LEU A CA  1 
ATOM   525  C  C   . LEU A 1 99  ? 11.102  4.101   6.474   1.00 16.85 ? 77  LEU A C   1 
ATOM   526  O  O   . LEU A 1 99  ? 12.157  4.524   7.017   1.00 17.57 ? 77  LEU A O   1 
ATOM   527  C  CB  . LEU A 1 99  ? 9.644   6.062   5.981   1.00 18.02 ? 77  LEU A CB  1 
ATOM   528  C  CG  . LEU A 1 99  ? 9.589   5.825   4.457   1.00 19.57 ? 77  LEU A CG  1 
ATOM   529  C  CD1 . LEU A 1 99  ? 8.249   5.127   3.973   1.00 20.93 ? 77  LEU A CD1 1 
ATOM   530  C  CD2 . LEU A 1 99  ? 9.911   7.175   3.812   1.00 19.27 ? 77  LEU A CD2 1 
ATOM   531  N  N   . GLY A 1 100 ? 11.063  3.010   5.717   1.00 16.48 ? 78  GLY A N   1 
ATOM   532  C  CA  . GLY A 1 100 ? 12.282  2.292   5.306   1.00 15.84 ? 78  GLY A CA  1 
ATOM   533  C  C   . GLY A 1 100 ? 12.572  2.544   3.821   1.00 16.10 ? 78  GLY A C   1 
ATOM   534  O  O   . GLY A 1 100 ? 12.169  3.549   3.239   1.00 16.24 ? 78  GLY A O   1 
ATOM   535  N  N   A ARG A 1 101 ? 13.231  1.565   3.204   0.50 16.44 ? 79  ARG A N   1 
ATOM   536  N  N   B ARG A 1 101 ? 13.285  1.608   3.217   0.50 16.30 ? 79  ARG A N   1 
ATOM   537  C  CA  A ARG A 1 101 ? 13.780  1.670   1.840   0.50 15.94 ? 79  ARG A CA  1 
ATOM   538  C  CA  B ARG A 1 101 ? 13.767  1.746   1.840   0.50 15.66 ? 79  ARG A CA  1 
ATOM   539  C  C   A ARG A 1 101 ? 12.712  1.622   0.763   0.50 15.90 ? 79  ARG A C   1 
ATOM   540  C  C   B ARG A 1 101 ? 12.652  1.759   0.812   0.50 15.72 ? 79  ARG A C   1 
ATOM   541  O  O   A ARG A 1 101 ? 11.724  0.902   0.929   0.50 13.99 ? 79  ARG A O   1 
ATOM   542  O  O   B ARG A 1 101 ? 11.561  1.277   1.076   0.50 14.26 ? 79  ARG A O   1 
ATOM   543  C  CB  A ARG A 1 101 ? 14.749  0.491   1.583   0.50 16.55 ? 79  ARG A CB  1 
ATOM   544  C  CB  B ARG A 1 101 ? 14.693  0.569   1.510   0.50 15.93 ? 79  ARG A CB  1 
ATOM   545  C  CG  A ARG A 1 101 ? 14.098  -0.890  1.286   0.50 16.38 ? 79  ARG A CG  1 
ATOM   546  C  CG  B ARG A 1 101 ? 14.041  -0.819  1.555   0.50 16.01 ? 79  ARG A CG  1 
ATOM   547  C  CD  A ARG A 1 101 ? 15.083  -2.086  1.397   0.50 17.86 ? 79  ARG A CD  1 
ATOM   548  C  CD  B ARG A 1 101 ? 15.032  -1.917  1.940   0.50 16.88 ? 79  ARG A CD  1 
ATOM   549  N  NE  A ARG A 1 101 ? 14.543  -3.307  0.811   0.50 18.44 ? 79  ARG A NE  1 
ATOM   550  N  NE  B ARG A 1 101 ? 14.429  -3.229  1.793   0.50 14.09 ? 79  ARG A NE  1 
ATOM   551  C  CZ  A ARG A 1 101 ? 14.455  -3.555  -0.501  0.50 17.43 ? 79  ARG A CZ  1 
ATOM   552  C  CZ  B ARG A 1 101 ? 13.903  -3.963  2.772   0.50 15.37 ? 79  ARG A CZ  1 
ATOM   553  N  NH1 A ARG A 1 101 ? 14.859  -2.668  -1.404  0.50 17.40 ? 79  ARG A NH1 1 
ATOM   554  N  NH1 B ARG A 1 101 ? 13.373  -5.146  2.472   0.50 17.21 ? 79  ARG A NH1 1 
ATOM   555  N  NH2 A ARG A 1 101 ? 13.941  -4.702  -0.897  0.50 21.28 ? 79  ARG A NH2 1 
ATOM   556  N  NH2 B ARG A 1 101 ? 13.887  -3.533  4.031   0.50 11.58 ? 79  ARG A NH2 1 
ATOM   557  N  N   . LEU A 1 102 ? 12.977  2.320   -0.351  1.00 15.60 ? 80  LEU A N   1 
ATOM   558  C  CA  . LEU A 1 102 ? 12.203  2.147   -1.568  1.00 15.23 ? 80  LEU A CA  1 
ATOM   559  C  C   . LEU A 1 102 ? 12.521  0.738   -2.096  1.00 14.83 ? 80  LEU A C   1 
ATOM   560  O  O   . LEU A 1 102 ? 13.707  0.392   -2.395  1.00 14.95 ? 80  LEU A O   1 
ATOM   561  C  CB  . LEU A 1 102 ? 12.594  3.229   -2.606  1.00 16.03 ? 80  LEU A CB  1 
ATOM   562  C  CG  . LEU A 1 102 ? 12.018  3.064   -4.013  1.00 15.15 ? 80  LEU A CG  1 
ATOM   563  C  CD1 . LEU A 1 102 ? 10.512  3.333   -4.009  1.00 18.13 ? 80  LEU A CD1 1 
ATOM   564  C  CD2 . LEU A 1 102 ? 12.670  4.049   -4.950  1.00 14.98 ? 80  LEU A CD2 1 
ATOM   565  N  N   . VAL A 1 103 ? 11.493  -0.094  -2.149  1.00 14.42 ? 81  VAL A N   1 
ATOM   566  C  CA  . VAL A 1 103 ? 11.540  -1.410  -2.777  1.00 13.80 ? 81  VAL A CA  1 
ATOM   567  C  C   . VAL A 1 103 ? 11.708  -1.342  -4.298  1.00 13.48 ? 81  VAL A C   1 
ATOM   568  O  O   . VAL A 1 103 ? 12.548  -2.002  -4.862  1.00 14.34 ? 81  VAL A O   1 
ATOM   569  C  CB  . VAL A 1 103 ? 10.315  -2.265  -2.416  1.00 13.73 ? 81  VAL A CB  1 
ATOM   570  C  CG1 . VAL A 1 103 ? 10.430  -3.619  -3.103  1.00 14.74 ? 81  VAL A CG1 1 
ATOM   571  C  CG2 . VAL A 1 103 ? 10.262  -2.449  -0.823  1.00 16.80 ? 81  VAL A CG2 1 
ATOM   572  N  N   . GLY A 1 104 ? 10.864  -0.529  -4.965  1.00 13.26 ? 82  GLY A N   1 
ATOM   573  C  CA  . GLY A 1 104 ? 10.940  -0.393  -6.397  1.00 12.64 ? 82  GLY A CA  1 
ATOM   574  C  C   . GLY A 1 104 ? 9.790   0.406   -6.913  1.00 13.38 ? 82  GLY A C   1 
ATOM   575  O  O   . GLY A 1 104 ? 8.978   0.899   -6.150  1.00 13.98 ? 82  GLY A O   1 
ATOM   576  N  N   . ILE A 1 105 ? 9.774   0.548   -8.232  1.00 12.69 ? 83  ILE A N   1 
ATOM   577  C  CA  . ILE A 1 105 ? 8.712   1.295   -8.920  1.00 13.40 ? 83  ILE A CA  1 
ATOM   578  C  C   . ILE A 1 105 ? 8.061   0.271   -9.843  1.00 13.54 ? 83  ILE A C   1 
ATOM   579  O  O   . ILE A 1 105 ? 8.734   -0.347  -10.700 1.00 12.13 ? 83  ILE A O   1 
ATOM   580  C  CB  . ILE A 1 105 ? 9.285   2.490   -9.702  1.00 14.74 ? 83  ILE A CB  1 
ATOM   581  C  CG1 . ILE A 1 105 ? 10.086  3.411   -8.741  1.00 15.86 ? 83  ILE A CG1 1 
ATOM   582  C  CG2 . ILE A 1 105 ? 8.153   3.215   -10.406 1.00 12.93 ? 83  ILE A CG2 1 
ATOM   583  C  CD1 . ILE A 1 105 ? 10.956  4.453   -9.481  1.00 17.12 ? 83  ILE A CD1 1 
ATOM   584  N  N   . PHE A 1 106 ? 6.746   0.104   -9.701  1.00 13.00 ? 84  PHE A N   1 
ATOM   585  C  CA  . PHE A 1 106 ? 5.987   -1.021  -10.299 1.00 13.74 ? 84  PHE A CA  1 
ATOM   586  C  C   . PHE A 1 106 ? 4.890   -0.514  -11.197 1.00 13.18 ? 84  PHE A C   1 
ATOM   587  O  O   . PHE A 1 106 ? 4.050   0.250   -10.735 1.00 14.62 ? 84  PHE A O   1 
ATOM   588  C  CB  . PHE A 1 106 ? 5.302   -1.890  -9.227  1.00 13.94 ? 84  PHE A CB  1 
ATOM   589  C  CG  . PHE A 1 106 ? 6.290   -2.644  -8.354  1.00 11.02 ? 84  PHE A CG  1 
ATOM   590  C  CD1 . PHE A 1 106 ? 6.563   -3.988  -8.609  1.00 13.79 ? 84  PHE A CD1 1 
ATOM   591  C  CD2 . PHE A 1 106 ? 6.960   -1.988  -7.319  1.00 14.84 ? 84  PHE A CD2 1 
ATOM   592  C  CE1 . PHE A 1 106 ? 7.500   -4.693  -7.837  1.00 14.47 ? 84  PHE A CE1 1 
ATOM   593  C  CE2 . PHE A 1 106 ? 7.910   -2.678  -6.551  1.00 13.78 ? 84  PHE A CE2 1 
ATOM   594  C  CZ  . PHE A 1 106 ? 8.157   -4.028  -6.827  1.00 14.59 ? 84  PHE A CZ  1 
ATOM   595  N  N   . GLU A 1 107 ? 4.906   -0.962  -12.439 1.00 15.19 ? 85  GLU A N   1 
ATOM   596  C  CA  . GLU A 1 107 ? 3.844   -0.596  -13.383 1.00 16.34 ? 85  GLU A CA  1 
ATOM   597  C  C   . GLU A 1 107 ? 2.712   -1.623  -13.440 1.00 16.22 ? 85  GLU A C   1 
ATOM   598  O  O   . GLU A 1 107 ? 2.953   -2.852  -13.494 1.00 15.49 ? 85  GLU A O   1 
ATOM   599  C  CB  . GLU A 1 107 ? 4.398   -0.439  -14.783 1.00 16.41 ? 85  GLU A CB  1 
ATOM   600  C  CG  . GLU A 1 107 ? 5.181   0.816   -14.987 1.00 21.02 ? 85  GLU A CG  1 
ATOM   601  C  CD  . GLU A 1 107 ? 5.885   0.833   -16.333 1.00 22.54 ? 85  GLU A CD  1 
ATOM   602  O  OE1 . GLU A 1 107 ? 5.321   0.251   -17.300 1.00 21.22 ? 85  GLU A OE1 1 
ATOM   603  O  OE2 . GLU A 1 107 ? 7.045   1.358   -16.341 1.00 29.75 ? 85  GLU A OE2 1 
ATOM   604  N  N   . ASN A 1 108 ? 1.488   -1.122  -13.540 1.00 16.40 ? 86  ASN A N   1 
ATOM   605  C  CA  . ASN A 1 108 ? 0.376   -1.948  -13.938 1.00 17.63 ? 86  ASN A CA  1 
ATOM   606  C  C   . ASN A 1 108 ? 0.014   -1.476  -15.371 1.00 18.68 ? 86  ASN A C   1 
ATOM   607  O  O   . ASN A 1 108 ? -0.581  -0.412  -15.536 1.00 17.70 ? 86  ASN A O   1 
ATOM   608  C  CB  . ASN A 1 108 ? -0.775  -1.828  -12.978 1.00 17.13 ? 86  ASN A CB  1 
ATOM   609  C  CG  . ASN A 1 108 ? -1.927  -2.702  -13.339 1.00 19.55 ? 86  ASN A CG  1 
ATOM   610  O  OD1 . ASN A 1 108 ? -2.262  -2.863  -14.519 1.00 20.42 ? 86  ASN A OD1 1 
ATOM   611  N  ND2 . ASN A 1 108 ? -2.597  -3.241  -12.314 1.00 22.91 ? 86  ASN A ND2 1 
ATOM   612  N  N   . GLN A 1 109 ? 0.385   -2.285  -16.370 1.00 19.46 ? 87  GLN A N   1 
ATOM   613  C  CA  . GLN A 1 109 ? 0.230   -1.909  -17.815 1.00 21.93 ? 87  GLN A CA  1 
ATOM   614  C  C   . GLN A 1 109 ? -1.261  -1.805  -18.157 1.00 22.42 ? 87  GLN A C   1 
ATOM   615  O  O   . GLN A 1 109 ? -1.719  -0.865  -18.785 1.00 22.68 ? 87  GLN A O   1 
ATOM   616  C  CB  . GLN A 1 109 ? 1.012   -2.858  -18.755 1.00 22.26 ? 87  GLN A CB  1 
ATOM   617  C  CG  . GLN A 1 109 ? 2.591   -2.600  -18.657 1.00 27.11 ? 87  GLN A CG  1 
ATOM   618  C  CD  . GLN A 1 109 ? 3.498   -2.862  -19.961 1.00 27.81 ? 87  GLN A CD  1 
ATOM   619  O  OE1 . GLN A 1 109 ? 4.259   -1.946  -20.424 1.00 28.23 ? 87  GLN A OE1 1 
ATOM   620  N  NE2 . GLN A 1 109 ? 3.470   -4.126  -20.490 1.00 33.99 ? 87  GLN A NE2 1 
ATOM   621  N  N   . GLU A 1 110 ? -2.004  -2.749  -17.604 1.00 22.87 ? 88  GLU A N   1 
ATOM   622  C  CA  . GLU A 1 110 ? -3.429  -2.896  -17.782 1.00 24.80 ? 88  GLU A CA  1 
ATOM   623  C  C   . GLU A 1 110 ? -4.188  -1.652  -17.310 1.00 24.09 ? 88  GLU A C   1 
ATOM   624  O  O   . GLU A 1 110 ? -5.063  -1.145  -18.013 1.00 25.30 ? 88  GLU A O   1 
ATOM   625  C  CB  . GLU A 1 110 ? -3.834  -4.155  -16.985 1.00 25.73 ? 88  GLU A CB  1 
ATOM   626  C  CG  . GLU A 1 110 ? -5.112  -4.830  -17.315 1.00 30.15 ? 88  GLU A CG  1 
ATOM   627  C  CD  . GLU A 1 110 ? -5.146  -6.332  -16.819 1.00 32.22 ? 88  GLU A CD  1 
ATOM   628  O  OE1 . GLU A 1 110 ? -4.170  -6.833  -16.172 1.00 35.53 ? 88  GLU A OE1 1 
ATOM   629  O  OE2 . GLU A 1 110 ? -6.169  -7.018  -17.099 1.00 40.95 ? 88  GLU A OE2 1 
ATOM   630  N  N   . ARG A 1 111 ? -3.836  -1.151  -16.130 1.00 21.78 ? 89  ARG A N   1 
ATOM   631  C  CA  . ARG A 1 111 ? -4.534  -0.052  -15.499 1.00 21.69 ? 89  ARG A CA  1 
ATOM   632  C  C   . ARG A 1 111 ? -3.796  1.282   -15.668 1.00 19.79 ? 89  ARG A C   1 
ATOM   633  O  O   . ARG A 1 111 ? -4.318  2.316   -15.303 1.00 19.97 ? 89  ARG A O   1 
ATOM   634  C  CB  . ARG A 1 111 ? -4.713  -0.341  -14.021 1.00 22.47 ? 89  ARG A CB  1 
ATOM   635  C  CG  . ARG A 1 111 ? -5.395  -1.666  -13.759 1.00 27.98 ? 89  ARG A CG  1 
ATOM   636  C  CD  . ARG A 1 111 ? -6.631  -1.845  -14.628 1.00 35.40 ? 89  ARG A CD  1 
ATOM   637  N  NE  . ARG A 1 111 ? -7.676  -0.865  -14.341 1.00 38.33 ? 89  ARG A NE  1 
ATOM   638  C  CZ  . ARG A 1 111 ? -8.778  -0.660  -15.080 1.00 40.31 ? 89  ARG A CZ  1 
ATOM   639  N  NH1 . ARG A 1 111 ? -9.019  -1.363  -16.197 1.00 43.01 ? 89  ARG A NH1 1 
ATOM   640  N  NH2 . ARG A 1 111 ? -9.661  0.262   -14.690 1.00 42.26 ? 89  ARG A NH2 1 
ATOM   641  N  N   . LYS A 1 112 ? -2.620  1.230   -16.263 1.00 19.27 ? 90  LYS A N   1 
ATOM   642  C  CA  . LYS A 1 112 ? -1.856  2.436   -16.638 1.00 20.52 ? 90  LYS A CA  1 
ATOM   643  C  C   . LYS A 1 112 ? -1.461  3.267   -15.425 1.00 18.13 ? 90  LYS A C   1 
ATOM   644  O  O   . LYS A 1 112 ? -1.697  4.470   -15.326 1.00 17.74 ? 90  LYS A O   1 
ATOM   645  C  CB  . LYS A 1 112 ? -2.626  3.290   -17.663 1.00 19.90 ? 90  LYS A CB  1 
ATOM   646  C  CG  . LYS A 1 112 ? -2.503  2.793   -19.096 1.00 26.48 ? 90  LYS A CG  1 
ATOM   647  C  CD  . LYS A 1 112 ? -2.475  3.980   -20.136 1.00 26.91 ? 90  LYS A CD  1 
ATOM   648  C  CE  . LYS A 1 112 ? -1.442  5.100   -19.770 1.00 32.33 ? 90  LYS A CE  1 
ATOM   649  N  NZ  . LYS A 1 112 ? -0.961  5.958   -20.915 1.00 31.23 ? 90  LYS A NZ  1 
ATOM   650  N  N   . HIS A 1 113 ? -0.886  2.591   -14.455 1.00 16.36 ? 91  HIS A N   1 
ATOM   651  C  CA  . HIS A 1 113 ? -0.344  3.315   -13.310 1.00 14.63 ? 91  HIS A CA  1 
ATOM   652  C  C   . HIS A 1 113 ? 0.965   2.777   -12.854 1.00 14.88 ? 91  HIS A C   1 
ATOM   653  O  O   . HIS A 1 113 ? 1.357   1.649   -13.171 1.00 15.32 ? 91  HIS A O   1 
ATOM   654  C  CB  . HIS A 1 113 ? -1.313  3.472   -12.122 1.00 15.08 ? 91  HIS A CB  1 
ATOM   655  C  CG  . HIS A 1 113 ? -1.888  2.192   -11.592 1.00 16.03 ? 91  HIS A CG  1 
ATOM   656  N  ND1 . HIS A 1 113 ? -1.134  1.208   -10.968 1.00 14.99 ? 91  HIS A ND1 1 
ATOM   657  C  CD2 . HIS A 1 113 ? -3.179  1.801   -11.495 1.00 17.17 ? 91  HIS A CD2 1 
ATOM   658  C  CE1 . HIS A 1 113 ? -1.952  0.227   -10.594 1.00 15.76 ? 91  HIS A CE1 1 
ATOM   659  N  NE2 . HIS A 1 113 ? -3.196  0.565   -10.905 1.00 19.24 ? 91  HIS A NE2 1 
ATOM   660  N  N   . ARG A 1 114 ? 1.658   3.642   -12.159 1.00 14.07 ? 92  ARG A N   1 
ATOM   661  C  CA  . ARG A 1 114 ? 3.018   3.367   -11.786 1.00 14.31 ? 92  ARG A CA  1 
ATOM   662  C  C   . ARG A 1 114 ? 3.246   3.770   -10.320 1.00 13.78 ? 92  ARG A C   1 
ATOM   663  O  O   . ARG A 1 114 ? 3.060   4.919   -9.947  1.00 11.64 ? 92  ARG A O   1 
ATOM   664  C  CB  . ARG A 1 114 ? 3.949   4.103   -12.730 1.00 15.28 ? 92  ARG A CB  1 
ATOM   665  C  CG  . ARG A 1 114 ? 5.454   3.913   -12.417 1.00 14.86 ? 92  ARG A CG  1 
ATOM   666  C  CD  . ARG A 1 114 ? 6.343   4.627   -13.492 1.00 17.23 ? 92  ARG A CD  1 
ATOM   667  N  NE  . ARG A 1 114 ? 6.163   4.073   -14.834 1.00 21.31 ? 92  ARG A NE  1 
ATOM   668  C  CZ  . ARG A 1 114 ? 5.612   4.673   -15.899 1.00 22.72 ? 92  ARG A CZ  1 
ATOM   669  N  NH1 . ARG A 1 114 ? 5.207   5.943   -15.880 1.00 23.21 ? 92  ARG A NH1 1 
ATOM   670  N  NH2 . ARG A 1 114 ? 5.556   4.003   -17.055 1.00 20.95 ? 92  ARG A NH2 1 
ATOM   671  N  N   . THR A 1 115 ? 3.654   2.788   -9.519  1.00 13.50 ? 93  THR A N   1 
ATOM   672  C  CA  . THR A 1 115 ? 3.587   2.872   -8.062  1.00 11.73 ? 93  THR A CA  1 
ATOM   673  C  C   . THR A 1 115 ? 4.944   2.742   -7.382  1.00 10.98 ? 93  THR A C   1 
ATOM   674  O  O   . THR A 1 115 ? 5.692   1.724   -7.575  1.00 11.55 ? 93  THR A O   1 
ATOM   675  C  CB  . THR A 1 115 ? 2.582   1.779   -7.464  1.00 12.19 ? 93  THR A CB  1 
ATOM   676  O  OG1 . THR A 1 115 ? 1.306   1.949   -8.036  1.00 12.33 ? 93  THR A OG1 1 
ATOM   677  C  CG2 . THR A 1 115 ? 2.465   1.837   -5.883  1.00 11.89 ? 93  THR A CG2 1 
ATOM   678  N  N   . TYR A 1 116 ? 5.310   3.777   -6.639  1.00 10.45 ? 94  TYR A N   1 
ATOM   679  C  CA  . TYR A 1 116 ? 6.542   3.652   -5.795  1.00 11.47 ? 94  TYR A CA  1 
ATOM   680  C  C   . TYR A 1 116 ? 6.131   2.880   -4.552  1.00 12.14 ? 94  TYR A C   1 
ATOM   681  O  O   . TYR A 1 116 ? 5.234   3.304   -3.824  1.00 13.12 ? 94  TYR A O   1 
ATOM   682  C  CB  . TYR A 1 116 ? 7.037   5.010   -5.341  1.00 14.37 ? 94  TYR A CB  1 
ATOM   683  C  CG  . TYR A 1 116 ? 7.762   5.824   -6.388  1.00 14.39 ? 94  TYR A CG  1 
ATOM   684  C  CD1 . TYR A 1 116 ? 9.098   6.146   -6.210  1.00 17.46 ? 94  TYR A CD1 1 
ATOM   685  C  CD2 . TYR A 1 116 ? 7.141   6.275   -7.518  1.00 15.11 ? 94  TYR A CD2 1 
ATOM   686  C  CE1 . TYR A 1 116 ? 9.780   6.884   -7.124  1.00 16.86 ? 94  TYR A CE1 1 
ATOM   687  C  CE2 . TYR A 1 116 ? 7.824   7.048   -8.465  1.00 17.46 ? 94  TYR A CE2 1 
ATOM   688  C  CZ  . TYR A 1 116 ? 9.163   7.343   -8.231  1.00 18.35 ? 94  TYR A CZ  1 
ATOM   689  O  OH  . TYR A 1 116 ? 9.848   8.103   -9.109  1.00 21.57 ? 94  TYR A OH  1 
ATOM   690  N  N   . VAL A 1 117 ? 6.885   1.833   -4.228  1.00 11.57 ? 95  VAL A N   1 
ATOM   691  C  CA  . VAL A 1 117 ? 6.560   1.007   -3.111  1.00 11.86 ? 95  VAL A CA  1 
ATOM   692  C  C   . VAL A 1 117 ? 7.691   1.084   -2.068  1.00 12.91 ? 95  VAL A C   1 
ATOM   693  O  O   . VAL A 1 117 ? 8.851   0.770   -2.403  1.00 13.78 ? 95  VAL A O   1 
ATOM   694  C  CB  . VAL A 1 117 ? 6.359   -0.485  -3.594  1.00 12.04 ? 95  VAL A CB  1 
ATOM   695  C  CG1 . VAL A 1 117 ? 6.262   -1.449  -2.410  1.00 13.33 ? 95  VAL A CG1 1 
ATOM   696  C  CG2 . VAL A 1 117 ? 5.088   -0.573  -4.505  1.00 12.45 ? 95  VAL A CG2 1 
ATOM   697  N  N   . TYR A 1 118 ? 7.338   1.526   -0.860  1.00 11.61 ? 96  TYR A N   1 
ATOM   698  C  CA  . TYR A 1 118 ? 8.284   1.604   0.285   1.00 12.89 ? 96  TYR A CA  1 
ATOM   699  C  C   . TYR A 1 118 ? 7.985   0.615   1.383   1.00 13.65 ? 96  TYR A C   1 
ATOM   700  O  O   . TYR A 1 118 ? 6.847   0.143   1.512   1.00 13.33 ? 96  TYR A O   1 
ATOM   701  C  CB  . TYR A 1 118 ? 8.230   2.969   0.939   1.00 14.51 ? 96  TYR A CB  1 
ATOM   702  C  CG  . TYR A 1 118 ? 8.624   4.081   0.049   1.00 12.84 ? 96  TYR A CG  1 
ATOM   703  C  CD1 . TYR A 1 118 ? 9.938   4.552   0.072   1.00 17.47 ? 96  TYR A CD1 1 
ATOM   704  C  CD2 . TYR A 1 118 ? 7.718   4.641   -0.864  1.00 15.07 ? 96  TYR A CD2 1 
ATOM   705  C  CE1 . TYR A 1 118 ? 10.345  5.586   -0.749  1.00 16.28 ? 96  TYR A CE1 1 
ATOM   706  C  CE2 . TYR A 1 118 ? 8.117   5.699   -1.681  1.00 14.18 ? 96  TYR A CE2 1 
ATOM   707  C  CZ  . TYR A 1 118 ? 9.441   6.126   -1.644  1.00 17.12 ? 96  TYR A CZ  1 
ATOM   708  O  OH  . TYR A 1 118 ? 9.942   7.117   -2.434  1.00 19.07 ? 96  TYR A OH  1 
ATOM   709  N  N   . VAL A 1 119 ? 9.032   0.243   2.128   1.00 12.15 ? 97  VAL A N   1 
ATOM   710  C  CA  . VAL A 1 119 ? 8.894   -0.500  3.382   1.00 13.70 ? 97  VAL A CA  1 
ATOM   711  C  C   . VAL A 1 119 ? 8.490   0.533   4.452   1.00 14.26 ? 97  VAL A C   1 
ATOM   712  O  O   . VAL A 1 119 ? 9.025   1.666   4.514   1.00 14.29 ? 97  VAL A O   1 
ATOM   713  C  CB  . VAL A 1 119 ? 10.209  -1.184  3.773   1.00 13.70 ? 97  VAL A CB  1 
ATOM   714  C  CG1 . VAL A 1 119 ? 10.218  -1.681  5.258   1.00 14.54 ? 97  VAL A CG1 1 
ATOM   715  C  CG2 . VAL A 1 119 ? 10.570  -2.298  2.774   1.00 12.76 ? 97  VAL A CG2 1 
ATOM   716  N  N   . LEU A 1 120 ? 7.495   0.154   5.247   1.00 13.35 ? 98  LEU A N   1 
ATOM   717  C  CA  . LEU A 1 120 ? 7.133   0.893   6.449   1.00 14.32 ? 98  LEU A CA  1 
ATOM   718  C  C   . LEU A 1 120 ? 7.064   -0.044  7.649   1.00 13.65 ? 98  LEU A C   1 
ATOM   719  O  O   . LEU A 1 120 ? 6.378   -1.050  7.636   1.00 13.03 ? 98  LEU A O   1 
ATOM   720  C  CB  . LEU A 1 120 ? 5.813   1.608   6.272   1.00 14.78 ? 98  LEU A CB  1 
ATOM   721  C  CG  . LEU A 1 120 ? 5.329   2.407   7.505   1.00 15.67 ? 98  LEU A CG  1 
ATOM   722  C  CD1 . LEU A 1 120 ? 6.117   3.714   7.673   1.00 17.38 ? 98  LEU A CD1 1 
ATOM   723  C  CD2 . LEU A 1 120 ? 3.822   2.677   7.485   1.00 17.08 ? 98  LEU A CD2 1 
ATOM   724  N  N   . ILE A 1 121 ? 7.846   0.252   8.663   1.00 13.64 ? 99  ILE A N   1 
ATOM   725  C  CA  . ILE A 1 121 ? 7.794   -0.538  9.888   1.00 14.10 ? 99  ILE A CA  1 
ATOM   726  C  C   . ILE A 1 121 ? 6.774   0.106   10.837  1.00 14.16 ? 99  ILE A C   1 
ATOM   727  O  O   . ILE A 1 121 ? 6.956   1.204   11.339  1.00 12.74 ? 99  ILE A O   1 
ATOM   728  C  CB  . ILE A 1 121 ? 9.184   -0.711  10.567  1.00 13.63 ? 99  ILE A CB  1 
ATOM   729  C  CG1 . ILE A 1 121 ? 10.196  -1.278  9.558   1.00 16.01 ? 99  ILE A CG1 1 
ATOM   730  C  CG2 . ILE A 1 121 ? 9.063   -1.569  11.849  1.00 14.53 ? 99  ILE A CG2 1 
ATOM   731  C  CD1 . ILE A 1 121 ? 9.744   -2.571  8.896   1.00 17.55 ? 99  ILE A CD1 1 
ATOM   732  N  N   . VAL A 1 122 ? 5.663   -0.581  11.026  1.00 14.78 ? 100 VAL A N   1 
ATOM   733  C  CA  . VAL A 1 122 ? 4.514   -0.046  11.807  1.00 15.05 ? 100 VAL A CA  1 
ATOM   734  C  C   . VAL A 1 122 ? 4.857   0.092   13.288  1.00 15.32 ? 100 VAL A C   1 
ATOM   735  O  O   . VAL A 1 122 ? 5.311   -0.869  13.952  1.00 15.17 ? 100 VAL A O   1 
ATOM   736  C  CB  . VAL A 1 122 ? 3.239   -0.889  11.572  1.00 16.13 ? 100 VAL A CB  1 
ATOM   737  C  CG1 . VAL A 1 122 ? 2.076   -0.398  12.491  1.00 14.60 ? 100 VAL A CG1 1 
ATOM   738  C  CG2 . VAL A 1 122 ? 2.795   -0.771  10.096  1.00 14.85 ? 100 VAL A CG2 1 
ATOM   739  N  N   . THR A 1 123 ? 4.700   1.327   13.781  1.00 14.89 ? 101 THR A N   1 
ATOM   740  C  CA  . THR A 1 123 ? 4.802   1.600   15.218  1.00 15.66 ? 101 THR A CA  1 
ATOM   741  C  C   . THR A 1 123 ? 3.548   2.144   15.884  1.00 15.41 ? 101 THR A C   1 
ATOM   742  O  O   . THR A 1 123 ? 3.520   2.243   17.087  1.00 17.31 ? 101 THR A O   1 
ATOM   743  C  CB  . THR A 1 123 ? 5.945   2.563   15.532  1.00 15.10 ? 101 THR A CB  1 
ATOM   744  O  OG1 . THR A 1 123 ? 5.626   3.833   14.991  1.00 12.98 ? 101 THR A OG1 1 
ATOM   745  C  CG2 . THR A 1 123 ? 7.321   2.060   15.023  1.00 16.68 ? 101 THR A CG2 1 
ATOM   746  N  N   A GLU A 1 124 ? 2.530   2.553   15.118  0.50 15.40 ? 102 GLU A N   1 
ATOM   747  N  N   B GLU A 1 124 ? 2.514   2.434   15.097  0.50 14.98 ? 102 GLU A N   1 
ATOM   748  C  CA  A GLU A 1 124 ? 1.311   3.094   15.712  0.50 15.29 ? 102 GLU A CA  1 
ATOM   749  C  CA  B GLU A 1 124 ? 1.315   3.026   15.614  0.50 14.57 ? 102 GLU A CA  1 
ATOM   750  C  C   A GLU A 1 124 ? 0.124   2.524   14.926  0.50 14.57 ? 102 GLU A C   1 
ATOM   751  C  C   B GLU A 1 124 ? 0.162   2.389   14.879  0.50 14.04 ? 102 GLU A C   1 
ATOM   752  O  O   A GLU A 1 124 ? 0.063   2.683   13.725  0.50 13.05 ? 102 GLU A O   1 
ATOM   753  O  O   B GLU A 1 124 ? 0.160   2.359   13.669  0.50 12.46 ? 102 GLU A O   1 
ATOM   754  C  CB  A GLU A 1 124 ? 1.307   4.636   15.694  0.50 15.44 ? 102 GLU A CB  1 
ATOM   755  C  CB  B GLU A 1 124 ? 1.325   4.509   15.326  0.50 14.43 ? 102 GLU A CB  1 
ATOM   756  C  CG  A GLU A 1 124 ? 2.630   5.289   16.216  0.50 16.33 ? 102 GLU A CG  1 
ATOM   757  C  CG  B GLU A 1 124 ? 0.026   5.199   15.579  0.50 14.49 ? 102 GLU A CG  1 
ATOM   758  C  CD  A GLU A 1 124 ? 2.558   6.797   16.558  0.50 16.86 ? 102 GLU A CD  1 
ATOM   759  C  CD  B GLU A 1 124 ? 0.131   6.702   15.493  0.50 13.67 ? 102 GLU A CD  1 
ATOM   760  O  OE1 A GLU A 1 124 ? 1.611   7.453   16.103  0.50 17.14 ? 102 GLU A OE1 1 
ATOM   761  O  OE1 B GLU A 1 124 ? 1.233   7.239   15.279  0.50 15.03 ? 102 GLU A OE1 1 
ATOM   762  O  OE2 A GLU A 1 124 ? 3.482   7.317   17.279  0.50 14.84 ? 102 GLU A OE2 1 
ATOM   763  O  OE2 B GLU A 1 124 ? -0.924  7.347   15.580  0.50 22.56 ? 102 GLU A OE2 1 
ATOM   764  N  N   . VAL A 1 125 ? -0.782  1.852   15.626  1.00 14.57 ? 103 VAL A N   1 
ATOM   765  C  CA  . VAL A 1 125 ? -2.009  1.305   15.051  1.00 15.13 ? 103 VAL A CA  1 
ATOM   766  C  C   . VAL A 1 125 ? -3.173  2.122   15.631  1.00 16.53 ? 103 VAL A C   1 
ATOM   767  O  O   . VAL A 1 125 ? -3.469  2.054   16.819  1.00 14.16 ? 103 VAL A O   1 
ATOM   768  C  CB  . VAL A 1 125 ? -2.139  -0.194  15.337  1.00 16.29 ? 103 VAL A CB  1 
ATOM   769  C  CG1 . VAL A 1 125 ? -3.417  -0.774  14.746  1.00 16.49 ? 103 VAL A CG1 1 
ATOM   770  C  CG2 . VAL A 1 125 ? -0.862  -0.961  14.802  1.00 13.82 ? 103 VAL A CG2 1 
ATOM   771  N  N   . LEU A 1 126 ? -3.808  2.899   14.760  1.00 16.02 ? 104 LEU A N   1 
ATOM   772  C  CA  . LEU A 1 126 ? -4.892  3.792   15.158  1.00 18.19 ? 104 LEU A CA  1 
ATOM   773  C  C   . LEU A 1 126 ? -6.219  3.120   15.019  1.00 20.47 ? 104 LEU A C   1 
ATOM   774  O  O   . LEU A 1 126 ? -6.433  2.353   14.095  1.00 19.99 ? 104 LEU A O   1 
ATOM   775  C  CB  . LEU A 1 126 ? -4.884  5.055   14.296  1.00 18.82 ? 104 LEU A CB  1 
ATOM   776  C  CG  . LEU A 1 126 ? -3.567  5.770   14.489  1.00 20.27 ? 104 LEU A CG  1 
ATOM   777  C  CD1 . LEU A 1 126 ? -3.458  7.062   13.690  1.00 26.87 ? 104 LEU A CD1 1 
ATOM   778  C  CD2 . LEU A 1 126 ? -3.357  5.999   16.033  1.00 26.38 ? 104 LEU A CD2 1 
ATOM   779  N  N   . GLU A 1 127 ? -7.127  3.414   15.933  1.00 21.53 ? 105 GLU A N   1 
ATOM   780  C  CA  . GLU A 1 127 ? -8.508  2.965   15.749  1.00 24.23 ? 105 GLU A CA  1 
ATOM   781  C  C   . GLU A 1 127 ? -9.246  4.106   14.992  1.00 24.16 ? 105 GLU A C   1 
ATOM   782  O  O   . GLU A 1 127 ? -8.781  5.251   14.944  1.00 26.49 ? 105 GLU A O   1 
ATOM   783  C  CB  . GLU A 1 127 ? -9.149  2.592   17.099  1.00 24.36 ? 105 GLU A CB  1 
ATOM   784  C  CG  . GLU A 1 127 ? -8.261  1.771   18.057  1.00 28.00 ? 105 GLU A CG  1 
ATOM   785  C  CD  . GLU A 1 127 ? -7.495  0.562   17.424  1.00 31.71 ? 105 GLU A CD  1 
ATOM   786  O  OE1 . GLU A 1 127 ? -8.100  -0.118  16.598  1.00 28.80 ? 105 GLU A OE1 1 
ATOM   787  O  OE2 . GLU A 1 127 ? -6.284  0.277   17.784  1.00 32.43 ? 105 GLU A OE2 1 
ATOM   788  N  N   . ASP A 1 128 ? -10.347 3.766   14.319  1.00 25.64 ? 106 ASP A N   1 
ATOM   789  C  CA  . ASP A 1 128 ? -11.219 4.791   13.688  1.00 25.95 ? 106 ASP A CA  1 
ATOM   790  C  C   . ASP A 1 128 ? -10.578 5.703   12.655  1.00 26.31 ? 106 ASP A C   1 
ATOM   791  O  O   . ASP A 1 128 ? -10.945 6.889   12.572  1.00 28.48 ? 106 ASP A O   1 
ATOM   792  C  CB  . ASP A 1 128 ? -11.911 5.655   14.749  1.00 26.64 ? 106 ASP A CB  1 
ATOM   793  C  CG  . ASP A 1 128 ? -12.565 4.812   15.800  1.00 30.21 ? 106 ASP A CG  1 
ATOM   794  O  OD1 . ASP A 1 128 ? -13.103 3.734   15.418  1.00 35.94 ? 106 ASP A OD1 1 
ATOM   795  O  OD2 . ASP A 1 128 ? -12.499 5.205   16.987  1.00 37.58 ? 106 ASP A OD2 1 
ATOM   796  N  N   . TRP A 1 129 ? -9.766  5.123   11.807  1.00 22.73 ? 107 TRP A N   1 
ATOM   797  C  CA  . TRP A 1 129 ? -9.038  5.888   10.763  1.00 22.68 ? 107 TRP A CA  1 
ATOM   798  C  C   . TRP A 1 129 ? -9.943  6.298   9.587   1.00 21.76 ? 107 TRP A C   1 
ATOM   799  O  O   . TRP A 1 129 ? -11.103 5.869   9.518   1.00 22.77 ? 107 TRP A O   1 
ATOM   800  C  CB  . TRP A 1 129 ? -7.816  5.093   10.284  1.00 20.39 ? 107 TRP A CB  1 
ATOM   801  C  CG  . TRP A 1 129 ? -8.129  3.852   9.502   1.00 19.04 ? 107 TRP A CG  1 
ATOM   802  C  CD1 . TRP A 1 129 ? -8.068  3.719   8.156   1.00 17.89 ? 107 TRP A CD1 1 
ATOM   803  C  CD2 . TRP A 1 129 ? -8.518  2.558   10.011  1.00 17.79 ? 107 TRP A CD2 1 
ATOM   804  N  NE1 . TRP A 1 129 ? -8.376  2.448   7.788   1.00 17.43 ? 107 TRP A NE1 1 
ATOM   805  C  CE2 . TRP A 1 129 ? -8.676  1.707   8.890   1.00 17.22 ? 107 TRP A CE2 1 
ATOM   806  C  CE3 . TRP A 1 129 ? -8.722  2.027   11.297  1.00 16.68 ? 107 TRP A CE3 1 
ATOM   807  C  CZ2 . TRP A 1 129 ? -9.073  0.372   9.015   1.00 17.15 ? 107 TRP A CZ2 1 
ATOM   808  C  CZ3 . TRP A 1 129 ? -9.122  0.710   11.419  1.00 18.51 ? 107 TRP A CZ3 1 
ATOM   809  C  CH2 . TRP A 1 129 ? -9.273  -0.121  10.293  1.00 19.03 ? 107 TRP A CH2 1 
ATOM   810  N  N   . GLU A 1 130 ? -9.406  7.096   8.664   1.00 22.38 ? 108 GLU A N   1 
ATOM   811  C  CA  . GLU A 1 130 ? -10.236 7.713   7.627   1.00 22.80 ? 108 GLU A CA  1 
ATOM   812  C  C   . GLU A 1 130 ? -11.140 6.734   6.898   1.00 22.84 ? 108 GLU A C   1 
ATOM   813  O  O   . GLU A 1 130 ? -12.368 6.893   6.863   1.00 21.66 ? 108 GLU A O   1 
ATOM   814  C  CB  . GLU A 1 130 ? -9.359  8.458   6.635   1.00 23.68 ? 108 GLU A CB  1 
ATOM   815  C  CG  . GLU A 1 130 ? -10.120 9.145   5.518   1.00 24.67 ? 108 GLU A CG  1 
ATOM   816  C  CD  . GLU A 1 130 ? -9.236  10.144  4.766   1.00 24.35 ? 108 GLU A CD  1 
ATOM   817  O  OE1 . GLU A 1 130 ? -8.526  10.934  5.432   1.00 31.62 ? 108 GLU A OE1 1 
ATOM   818  O  OE2 . GLU A 1 130 ? -9.226  10.117  3.520   1.00 26.78 ? 108 GLU A OE2 1 
ATOM   819  N  N   . ASP A 1 131 ? -10.535 5.699   6.332   1.00 20.82 ? 109 ASP A N   1 
ATOM   820  C  CA  . ASP A 1 131 ? -11.339 4.779   5.538   1.00 21.12 ? 109 ASP A CA  1 
ATOM   821  C  C   . ASP A 1 131 ? -12.175 3.817   6.354   1.00 20.65 ? 109 ASP A C   1 
ATOM   822  O  O   . ASP A 1 131 ? -13.177 3.289   5.846   1.00 20.41 ? 109 ASP A O   1 
ATOM   823  C  CB  . ASP A 1 131 ? -10.433 4.034   4.587   1.00 20.73 ? 109 ASP A CB  1 
ATOM   824  C  CG  . ASP A 1 131 ? -10.104 4.837   3.360   1.00 18.78 ? 109 ASP A CG  1 
ATOM   825  O  OD1 . ASP A 1 131 ? -10.544 6.009   3.168   1.00 17.68 ? 109 ASP A OD1 1 
ATOM   826  O  OD2 . ASP A 1 131 ? -9.414  4.309   2.526   1.00 14.85 ? 109 ASP A OD2 1 
ATOM   827  N  N   . SER A 1 132 ? -11.779 3.550   7.595   1.00 22.58 ? 110 SER A N   1 
ATOM   828  C  CA  . SER A 1 132 ? -12.630 2.737   8.461   1.00 23.81 ? 110 SER A CA  1 
ATOM   829  C  C   . SER A 1 132 ? -13.970 3.452   8.663   1.00 24.82 ? 110 SER A C   1 
ATOM   830  O  O   . SER A 1 132 ? -15.060 2.869   8.526   1.00 24.87 ? 110 SER A O   1 
ATOM   831  C  CB  . SER A 1 132 ? -11.986 2.551   9.831   1.00 24.57 ? 110 SER A CB  1 
ATOM   832  O  OG  . SER A 1 132 ? -12.834 1.812   10.649  1.00 28.04 ? 110 SER A OG  1 
ATOM   833  N  N   . VAL A 1 133 ? -13.873 4.732   8.984   1.00 25.64 ? 111 VAL A N   1 
ATOM   834  C  CA  . VAL A 1 133 ? -15.047 5.539   9.278   1.00 26.94 ? 111 VAL A CA  1 
ATOM   835  C  C   . VAL A 1 133 ? -15.838 5.777   7.990   1.00 27.70 ? 111 VAL A C   1 
ATOM   836  O  O   . VAL A 1 133 ? -17.056 5.598   7.965   1.00 28.53 ? 111 VAL A O   1 
ATOM   837  C  CB  . VAL A 1 133 ? -14.636 6.896   9.879   1.00 27.18 ? 111 VAL A CB  1 
ATOM   838  C  CG1 . VAL A 1 133 ? -15.862 7.866   9.929   1.00 29.18 ? 111 VAL A CG1 1 
ATOM   839  C  CG2 . VAL A 1 133 ? -14.001 6.705   11.267  1.00 28.05 ? 111 VAL A CG2 1 
ATOM   840  N  N   . ASN A 1 134 ? -15.149 6.132   6.912   1.00 27.91 ? 112 ASN A N   1 
ATOM   841  C  CA  . ASN A 1 134 ? -15.829 6.534   5.670   1.00 27.87 ? 112 ASN A CA  1 
ATOM   842  C  C   . ASN A 1 134 ? -16.343 5.416   4.800   1.00 28.14 ? 112 ASN A C   1 
ATOM   843  O  O   . ASN A 1 134 ? -17.390 5.587   4.193   1.00 30.24 ? 112 ASN A O   1 
ATOM   844  C  CB  . ASN A 1 134 ? -14.945 7.480   4.837   1.00 28.73 ? 112 ASN A CB  1 
ATOM   845  C  CG  . ASN A 1 134 ? -14.682 8.807   5.534   1.00 30.21 ? 112 ASN A CG  1 
ATOM   846  O  OD1 . ASN A 1 134 ? -15.369 9.172   6.481   1.00 35.30 ? 112 ASN A OD1 1 
ATOM   847  N  ND2 . ASN A 1 134 ? -13.671 9.530   5.071   1.00 34.44 ? 112 ASN A ND2 1 
ATOM   848  N  N   . ILE A 1 135 ? -15.617 4.316   4.648   1.00 27.23 ? 113 ILE A N   1 
ATOM   849  C  CA  . ILE A 1 135 ? -16.063 3.238   3.745   1.00 26.48 ? 113 ILE A CA  1 
ATOM   850  C  C   . ILE A 1 135 ? -16.057 1.848   4.390   1.00 25.68 ? 113 ILE A C   1 
ATOM   851  O  O   . ILE A 1 135 ? -16.260 0.811   3.726   1.00 25.67 ? 113 ILE A O   1 
ATOM   852  C  CB  . ILE A 1 135 ? -15.286 3.255   2.388   1.00 26.50 ? 113 ILE A CB  1 
ATOM   853  C  CG1 . ILE A 1 135 ? -13.765 3.042   2.556   1.00 26.65 ? 113 ILE A CG1 1 
ATOM   854  C  CG2 . ILE A 1 135 ? -15.501 4.576   1.642   1.00 27.18 ? 113 ILE A CG2 1 
ATOM   855  C  CD1 . ILE A 1 135 ? -13.115 2.672   1.251   1.00 26.60 ? 113 ILE A CD1 1 
ATOM   856  N  N   . GLY A 1 136 ? -15.806 1.818   5.688   1.00 24.61 ? 114 GLY A N   1 
ATOM   857  C  CA  . GLY A 1 136 ? -15.746 0.577   6.396   1.00 24.29 ? 114 GLY A CA  1 
ATOM   858  C  C   . GLY A 1 136 ? -14.617 -0.326  5.930   1.00 22.87 ? 114 GLY A C   1 
ATOM   859  O  O   . GLY A 1 136 ? -14.767 -1.541  5.899   1.00 22.08 ? 114 GLY A O   1 
ATOM   860  N  N   . ARG A 1 137 ? -13.492 0.272   5.513   1.00 22.31 ? 115 ARG A N   1 
ATOM   861  C  CA  . ARG A 1 137 ? -12.351 -0.552  5.072   1.00 22.00 ? 115 ARG A CA  1 
ATOM   862  C  C   . ARG A 1 137 ? -11.760 -1.315  6.253   1.00 21.35 ? 115 ARG A C   1 
ATOM   863  O  O   . ARG A 1 137 ? -11.580 -0.727  7.351   1.00 20.59 ? 115 ARG A O   1 
ATOM   864  C  CB  . ARG A 1 137 ? -11.265 0.296   4.407   1.00 22.06 ? 115 ARG A CB  1 
ATOM   865  C  CG  . ARG A 1 137 ? -10.482 -0.508  3.413   1.00 22.05 ? 115 ARG A CG  1 
ATOM   866  C  CD  . ARG A 1 137 ? -9.227  0.104   2.950   1.00 21.46 ? 115 ARG A CD  1 
ATOM   867  N  NE  . ARG A 1 137 ? -9.351  1.332   2.174   1.00 18.63 ? 115 ARG A NE  1 
ATOM   868  C  CZ  . ARG A 1 137 ? -9.320  1.390   0.839   1.00 15.67 ? 115 ARG A CZ  1 
ATOM   869  N  NH1 . ARG A 1 137 ? -9.362  0.286   0.082   1.00 15.73 ? 115 ARG A NH1 1 
ATOM   870  N  NH2 . ARG A 1 137 ? -9.337  2.583   0.246   1.00 19.10 ? 115 ARG A NH2 1 
ATOM   871  N  N   . LYS A 1 138 ? -11.478 -2.596  6.000   1.00 20.28 ? 116 LYS A N   1 
ATOM   872  C  CA  . LYS A 1 138 ? -10.873 -3.524  6.944   1.00 21.08 ? 116 LYS A CA  1 
ATOM   873  C  C   . LYS A 1 138 ? -9.344  -3.616  6.722   1.00 19.37 ? 116 LYS A C   1 
ATOM   874  O  O   . LYS A 1 138 ? -8.818  -3.272  5.657   1.00 17.20 ? 116 LYS A O   1 
ATOM   875  C  CB  . LYS A 1 138 ? -11.496 -4.932  6.755   1.00 23.19 ? 116 LYS A CB  1 
ATOM   876  C  CG  . LYS A 1 138 ? -12.997 -5.010  7.086   1.00 27.65 ? 116 LYS A CG  1 
ATOM   877  C  CD  . LYS A 1 138 ? -13.212 -5.040  8.627   1.00 33.93 ? 116 LYS A CD  1 
ATOM   878  C  CE  . LYS A 1 138 ? -14.445 -4.236  9.176   1.00 35.66 ? 116 LYS A CE  1 
ATOM   879  N  NZ  . LYS A 1 138 ? -15.817 -4.769  8.771   1.00 40.38 ? 116 LYS A NZ  1 
ATOM   880  N  N   . ARG A 1 139 ? -8.642  -4.108  7.741   1.00 17.85 ? 117 ARG A N   1 
ATOM   881  C  CA  . ARG A 1 139 ? -7.211  -4.396  7.646   1.00 17.10 ? 117 ARG A CA  1 
ATOM   882  C  C   . ARG A 1 139 ? -6.921  -5.654  8.435   1.00 18.07 ? 117 ARG A C   1 
ATOM   883  O  O   . ARG A 1 139 ? -7.647  -5.990  9.369   1.00 17.42 ? 117 ARG A O   1 
ATOM   884  C  CB  . ARG A 1 139 ? -6.360  -3.253  8.199   1.00 15.47 ? 117 ARG A CB  1 
ATOM   885  C  CG  . ARG A 1 139 ? -6.514  -3.073  9.716   1.00 16.96 ? 117 ARG A CG  1 
ATOM   886  C  CD  . ARG A 1 139 ? -6.080  -1.723  10.240  1.00 14.55 ? 117 ARG A CD  1 
ATOM   887  N  NE  . ARG A 1 139 ? -6.531  -1.581  11.612  1.00 15.55 ? 117 ARG A NE  1 
ATOM   888  C  CZ  . ARG A 1 139 ? -6.251  -0.539  12.417  1.00 14.51 ? 117 ARG A CZ  1 
ATOM   889  N  NH1 . ARG A 1 139 ? -5.571  0.483   11.971  1.00 15.24 ? 117 ARG A NH1 1 
ATOM   890  N  NH2 . ARG A 1 139 ? -6.760  -0.491  13.657  1.00 17.61 ? 117 ARG A NH2 1 
ATOM   891  N  N   . GLU A 1 140 ? -5.825  -6.289  8.080   1.00 18.18 ? 118 GLU A N   1 
ATOM   892  C  CA  . GLU A 1 140 ? -5.442  -7.588  8.615   1.00 18.43 ? 118 GLU A CA  1 
ATOM   893  C  C   . GLU A 1 140 ? -3.975  -7.883  8.348   1.00 17.83 ? 118 GLU A C   1 
ATOM   894  O  O   . GLU A 1 140 ? -3.443  -7.593  7.264   1.00 15.56 ? 118 GLU A O   1 
ATOM   895  C  CB  . GLU A 1 140 ? -6.302  -8.656  7.971   1.00 19.20 ? 118 GLU A CB  1 
ATOM   896  C  CG  . GLU A 1 140 ? -6.192  -10.034 8.553   1.00 19.70 ? 118 GLU A CG  1 
ATOM   897  C  CD  . GLU A 1 140 ? -7.395  -10.840 8.102   1.00 26.77 ? 118 GLU A CD  1 
ATOM   898  O  OE1 . GLU A 1 140 ? -8.556  -10.388 8.412   1.00 33.37 ? 118 GLU A OE1 1 
ATOM   899  O  OE2 . GLU A 1 140 ? -7.193  -11.929 7.468   1.00 33.53 ? 118 GLU A OE2 1 
ATOM   900  N  N   . TRP A 1 141 ? -3.347  -8.509  9.328   1.00 16.57 ? 119 TRP A N   1 
ATOM   901  C  CA  . TRP A 1 141 ? -1.950  -8.909  9.179   1.00 17.04 ? 119 TRP A CA  1 
ATOM   902  C  C   . TRP A 1 141 ? -1.887  -10.273 8.473   1.00 17.02 ? 119 TRP A C   1 
ATOM   903  O  O   . TRP A 1 141 ? -2.614  -11.218 8.867   1.00 17.48 ? 119 TRP A O   1 
ATOM   904  C  CB  . TRP A 1 141 ? -1.294  -9.097  10.557  1.00 17.85 ? 119 TRP A CB  1 
ATOM   905  C  CG  . TRP A 1 141 ? -1.141  -7.851  11.336  1.00 18.95 ? 119 TRP A CG  1 
ATOM   906  C  CD1 . TRP A 1 141 ? -1.825  -7.485  12.456  1.00 21.82 ? 119 TRP A CD1 1 
ATOM   907  C  CD2 . TRP A 1 141 ? -0.216  -6.777  11.058  1.00 20.09 ? 119 TRP A CD2 1 
ATOM   908  N  NE1 . TRP A 1 141 ? -1.392  -6.234  12.895  1.00 22.12 ? 119 TRP A NE1 1 
ATOM   909  C  CE2 . TRP A 1 141 ? -0.408  -5.789  12.046  1.00 21.16 ? 119 TRP A CE2 1 
ATOM   910  C  CE3 . TRP A 1 141 ? 0.754   -6.562  10.072  1.00 20.74 ? 119 TRP A CE3 1 
ATOM   911  C  CZ2 . TRP A 1 141 ? 0.340   -4.607  12.069  1.00 18.85 ? 119 TRP A CZ2 1 
ATOM   912  C  CZ3 . TRP A 1 141 ? 1.479   -5.372  10.089  1.00 18.54 ? 119 TRP A CZ3 1 
ATOM   913  C  CH2 . TRP A 1 141 ? 1.271   -4.426  11.078  1.00 19.45 ? 119 TRP A CH2 1 
ATOM   914  N  N   . PHE A 1 142 ? -0.942  -10.408 7.569   1.00 17.27 ? 120 PHE A N   1 
ATOM   915  C  CA  . PHE A 1 142 ? -0.702  -11.638 6.816   1.00 17.07 ? 120 PHE A CA  1 
ATOM   916  C  C   . PHE A 1 142 ? 0.752   -11.972 6.894   1.00 17.50 ? 120 PHE A C   1 
ATOM   917  O  O   . PHE A 1 142 ? 1.617   -11.100 6.737   1.00 15.63 ? 120 PHE A O   1 
ATOM   918  C  CB  . PHE A 1 142 ? -1.081  -11.414 5.337   1.00 17.37 ? 120 PHE A CB  1 
ATOM   919  C  CG  . PHE A 1 142 ? -2.547  -11.320 5.080   1.00 16.59 ? 120 PHE A CG  1 
ATOM   920  C  CD1 . PHE A 1 142 ? -3.250  -12.428 4.562   1.00 15.96 ? 120 PHE A CD1 1 
ATOM   921  C  CD2 . PHE A 1 142 ? -3.251  -10.126 5.292   1.00 16.67 ? 120 PHE A CD2 1 
ATOM   922  C  CE1 . PHE A 1 142 ? -4.608  -12.343 4.306   1.00 18.61 ? 120 PHE A CE1 1 
ATOM   923  C  CE2 . PHE A 1 142 ? -4.629  -10.063 5.049   1.00 17.37 ? 120 PHE A CE2 1 
ATOM   924  C  CZ  . PHE A 1 142 ? -5.283  -11.166 4.512   1.00 16.79 ? 120 PHE A CZ  1 
ATOM   925  N  N   . LYS A 1 143 ? 1.078   -13.244 7.141   1.00 17.39 ? 121 LYS A N   1 
ATOM   926  C  CA  . LYS A 1 143 ? 2.418   -13.700 6.838   1.00 18.98 ? 121 LYS A CA  1 
ATOM   927  C  C   . LYS A 1 143 ? 2.693   -13.402 5.374   1.00 18.50 ? 121 LYS A C   1 
ATOM   928  O  O   . LYS A 1 143 ? 1.774   -13.540 4.548   1.00 16.21 ? 121 LYS A O   1 
ATOM   929  C  CB  . LYS A 1 143 ? 2.539   -15.219 7.069   1.00 18.85 ? 121 LYS A CB  1 
ATOM   930  C  CG  . LYS A 1 143 ? 2.349   -15.658 8.562   1.00 23.90 ? 121 LYS A CG  1 
ATOM   931  C  CD  . LYS A 1 143 ? 2.645   -17.189 8.766   1.00 24.25 ? 121 LYS A CD  1 
ATOM   932  C  CE  . LYS A 1 143 ? 1.410   -18.076 8.569   1.00 31.84 ? 121 LYS A CE  1 
ATOM   933  N  NZ  . LYS A 1 143 ? 1.719   -19.578 8.764   1.00 33.79 ? 121 LYS A NZ  1 
ATOM   934  N  N   . ILE A 1 144 ? 3.934   -13.058 5.031   1.00 18.77 ? 122 ILE A N   1 
ATOM   935  C  CA  . ILE A 1 144 ? 4.264   -12.708 3.632   1.00 19.98 ? 122 ILE A CA  1 
ATOM   936  C  C   . ILE A 1 144 ? 3.729   -13.744 2.605   1.00 19.79 ? 122 ILE A C   1 
ATOM   937  O  O   . ILE A 1 144 ? 3.078   -13.382 1.606   1.00 19.36 ? 122 ILE A O   1 
ATOM   938  C  CB  . ILE A 1 144 ? 5.762   -12.527 3.410   1.00 20.30 ? 122 ILE A CB  1 
ATOM   939  C  CG1 . ILE A 1 144 ? 6.400   -11.528 4.399   1.00 21.83 ? 122 ILE A CG1 1 
ATOM   940  C  CG2 . ILE A 1 144 ? 6.061   -12.059 2.006   1.00 20.47 ? 122 ILE A CG2 1 
ATOM   941  C  CD1 . ILE A 1 144 ? 5.665   -10.299 4.569   1.00 20.29 ? 122 ILE A CD1 1 
ATOM   942  N  N   A GLU A 1 145 ? 3.992   -15.029 2.850   0.50 19.57 ? 123 GLU A N   1 
ATOM   943  N  N   B GLU A 1 145 ? 4.001   -15.024 2.850   0.50 19.17 ? 123 GLU A N   1 
ATOM   944  C  CA  A GLU A 1 145 ? 3.494   -16.096 1.956   0.50 19.54 ? 123 GLU A CA  1 
ATOM   945  C  CA  B GLU A 1 145 ? 3.535   -16.088 1.944   0.50 19.48 ? 123 GLU A CA  1 
ATOM   946  C  C   A GLU A 1 145 ? 2.011   -15.955 1.659   0.50 18.79 ? 123 GLU A C   1 
ATOM   947  C  C   B GLU A 1 145 ? 2.021   -16.018 1.674   0.50 18.73 ? 123 GLU A C   1 
ATOM   948  O  O   A GLU A 1 145 ? 1.600   -16.066 0.509   0.50 18.12 ? 123 GLU A O   1 
ATOM   949  O  O   B GLU A 1 145 ? 1.603   -16.207 0.537   0.50 18.02 ? 123 GLU A O   1 
ATOM   950  C  CB  A GLU A 1 145 ? 3.766   -17.495 2.550   0.50 19.57 ? 123 GLU A CB  1 
ATOM   951  C  CB  B GLU A 1 145 ? 3.977   -17.483 2.469   0.50 19.48 ? 123 GLU A CB  1 
ATOM   952  C  CG  A GLU A 1 145 ? 3.017   -18.621 1.823   0.50 21.39 ? 123 GLU A CG  1 
ATOM   953  C  CG  B GLU A 1 145 ? 3.343   -17.869 3.802   0.50 21.91 ? 123 GLU A CG  1 
ATOM   954  C  CD  A GLU A 1 145 ? 2.933   -19.918 2.635   0.50 21.37 ? 123 GLU A CD  1 
ATOM   955  C  CD  B GLU A 1 145 ? 4.043   -19.021 4.538   0.50 21.22 ? 123 GLU A CD  1 
ATOM   956  O  OE1 A GLU A 1 145 ? 2.495   -19.887 3.808   0.50 25.72 ? 123 GLU A OE1 1 
ATOM   957  O  OE1 B GLU A 1 145 ? 4.057   -20.157 3.983   0.50 23.23 ? 123 GLU A OE1 1 
ATOM   958  O  OE2 A GLU A 1 145 ? 3.300   -20.965 2.090   0.50 24.80 ? 123 GLU A OE2 1 
ATOM   959  O  OE2 B GLU A 1 145 ? 4.556   -18.773 5.674   0.50 22.61 ? 123 GLU A OE2 1 
ATOM   960  N  N   . ASP A 1 146 ? 1.225   -15.730 2.705   1.00 18.19 ? 124 ASP A N   1 
ATOM   961  C  CA  . ASP A 1 146 ? -0.231  -15.636 2.600   1.00 18.30 ? 124 ASP A CA  1 
ATOM   962  C  C   . ASP A 1 146 ? -0.675  -14.336 1.908   1.00 16.90 ? 124 ASP A C   1 
ATOM   963  O  O   . ASP A 1 146 ? -1.663  -14.305 1.165   1.00 15.80 ? 124 ASP A O   1 
ATOM   964  C  CB  . ASP A 1 146 ? -0.850  -15.807 3.977   1.00 18.83 ? 124 ASP A CB  1 
ATOM   965  C  CG  . ASP A 1 146 ? -0.557  -17.203 4.559   1.00 21.06 ? 124 ASP A CG  1 
ATOM   966  O  OD1 . ASP A 1 146 ? -0.499  -18.173 3.775   1.00 22.91 ? 124 ASP A OD1 1 
ATOM   967  O  OD2 . ASP A 1 146 ? -0.333  -17.327 5.753   1.00 22.21 ? 124 ASP A OD2 1 
ATOM   968  N  N   . ALA A 1 147 ? 0.053   -13.257 2.163   1.00 16.94 ? 125 ALA A N   1 
ATOM   969  C  CA  . ALA A 1 147 ? -0.207  -12.019 1.445   1.00 16.01 ? 125 ALA A CA  1 
ATOM   970  C  C   . ALA A 1 147 ? -0.080  -12.219 -0.053  1.00 15.51 ? 125 ALA A C   1 
ATOM   971  O  O   . ALA A 1 147 ? -0.957  -11.810 -0.825  1.00 15.47 ? 125 ALA A O   1 
ATOM   972  C  CB  . ALA A 1 147 ? 0.757   -10.865 1.965   1.00 14.51 ? 125 ALA A CB  1 
ATOM   973  N  N   . ILE A 1 148 ? 1.037   -12.801 -0.468  1.00 15.34 ? 126 ILE A N   1 
ATOM   974  C  CA  . ILE A 1 148 ? 1.292   -13.084 -1.871  1.00 15.66 ? 126 ILE A CA  1 
ATOM   975  C  C   . ILE A 1 148 ? 0.104   -13.928 -2.396  1.00 15.88 ? 126 ILE A C   1 
ATOM   976  O  O   . ILE A 1 148 ? -0.456  -13.630 -3.433  1.00 14.10 ? 126 ILE A O   1 
ATOM   977  C  CB  . ILE A 1 148 ? 2.630   -13.813 -2.053  1.00 16.48 ? 126 ILE A CB  1 
ATOM   978  C  CG1 . ILE A 1 148 ? 3.808   -12.858 -1.771  1.00 18.61 ? 126 ILE A CG1 1 
ATOM   979  C  CG2 . ILE A 1 148 ? 2.667   -14.409 -3.474  1.00 16.77 ? 126 ILE A CG2 1 
ATOM   980  C  CD1 . ILE A 1 148 ? 5.141   -13.573 -1.637  1.00 16.87 ? 126 ILE A CD1 1 
ATOM   981  N  N   . LYS A 1 149 ? -0.319  -14.925 -1.637  1.00 16.20 ? 127 LYS A N   1 
ATOM   982  C  CA  . LYS A 1 149 ? -1.430  -15.802 -2.070  1.00 16.12 ? 127 LYS A CA  1 
ATOM   983  C  C   . LYS A 1 149 ? -2.713  -15.041 -2.342  1.00 14.28 ? 127 LYS A C   1 
ATOM   984  O  O   . LYS A 1 149 ? -3.266  -15.154 -3.464  1.00 17.20 ? 127 LYS A O   1 
ATOM   985  C  CB  . LYS A 1 149 ? -1.702  -16.926 -1.076  1.00 16.58 ? 127 LYS A CB  1 
ATOM   986  C  CG  . LYS A 1 149 ? -0.620  -17.996 -1.128  1.00 19.11 ? 127 LYS A CG  1 
ATOM   987  C  CD  . LYS A 1 149 ? -0.979  -19.077 -0.174  1.00 20.54 ? 127 LYS A CD  1 
ATOM   988  C  CE  . LYS A 1 149 ? 0.155   -20.131 -0.200  1.00 24.29 ? 127 LYS A CE  1 
ATOM   989  N  NZ  . LYS A 1 149 ? -0.045  -21.188 0.774   1.00 28.89 ? 127 LYS A NZ  1 
ATOM   990  N  N   . VAL A 1 150 ? -3.152  -14.201 -1.401  1.00 13.09 ? 128 VAL A N   1 
ATOM   991  C  CA  . VAL A 1 150 ? -4.454  -13.516 -1.533  1.00 14.45 ? 128 VAL A CA  1 
ATOM   992  C  C   . VAL A 1 150 ? -4.428  -12.393 -2.556  1.00 13.71 ? 128 VAL A C   1 
ATOM   993  O  O   . VAL A 1 150 ? -5.484  -11.991 -3.059  1.00 15.89 ? 128 VAL A O   1 
ATOM   994  C  CB  . VAL A 1 150 ? -5.046  -13.004 -0.190  1.00 14.89 ? 128 VAL A CB  1 
ATOM   995  C  CG1 . VAL A 1 150 ? -5.276  -14.229 0.779   1.00 13.73 ? 128 VAL A CG1 1 
ATOM   996  C  CG2 . VAL A 1 150 ? -4.157  -11.885 0.496   1.00 13.57 ? 128 VAL A CG2 1 
ATOM   997  N  N   . LEU A 1 151 ? -3.243  -11.862 -2.838  1.00 13.44 ? 129 LEU A N   1 
ATOM   998  C  CA  . LEU A 1 151 ? -3.083  -10.810 -3.864  1.00 13.33 ? 129 LEU A CA  1 
ATOM   999  C  C   . LEU A 1 151 ? -3.090  -11.298 -5.333  1.00 13.00 ? 129 LEU A C   1 
ATOM   1000 O  O   . LEU A 1 151 ? -3.372  -10.554 -6.286  1.00 14.47 ? 129 LEU A O   1 
ATOM   1001 C  CB  . LEU A 1 151 ? -1.820  -10.012 -3.546  1.00 13.92 ? 129 LEU A CB  1 
ATOM   1002 C  CG  . LEU A 1 151 ? -1.867  -9.120  -2.319  1.00 12.38 ? 129 LEU A CG  1 
ATOM   1003 C  CD1 . LEU A 1 151 ? -0.403  -8.729  -1.994  1.00 12.15 ? 129 LEU A CD1 1 
ATOM   1004 C  CD2 . LEU A 1 151 ? -2.855  -7.868  -2.476  1.00 10.86 ? 129 LEU A CD2 1 
ATOM   1005 N  N   . GLN A 1 152 ? -2.738  -12.550 -5.512  1.00 13.71 ? 130 GLN A N   1 
ATOM   1006 C  CA  . GLN A 1 152 ? -2.314  -13.082 -6.770  1.00 15.01 ? 130 GLN A CA  1 
ATOM   1007 C  C   . GLN A 1 152 ? -3.393  -12.937 -7.810  1.00 14.78 ? 130 GLN A C   1 
ATOM   1008 O  O   . GLN A 1 152 ? -3.086  -12.596 -8.951  1.00 16.11 ? 130 GLN A O   1 
ATOM   1009 C  CB  . GLN A 1 152 ? -1.945  -14.563 -6.596  1.00 14.89 ? 130 GLN A CB  1 
ATOM   1010 C  CG  . GLN A 1 152 ? -1.120  -15.122 -7.693  1.00 21.01 ? 130 GLN A CG  1 
ATOM   1011 C  CD  . GLN A 1 152 ? 0.269   -14.485 -7.802  1.00 23.16 ? 130 GLN A CD  1 
ATOM   1012 O  OE1 . GLN A 1 152 ? 1.192   -14.823 -7.037  1.00 29.80 ? 130 GLN A OE1 1 
ATOM   1013 N  NE2 . GLN A 1 152 ? 0.417   -13.556 -8.744  1.00 23.58 ? 130 GLN A NE2 1 
ATOM   1014 N  N   . TYR A 1 153 ? -4.633  -13.196 -7.409  1.00 14.92 ? 131 TYR A N   1 
ATOM   1015 C  CA  . TYR A 1 153 ? -5.681  -13.369 -8.412  1.00 15.41 ? 131 TYR A CA  1 
ATOM   1016 C  C   . TYR A 1 153 ? -6.083  -12.061 -9.088  1.00 14.91 ? 131 TYR A C   1 
ATOM   1017 O  O   . TYR A 1 153 ? -6.121  -12.020 -10.305 1.00 14.68 ? 131 TYR A O   1 
ATOM   1018 C  CB  . TYR A 1 153 ? -6.926  -14.080 -7.899  1.00 15.77 ? 131 TYR A CB  1 
ATOM   1019 C  CG  . TYR A 1 153 ? -7.974  -14.273 -8.973  1.00 15.68 ? 131 TYR A CG  1 
ATOM   1020 C  CD1 . TYR A 1 153 ? -7.832  -15.266 -9.980  1.00 17.08 ? 131 TYR A CD1 1 
ATOM   1021 C  CD2 . TYR A 1 153 ? -9.099  -13.454 -8.995  1.00 17.12 ? 131 TYR A CD2 1 
ATOM   1022 C  CE1 . TYR A 1 153 ? -8.781  -15.390 -10.981 1.00 13.71 ? 131 TYR A CE1 1 
ATOM   1023 C  CE2 . TYR A 1 153 ? -10.061 -13.583 -9.987  1.00 19.01 ? 131 TYR A CE2 1 
ATOM   1024 C  CZ  . TYR A 1 153 ? -9.895  -14.561 -10.961 1.00 16.18 ? 131 TYR A CZ  1 
ATOM   1025 O  OH  . TYR A 1 153 ? -10.883 -14.659 -11.921 1.00 18.73 ? 131 TYR A OH  1 
ATOM   1026 N  N   . HIS A 1 154 ? -6.381  -11.044 -8.293  1.00 15.06 ? 132 HIS A N   1 
ATOM   1027 C  CA  . HIS A 1 154 ? -6.817  -9.745  -8.785  1.00 16.09 ? 132 HIS A CA  1 
ATOM   1028 C  C   . HIS A 1 154 ? -5.680  -8.694  -8.825  1.00 15.55 ? 132 HIS A C   1 
ATOM   1029 O  O   . HIS A 1 154 ? -5.779  -7.699  -9.526  1.00 15.52 ? 132 HIS A O   1 
ATOM   1030 C  CB  . HIS A 1 154 ? -8.019  -9.191  -7.955  1.00 16.94 ? 132 HIS A CB  1 
ATOM   1031 C  CG  . HIS A 1 154 ? -9.341  -9.899  -8.149  1.00 20.96 ? 132 HIS A CG  1 
ATOM   1032 N  ND1 . HIS A 1 154 ? -10.032 -9.868  -9.343  1.00 26.25 ? 132 HIS A ND1 1 
ATOM   1033 C  CD2 . HIS A 1 154 ? -10.150 -10.557 -7.271  1.00 23.82 ? 132 HIS A CD2 1 
ATOM   1034 C  CE1 . HIS A 1 154 ? -11.192 -10.501 -9.202  1.00 24.19 ? 132 HIS A CE1 1 
ATOM   1035 N  NE2 . HIS A 1 154 ? -11.280 -10.953 -7.963  1.00 25.95 ? 132 HIS A NE2 1 
ATOM   1036 N  N   . LYS A 1 155 ? -4.610  -8.882  -8.037  1.00 13.62 ? 133 LYS A N   1 
ATOM   1037 C  CA  . LYS A 1 155 ? -3.580  -7.837  -7.901  1.00 14.07 ? 133 LYS A CA  1 
ATOM   1038 C  C   . LYS A 1 155 ? -2.195  -8.498  -8.077  1.00 12.02 ? 133 LYS A C   1 
ATOM   1039 O  O   . LYS A 1 155 ? -1.338  -8.395  -7.179  1.00 13.43 ? 133 LYS A O   1 
ATOM   1040 C  CB  . LYS A 1 155 ? -3.710  -7.159  -6.530  1.00 14.22 ? 133 LYS A CB  1 
ATOM   1041 C  CG  . LYS A 1 155 ? -5.010  -6.367  -6.369  1.00 14.58 ? 133 LYS A CG  1 
ATOM   1042 C  CD  . LYS A 1 155 ? -4.936  -5.097  -7.205  1.00 19.81 ? 133 LYS A CD  1 
ATOM   1043 C  CE  . LYS A 1 155 ? -5.797  -3.943  -6.661  1.00 21.92 ? 133 LYS A CE  1 
ATOM   1044 N  NZ  . LYS A 1 155 ? -7.235  -4.090  -7.008  1.00 25.30 ? 133 LYS A NZ  1 
ATOM   1045 N  N   . PRO A 1 156 ? -1.966  -9.187  -9.216  1.00 13.42 ? 134 PRO A N   1 
ATOM   1046 C  CA  . PRO A 1 156 ? -0.636  -9.843  -9.373  1.00 13.31 ? 134 PRO A CA  1 
ATOM   1047 C  C   . PRO A 1 156 ? 0.538   -8.905  -9.282  1.00 12.59 ? 134 PRO A C   1 
ATOM   1048 O  O   . PRO A 1 156 ? 1.582   -9.320  -8.812  1.00 12.43 ? 134 PRO A O   1 
ATOM   1049 C  CB  . PRO A 1 156 ? -0.713  -10.540 -10.730 1.00 13.74 ? 134 PRO A CB  1 
ATOM   1050 C  CG  . PRO A 1 156 ? -1.900  -9.797  -11.430 1.00 15.14 ? 134 PRO A CG  1 
ATOM   1051 C  CD  . PRO A 1 156 ? -2.830  -9.374  -10.397 1.00 13.16 ? 134 PRO A CD  1 
ATOM   1052 N  N   . VAL A 1 157 ? 0.375   -7.656  -9.704  1.00 12.30 ? 135 VAL A N   1 
ATOM   1053 C  CA  . VAL A 1 157 ? 1.542   -6.712  -9.618  1.00 12.96 ? 135 VAL A CA  1 
ATOM   1054 C  C   . VAL A 1 157 ? 1.863   -6.441  -8.148  1.00 12.99 ? 135 VAL A C   1 
ATOM   1055 O  O   . VAL A 1 157 ? 3.042   -6.347  -7.745  1.00 12.06 ? 135 VAL A O   1 
ATOM   1056 C  CB  . VAL A 1 157 ? 1.341   -5.400  -10.406 1.00 14.41 ? 135 VAL A CB  1 
ATOM   1057 C  CG1 . VAL A 1 157 ? 2.622   -4.510  -10.242 1.00 14.03 ? 135 VAL A CG1 1 
ATOM   1058 C  CG2 . VAL A 1 157 ? 1.101   -5.698  -11.882 1.00 13.29 ? 135 VAL A CG2 1 
ATOM   1059 N  N   . GLN A 1 158 ? 0.821   -6.331  -7.326  1.00 10.78 ? 136 GLN A N   1 
ATOM   1060 C  CA  . GLN A 1 158 ? 0.981   -6.155  -5.897  1.00 13.00 ? 136 GLN A CA  1 
ATOM   1061 C  C   . GLN A 1 158 ? 1.625   -7.374  -5.235  1.00 12.67 ? 136 GLN A C   1 
ATOM   1062 O  O   . GLN A 1 158 ? 2.559   -7.238  -4.383  1.00 13.21 ? 136 GLN A O   1 
ATOM   1063 C  CB  . GLN A 1 158 ? -0.376  -5.818  -5.285  1.00 13.69 ? 136 GLN A CB  1 
ATOM   1064 C  CG  . GLN A 1 158 ? -0.845  -4.463  -5.703  1.00 12.24 ? 136 GLN A CG  1 
ATOM   1065 C  CD  . GLN A 1 158 ? -2.063  -3.964  -4.973  1.00 15.59 ? 136 GLN A CD  1 
ATOM   1066 O  OE1 . GLN A 1 158 ? -2.482  -4.470  -3.922  1.00 14.69 ? 136 GLN A OE1 1 
ATOM   1067 N  NE2 . GLN A 1 158 ? -2.662  -2.909  -5.553  1.00 17.99 ? 136 GLN A NE2 1 
ATOM   1068 N  N   . ALA A 1 159 ? 1.206   -8.572  -5.635  1.00 14.13 ? 137 ALA A N   1 
ATOM   1069 C  CA  . ALA A 1 159 ? 1.938   -9.787  -5.161  1.00 14.07 ? 137 ALA A CA  1 
ATOM   1070 C  C   . ALA A 1 159 ? 3.429   -9.712  -5.450  1.00 14.20 ? 137 ALA A C   1 
ATOM   1071 O  O   . ALA A 1 159 ? 4.236   -10.106 -4.581  1.00 14.77 ? 137 ALA A O   1 
ATOM   1072 C  CB  . ALA A 1 159 ? 1.338   -11.137 -5.753  1.00 14.86 ? 137 ALA A CB  1 
ATOM   1073 N  N   . SER A 1 160 ? 3.814   -9.168  -6.621  1.00 13.65 ? 138 SER A N   1 
ATOM   1074 C  CA  . SER A 1 160 ? 5.215   -9.070  -7.056  1.00 14.13 ? 138 SER A CA  1 
ATOM   1075 C  C   . SER A 1 160 ? 6.004   -8.105  -6.208  1.00 12.22 ? 138 SER A C   1 
ATOM   1076 O  O   . SER A 1 160 ? 7.233   -8.121  -6.232  1.00 14.38 ? 138 SER A O   1 
ATOM   1077 C  CB  . SER A 1 160 ? 5.303   -8.688  -8.535  1.00 14.17 ? 138 SER A CB  1 
ATOM   1078 O  OG  . SER A 1 160 ? 5.154   -7.321  -8.746  1.00 15.82 ? 138 SER A OG  1 
ATOM   1079 N  N   . TYR A 1 161 ? 5.301   -7.208  -5.500  1.00 13.68 ? 139 TYR A N   1 
ATOM   1080 C  CA  . TYR A 1 161 ? 5.981   -6.236  -4.589  1.00 14.38 ? 139 TYR A CA  1 
ATOM   1081 C  C   . TYR A 1 161 ? 6.890   -7.017  -3.622  1.00 15.53 ? 139 TYR A C   1 
ATOM   1082 O  O   . TYR A 1 161 ? 7.916   -6.503  -3.182  1.00 16.25 ? 139 TYR A O   1 
ATOM   1083 C  CB  . TYR A 1 161 ? 5.012   -5.418  -3.742  1.00 13.57 ? 139 TYR A CB  1 
ATOM   1084 C  CG  . TYR A 1 161 ? 4.104   -4.444  -4.397  1.00 12.86 ? 139 TYR A CG  1 
ATOM   1085 C  CD1 . TYR A 1 161 ? 4.192   -4.121  -5.753  1.00 12.31 ? 139 TYR A CD1 1 
ATOM   1086 C  CD2 . TYR A 1 161 ? 3.140   -3.770  -3.590  1.00 12.75 ? 139 TYR A CD2 1 
ATOM   1087 C  CE1 . TYR A 1 161 ? 3.281   -3.187  -6.318  1.00 9.22  ? 139 TYR A CE1 1 
ATOM   1088 C  CE2 . TYR A 1 161 ? 2.283   -2.839  -4.111  1.00 11.58 ? 139 TYR A CE2 1 
ATOM   1089 C  CZ  . TYR A 1 161 ? 2.345   -2.547  -5.471  1.00 8.99  ? 139 TYR A CZ  1 
ATOM   1090 O  OH  . TYR A 1 161 ? 1.472   -1.607  -5.951  1.00 12.50 ? 139 TYR A OH  1 
ATOM   1091 N  N   . PHE A 1 162 ? 6.436   -8.219  -3.257  1.00 16.50 ? 140 PHE A N   1 
ATOM   1092 C  CA  . PHE A 1 162 ? 7.092   -9.030  -2.215  1.00 19.61 ? 140 PHE A CA  1 
ATOM   1093 C  C   . PHE A 1 162 ? 8.227   -9.923  -2.766  1.00 22.35 ? 140 PHE A C   1 
ATOM   1094 O  O   . PHE A 1 162 ? 8.916   -10.591 -1.982  1.00 22.86 ? 140 PHE A O   1 
ATOM   1095 C  CB  . PHE A 1 162 ? 6.056   -9.880  -1.487  1.00 18.18 ? 140 PHE A CB  1 
ATOM   1096 C  CG  . PHE A 1 162 ? 5.029   -9.068  -0.741  1.00 16.29 ? 140 PHE A CG  1 
ATOM   1097 C  CD1 . PHE A 1 162 ? 5.237   -8.638  0.564   1.00 15.32 ? 140 PHE A CD1 1 
ATOM   1098 C  CD2 . PHE A 1 162 ? 3.863   -8.694  -1.395  1.00 15.67 ? 140 PHE A CD2 1 
ATOM   1099 C  CE1 . PHE A 1 162 ? 4.313   -7.877  1.213   1.00 15.12 ? 140 PHE A CE1 1 
ATOM   1100 C  CE2 . PHE A 1 162 ? 2.910   -7.890  -0.761  1.00 14.73 ? 140 PHE A CE2 1 
ATOM   1101 C  CZ  . PHE A 1 162 ? 3.079   -7.507  0.531   1.00 17.44 ? 140 PHE A CZ  1 
ATOM   1102 N  N   . GLU A 1 163 ? 8.469   -9.918  -4.081  1.00 25.11 ? 141 GLU A N   1 
ATOM   1103 C  CA  . GLU A 1 163 ? 9.450   -10.876 -4.678  1.00 27.09 ? 141 GLU A CA  1 
ATOM   1104 C  C   . GLU A 1 163 ? 10.930  -10.727 -4.231  1.00 27.67 ? 141 GLU A C   1 
ATOM   1105 O  O   . GLU A 1 163 ? 11.420  -9.608  -3.943  1.00 29.31 ? 141 GLU A O   1 
ATOM   1106 C  CB  . GLU A 1 163 ? 9.316   -10.917 -6.216  1.00 28.27 ? 141 GLU A CB  1 
ATOM   1107 C  CG  . GLU A 1 163 ? 8.053   -11.695 -6.681  1.00 32.51 ? 141 GLU A CG  1 
ATOM   1108 C  CD  . GLU A 1 163 ? 7.974   -11.946 -8.210  1.00 34.35 ? 141 GLU A CD  1 
ATOM   1109 O  OE1 . GLU A 1 163 ? 8.454   -11.083 -9.046  1.00 42.37 ? 141 GLU A OE1 1 
ATOM   1110 O  OE2 . GLU A 1 163 ? 7.413   -13.013 -8.565  1.00 43.58 ? 141 GLU A OE2 1 
HETATM 1111 MG MG  . MG  B 2 .   ? -6.368  6.272   -1.038  1.00 16.18 ? 301 MG  A MG  1 
HETATM 1112 MG MG  . MG  C 2 .   ? -5.793  3.712   -2.818  1.00 15.79 ? 302 MG  A MG  1 
HETATM 1113 MG MG  . MG  D 2 .   ? -6.849  6.954   -4.087  1.00 18.06 ? 303 MG  A MG  1 
HETATM 1114 MG MG  . MG  E 2 .   ? -5.594  9.425   -2.473  1.00 16.30 ? 304 MG  A MG  1 
HETATM 1115 CL CL  . CL  F 3 .   ? 7.129   -8.646  11.012  1.00 24.78 ? 401 CL  A CL  1 
HETATM 1116 F  F   . F   G 4 .   ? -5.807  1.598   -2.262  1.00 17.62 ? 402 F   A F   1 
HETATM 1117 F  F   . F   H 4 .   ? -5.982  5.663   -2.925  1.00 13.13 ? 403 F   A F   1 
HETATM 1118 F  F   . F   I 4 .   ? -5.405  8.293   -4.086  1.00 16.45 ? 404 F   A F   1 
HETATM 1119 F  F   . F   J 4 .   ? -6.690  7.082   0.936   1.00 21.40 ? 405 F   A F   1 
HETATM 1120 F  F   . F   K 4 .   ? -7.248  10.406  -3.395  1.00 19.82 ? 406 F   A F   1 
HETATM 1121 F  F   . F   L 4 .   ? -4.311  10.852  -3.210  1.00 20.73 ? 407 F   A F   1 
HETATM 1122 F  F   . F   M 4 .   ? -5.971  10.406  -0.720  1.00 20.49 ? 408 F   A F   1 
HETATM 1123 F  F   . F   N 4 .   ? -6.816  8.082   -1.947  1.00 19.55 ? 409 F   A F   1 
HETATM 1124 F  F   . F   O 4 .   ? -8.340  5.724   -1.168  1.00 21.93 ? 410 F   A F   1 
HETATM 1125 F  F   . F   P 4 .   ? -1.785  -3.164  -9.106  1.00 9.48  ? 411 F   A F   1 
HETATM 1126 C  C1  A IHP Q 5 .   ? -9.619  0.767   -8.184  0.59 23.85 ? 201 IHP A C1  1 
HETATM 1127 C  C1  B IHP Q 5 .   ? -9.678  2.871   -8.758  0.35 21.76 ? 201 IHP A C1  1 
HETATM 1128 C  C2  A IHP Q 5 .   ? -8.957  1.825   -9.068  0.59 26.18 ? 201 IHP A C2  1 
HETATM 1129 C  C2  B IHP Q 5 .   ? -10.039 1.527   -8.092  0.35 21.99 ? 201 IHP A C2  1 
HETATM 1130 C  C3  A IHP Q 5 .   ? -8.617  3.103   -8.308  0.59 23.99 ? 201 IHP A C3  1 
HETATM 1131 C  C3  B IHP Q 5 .   ? -9.124  1.067   -6.943  0.35 19.64 ? 201 IHP A C3  1 
HETATM 1132 C  C4  A IHP Q 5 .   ? -7.812  2.825   -7.036  0.59 19.22 ? 201 IHP A C4  1 
HETATM 1133 C  C4  B IHP Q 5 .   ? -8.793  2.280   -6.082  0.35 17.69 ? 201 IHP A C4  1 
HETATM 1134 C  C5  A IHP Q 5 .   ? -8.720  2.003   -6.129  0.59 20.01 ? 201 IHP A C5  1 
HETATM 1135 C  C5  B IHP Q 5 .   ? -7.982  3.260   -6.911  0.35 15.96 ? 201 IHP A C5  1 
HETATM 1136 C  C6  A IHP Q 5 .   ? -9.004  0.645   -6.783  0.59 21.21 ? 201 IHP A C6  1 
HETATM 1137 C  C6  B IHP Q 5 .   ? -8.995  3.904   -7.857  0.35 19.46 ? 201 IHP A C6  1 
HETATM 1138 O  O11 A IHP Q 5 .   ? -9.464  -0.485  -8.846  0.59 27.61 ? 201 IHP A O11 1 
HETATM 1139 O  O11 B IHP Q 5 .   ? -10.861 3.489   -9.284  0.35 25.26 ? 201 IHP A O11 1 
HETATM 1140 P  P1  A IHP Q 5 .   ? -10.605 -1.039  -9.837  0.59 32.76 ? 201 IHP A P1  1 
HETATM 1141 P  P1  B IHP Q 5 .   ? -11.054 3.689   -10.876 0.35 29.01 ? 201 IHP A P1  1 
HETATM 1142 O  O21 A IHP Q 5 .   ? -10.739 -2.595  -9.454  0.59 28.39 ? 201 IHP A O21 1 
HETATM 1143 O  O21 B IHP Q 5 .   ? -11.283 5.267   -11.107 0.35 26.13 ? 201 IHP A O21 1 
HETATM 1144 O  O31 A IHP Q 5 .   ? -11.975 -0.320  -9.390  0.59 26.59 ? 201 IHP A O31 1 
HETATM 1145 O  O31 B IHP Q 5 .   ? -9.624  3.355   -11.538 0.35 26.09 ? 201 IHP A O31 1 
HETATM 1146 O  O41 A IHP Q 5 .   ? -10.274 -0.812  -11.261 0.59 32.91 ? 201 IHP A O41 1 
HETATM 1147 O  O41 B IHP Q 5 .   ? -12.151 2.863   -11.426 0.35 28.53 ? 201 IHP A O41 1 
HETATM 1148 O  O12 A IHP Q 5 .   ? -7.775  1.270   -9.638  0.59 30.29 ? 201 IHP A O12 1 
HETATM 1149 O  O12 B IHP Q 5 .   ? -11.388 1.601   -7.635  0.35 28.51 ? 201 IHP A O12 1 
HETATM 1150 P  P2  A IHP Q 5 .   ? -7.487  1.440   -11.213 0.59 29.90 ? 201 IHP A P2  1 
HETATM 1151 P  P2  B IHP Q 5 .   ? -12.479 0.545   -8.168  0.35 29.88 ? 201 IHP A P2  1 
HETATM 1152 O  O22 A IHP Q 5 .   ? -6.832  0.244   -11.770 0.59 30.34 ? 201 IHP A O22 1 
HETATM 1153 O  O22 B IHP Q 5 .   ? -12.849 0.771   -9.581  0.35 30.94 ? 201 IHP A O22 1 
HETATM 1154 O  O32 A IHP Q 5 .   ? -8.892  1.788   -11.905 0.59 33.37 ? 201 IHP A O32 1 
HETATM 1155 O  O32 B IHP Q 5 .   ? -11.860 -0.918  -7.902  0.35 31.44 ? 201 IHP A O32 1 
HETATM 1156 O  O42 A IHP Q 5 .   ? -6.599  2.779   -11.333 0.59 24.15 ? 201 IHP A O42 1 
HETATM 1157 O  O42 B IHP Q 5 .   ? -13.716 0.686   -7.151  0.35 31.21 ? 201 IHP A O42 1 
HETATM 1158 O  O13 A IHP Q 5 .   ? -7.896  3.994   -9.158  0.59 33.27 ? 201 IHP A O13 1 
HETATM 1159 O  O13 B IHP Q 5 .   ? -9.783  0.090   -6.125  0.35 20.39 ? 201 IHP A O13 1 
HETATM 1160 P  P3  A IHP Q 5 .   ? -8.676  5.200   -9.889  0.59 39.07 ? 201 IHP A P3  1 
HETATM 1161 P  P3  B IHP Q 5 .   ? -8.981  -1.159  -5.490  0.35 17.23 ? 201 IHP A P3  1 
HETATM 1162 O  O23 A IHP Q 5 .   ? -7.569  5.916   -10.817 0.59 37.79 ? 201 IHP A O23 1 
HETATM 1163 O  O23 B IHP Q 5 .   ? -9.931  -2.443  -5.666  0.35 18.06 ? 201 IHP A O23 1 
HETATM 1164 O  O33 A IHP Q 5 .   ? -9.041  6.248   -8.723  0.59 39.11 ? 201 IHP A O33 1 
HETATM 1165 O  O33 B IHP Q 5 .   ? -8.927  -0.899  -3.898  0.35 22.05 ? 201 IHP A O33 1 
HETATM 1166 O  O43 A IHP Q 5 .   ? -9.871  4.743   -10.639 0.59 38.62 ? 201 IHP A O43 1 
HETATM 1167 O  O43 B IHP Q 5 .   ? -7.634  -1.344  -6.073  0.35 20.29 ? 201 IHP A O43 1 
HETATM 1168 O  O14 A IHP Q 5 .   ? -7.595  4.081   -6.403  0.59 17.15 ? 201 IHP A O14 1 
HETATM 1169 O  O14 B IHP Q 5 .   ? -8.058  1.918   -4.919  0.35 16.61 ? 201 IHP A O14 1 
HETATM 1170 P  P4  A IHP Q 5 .   ? -6.154  4.579   -5.878  0.59 14.03 ? 201 IHP A P4  1 
HETATM 1171 P  P4  B IHP Q 5 .   ? -8.716  2.031   -3.458  0.35 13.54 ? 201 IHP A P4  1 
HETATM 1172 O  O24 A IHP Q 5 .   ? -5.659  3.523   -4.772  0.59 12.67 ? 201 IHP A O24 1 
HETATM 1173 O  O24 B IHP Q 5 .   ? -8.091  3.350   -2.790  0.35 8.48  ? 201 IHP A O24 1 
HETATM 1174 O  O34 A IHP Q 5 .   ? -5.142  4.467   -7.117  0.59 9.40  ? 201 IHP A O34 1 
HETATM 1175 O  O34 B IHP Q 5 .   ? -10.280 2.375   -3.639  0.35 12.78 ? 201 IHP A O34 1 
HETATM 1176 O  O44 A IHP Q 5 .   ? -6.236  5.964   -5.384  0.59 9.63  ? 201 IHP A O44 1 
HETATM 1177 O  O44 B IHP Q 5 .   ? -8.475  0.801   -2.667  0.35 7.79  ? 201 IHP A O44 1 
HETATM 1178 O  O15 A IHP Q 5 .   ? -8.107  1.823   -4.845  0.59 20.49 ? 201 IHP A O15 1 
HETATM 1179 O  O15 B IHP Q 5 .   ? -7.377  4.218   -6.039  0.35 14.94 ? 201 IHP A O15 1 
HETATM 1180 P  P5  A IHP Q 5 .   ? -8.663  2.515   -3.494  0.59 14.95 ? 201 IHP A P5  1 
HETATM 1181 P  P5  B IHP Q 5 .   ? -5.796  4.528   -6.132  0.35 9.85  ? 201 IHP A P5  1 
HETATM 1182 O  O25 A IHP Q 5 .   ? -10.148 3.055   -3.779  0.59 19.00 ? 201 IHP A O25 1 
HETATM 1183 O  O25 B IHP Q 5 .   ? -5.263  3.799   -7.461  0.35 17.71 ? 201 IHP A O25 1 
HETATM 1184 O  O35 A IHP Q 5 .   ? -7.740  3.805   -3.240  0.59 13.43 ? 201 IHP A O35 1 
HETATM 1185 O  O35 B IHP Q 5 .   ? -5.130  3.767   -4.882  0.35 10.40 ? 201 IHP A O35 1 
HETATM 1186 O  O45 A IHP Q 5 .   ? -8.617  1.562   -2.368  0.59 18.87 ? 201 IHP A O45 1 
HETATM 1187 O  O45 B IHP Q 5 .   ? -5.518  5.979   -6.134  0.35 9.28  ? 201 IHP A O45 1 
HETATM 1188 O  O16 A IHP Q 5 .   ? -9.951  -0.057  -5.979  0.59 22.65 ? 201 IHP A O16 1 
HETATM 1189 O  O16 B IHP Q 5 .   ? -8.364  4.905   -8.656  0.35 19.85 ? 201 IHP A O16 1 
HETATM 1190 P  P6  A IHP Q 5 .   ? -9.520  -1.269  -5.014  0.59 19.18 ? 201 IHP A P6  1 
HETATM 1191 P  P6  B IHP Q 5 .   ? -8.796  6.441   -8.479  0.35 20.66 ? 201 IHP A P6  1 
HETATM 1192 O  O26 A IHP Q 5 .   ? -8.094  -1.795  -5.536  0.59 18.42 ? 201 IHP A O26 1 
HETATM 1193 O  O26 B IHP Q 5 .   ? -10.217 6.538   -9.227  0.35 21.51 ? 201 IHP A O26 1 
HETATM 1194 O  O36 A IHP Q 5 .   ? -10.572 -2.451  -5.298  0.59 20.75 ? 201 IHP A O36 1 
HETATM 1195 O  O36 B IHP Q 5 .   ? -7.755  7.299   -9.364  0.35 21.44 ? 201 IHP A O36 1 
HETATM 1196 O  O46 A IHP Q 5 .   ? -9.511  -0.860  -3.580  0.59 18.83 ? 201 IHP A O46 1 
HETATM 1197 O  O46 B IHP Q 5 .   ? -8.867  6.865   -7.061  0.35 17.01 ? 201 IHP A O46 1 
HETATM 1198 O  O   . HOH R 6 .   ? -0.974  -15.214 7.524   1.00 19.90 ? 543 HOH A O   1 
HETATM 1199 O  O   . HOH R 6 .   ? 6.056   16.215  -0.371  1.00 20.74 ? 544 HOH A O   1 
HETATM 1200 O  O   . HOH R 6 .   ? 4.007   6.793   9.119   1.00 16.44 ? 546 HOH A O   1 
HETATM 1201 O  O   . HOH R 6 .   ? -4.737  17.159  -9.520  1.00 46.00 ? 548 HOH A O   1 
HETATM 1202 O  O   . HOH R 6 .   ? 1.205   -3.225  3.333   1.00 13.95 ? 549 HOH A O   1 
HETATM 1203 O  O   . HOH R 6 .   ? 6.350   -14.640 7.211   1.00 29.67 ? 550 HOH A O   1 
HETATM 1204 O  O   . HOH R 6 .   ? 14.157  -0.625  4.815   1.00 17.08 ? 551 HOH A O   1 
HETATM 1205 O  O   . HOH R 6 .   ? 2.888   -17.539 -1.499  1.00 23.05 ? 552 HOH A O   1 
HETATM 1206 O  O   . HOH R 6 .   ? -0.593  -0.251  -4.354  1.00 14.53 ? 553 HOH A O   1 
HETATM 1207 O  O   . HOH R 6 .   ? -6.799  -11.198 -5.372  1.00 15.30 ? 554 HOH A O   1 
HETATM 1208 O  O   . HOH R 6 .   ? -6.682  7.986   8.814   1.00 19.19 ? 555 HOH A O   1 
HETATM 1209 O  O   . HOH R 6 .   ? 1.329   0.351   -10.263 1.00 13.54 ? 556 HOH A O   1 
HETATM 1210 O  O   . HOH R 6 .   ? 9.929   7.606   9.267   1.00 23.83 ? 557 HOH A O   1 
HETATM 1211 O  O   . HOH R 6 .   ? 10.517  10.488  -1.831  1.00 23.23 ? 558 HOH A O   1 
HETATM 1212 O  O   . HOH R 6 .   ? 1.055   -1.859  -8.657  1.00 11.47 ? 559 HOH A O   1 
HETATM 1213 O  O   . HOH R 6 .   ? 5.987   19.911  -2.391  1.00 49.29 ? 560 HOH A O   1 
HETATM 1214 O  O   . HOH R 6 .   ? -7.395  -8.472  -4.453  1.00 15.04 ? 561 HOH A O   1 
HETATM 1215 O  O   . HOH R 6 .   ? -5.212  -4.829  -13.025 1.00 47.65 ? 562 HOH A O   1 
HETATM 1216 O  O   . HOH R 6 .   ? 1.264   15.004  -13.911 1.00 16.47 ? 563 HOH A O   1 
HETATM 1217 O  O   . HOH R 6 .   ? 14.194  -3.798  -3.933  1.00 25.01 ? 564 HOH A O   1 
HETATM 1218 O  O   . HOH R 6 .   ? -3.731  0.122   -3.463  1.00 18.89 ? 566 HOH A O   1 
HETATM 1219 O  O   . HOH R 6 .   ? 4.812   7.170   -10.318 1.00 19.93 ? 567 HOH A O   1 
HETATM 1220 O  O   . HOH R 6 .   ? 9.523   11.286  3.365   1.00 26.19 ? 568 HOH A O   1 
HETATM 1221 O  O   . HOH R 6 .   ? 2.914   11.880  4.541   1.00 16.44 ? 569 HOH A O   1 
HETATM 1222 O  O   . HOH R 6 .   ? 2.606   -11.792 -9.250  1.00 21.35 ? 570 HOH A O   1 
HETATM 1223 O  O   . HOH R 6 .   ? -2.087  10.550  -8.757  1.00 20.29 ? 572 HOH A O   1 
HETATM 1224 O  O   . HOH R 6 .   ? 5.508   -16.231 4.994   1.00 22.22 ? 573 HOH A O   1 
HETATM 1225 O  O   . HOH R 6 .   ? -9.457  -6.947  -10.113 1.00 51.46 ? 574 HOH A O   1 
HETATM 1226 O  O   . HOH R 6 .   ? 5.156   14.120  -14.716 1.00 18.28 ? 575 HOH A O   1 
HETATM 1227 O  O   . HOH R 6 .   ? 15.676  3.542   -0.526  1.00 27.50 ? 577 HOH A O   1 
HETATM 1228 O  O   . HOH R 6 .   ? -13.162 -1.085  9.630   1.00 36.55 ? 578 HOH A O   1 
HETATM 1229 O  O   . HOH R 6 .   ? 1.825   -4.802  -15.454 1.00 28.49 ? 579 HOH A O   1 
HETATM 1230 O  O   . HOH R 6 .   ? -11.178 -8.534  2.655   1.00 30.15 ? 580 HOH A O   1 
HETATM 1231 O  O   . HOH R 6 .   ? 13.275  5.577   1.931   1.00 26.52 ? 581 HOH A O   1 
HETATM 1232 O  O   . HOH R 6 .   ? 11.900  -7.806  14.751  1.00 35.38 ? 582 HOH A O   1 
HETATM 1233 O  O   . HOH R 6 .   ? 14.294  3.035   8.594   1.00 26.88 ? 583 HOH A O   1 
HETATM 1234 O  O   . HOH R 6 .   ? 7.156   10.378  4.509   1.00 24.75 ? 584 HOH A O   1 
HETATM 1235 O  O   . HOH R 6 .   ? 4.842   4.280   -21.359 1.00 32.96 ? 585 HOH A O   1 
HETATM 1236 O  O   . HOH R 6 .   ? -10.339 -4.226  10.178  1.00 22.61 ? 588 HOH A O   1 
HETATM 1237 O  O   . HOH R 6 .   ? -10.665 5.572   0.230   1.00 24.68 ? 589 HOH A O   1 
HETATM 1238 O  O   . HOH R 6 .   ? 12.866  7.485   -2.509  1.00 34.92 ? 590 HOH A O   1 
HETATM 1239 O  O   . HOH R 6 .   ? 1.129   9.161   8.602   1.00 21.50 ? 591 HOH A O   1 
HETATM 1240 O  O   . HOH R 6 .   ? 12.222  1.516   8.874   1.00 24.20 ? 592 HOH A O   1 
HETATM 1241 O  O   . HOH R 6 .   ? -4.765  -9.380  11.779  1.00 27.55 ? 593 HOH A O   1 
HETATM 1242 O  O   . HOH R 6 .   ? 1.371   15.336  1.565   1.00 22.59 ? 594 HOH A O   1 
HETATM 1243 O  O   . HOH R 6 .   ? 6.900   12.385  -13.715 1.00 23.52 ? 595 HOH A O   1 
HETATM 1244 O  O   . HOH R 6 .   ? 6.612   7.148   8.130   1.00 20.50 ? 596 HOH A O   1 
HETATM 1245 O  O   . HOH R 6 .   ? 7.682   5.231   13.991  1.00 29.02 ? 599 HOH A O   1 
HETATM 1246 O  O   . HOH R 6 .   ? 14.004  -10.437 8.160   1.00 45.47 ? 600 HOH A O   1 
HETATM 1247 O  O   . HOH R 6 .   ? 13.101  -3.565  8.187   1.00 30.27 ? 601 HOH A O   1 
HETATM 1248 O  O   . HOH R 6 .   ? -5.185  -0.951  -5.475  1.00 24.44 ? 602 HOH A O   1 
HETATM 1249 O  O   . HOH R 6 .   ? 5.118   5.033   17.665  1.00 29.64 ? 603 HOH A O   1 
HETATM 1250 O  O   . HOH R 6 .   ? 8.753   -16.724 12.559  1.00 46.02 ? 604 HOH A O   1 
HETATM 1251 O  O   . HOH R 6 .   ? -3.985  14.868  -7.750  1.00 29.74 ? 605 HOH A O   1 
HETATM 1252 O  O   . HOH R 6 .   ? -4.864  2.635   -9.068  0.65 19.64 ? 606 HOH A O   1 
HETATM 1253 O  O   . HOH R 6 .   ? 6.584   -0.217  -19.609 1.00 30.56 ? 608 HOH A O   1 
HETATM 1254 O  O   . HOH R 6 .   ? 12.633  6.712   8.321   1.00 35.74 ? 609 HOH A O   1 
HETATM 1255 O  O   . HOH R 6 .   ? -1.255  15.989  1.303   1.00 42.88 ? 610 HOH A O   1 
HETATM 1256 O  O   . HOH R 6 .   ? -3.482  12.176  -6.454  1.00 42.53 ? 611 HOH A O   1 
HETATM 1257 O  O   . HOH R 6 .   ? -9.522  8.848   -0.856  1.00 28.79 ? 612 HOH A O   1 
HETATM 1258 O  O   . HOH R 6 .   ? -3.388  6.680   -16.607 1.00 36.79 ? 615 HOH A O   1 
HETATM 1259 O  O   . HOH R 6 .   ? 7.603   11.547  -16.368 1.00 29.84 ? 617 HOH A O   1 
HETATM 1260 O  O   . HOH R 6 .   ? 7.482   7.429   -11.852 1.00 29.11 ? 619 HOH A O   1 
HETATM 1261 O  O   . HOH R 6 .   ? 6.898   -4.287  16.107  1.00 34.94 ? 621 HOH A O   1 
HETATM 1262 O  O   . HOH R 6 .   ? -13.272 -2.178  1.665   1.00 31.68 ? 622 HOH A O   1 
HETATM 1263 O  O   . HOH R 6 .   ? 1.752   18.191  -2.499  1.00 41.76 ? 624 HOH A O   1 
HETATM 1264 O  O   . HOH R 6 .   ? -2.428  -21.997 0.939   1.00 38.55 ? 626 HOH A O   1 
HETATM 1265 O  O   . HOH R 6 .   ? -10.245 -7.760  9.670   1.00 41.56 ? 629 HOH A O   1 
HETATM 1266 O  O   . HOH R 6 .   ? 7.395   10.637  -8.382  1.00 38.37 ? 630 HOH A O   1 
HETATM 1267 O  O   . HOH R 6 .   ? -11.094 -11.031 7.701   1.00 48.43 ? 634 HOH A O   1 
HETATM 1268 O  O   . HOH R 6 .   ? -15.604 -1.143  2.112   1.00 34.88 ? 635 HOH A O   1 
HETATM 1269 O  O   . HOH R 6 .   ? -4.961  13.348  -2.013  1.00 43.30 ? 637 HOH A O   1 
HETATM 1270 O  O   . HOH R 6 .   ? -14.124 3.360   12.267  1.00 48.00 ? 638 HOH A O   1 
HETATM 1271 O  O   . HOH R 6 .   ? -0.265  17.979  -1.435  1.00 39.57 ? 640 HOH A O   1 
HETATM 1272 O  O   . HOH R 6 .   ? -4.515  4.540   -13.425 1.00 46.27 ? 641 HOH A O   1 
HETATM 1273 O  O   . HOH R 6 .   ? 12.507  -8.990  3.789   1.00 32.90 ? 642 HOH A O   1 
HETATM 1274 O  O   . HOH R 6 .   ? -3.473  -17.493 2.202   1.00 32.23 ? 643 HOH A O   1 
HETATM 1275 O  O   . HOH R 6 .   ? 12.963  -1.430  15.678  1.00 50.53 ? 644 HOH A O   1 
HETATM 1276 O  O   . HOH R 6 .   ? -1.997  -6.089  -10.164 1.00 17.49 ? 647 HOH A O   1 
HETATM 1277 O  O   . HOH R 6 .   ? -4.602  -13.042 8.050   1.00 37.05 ? 648 HOH A O   1 
HETATM 1278 O  O   . HOH R 6 .   ? 1.553   6.337   7.743   1.00 16.58 ? 649 HOH A O   1 
HETATM 1279 O  O   . HOH R 6 .   ? -8.058  14.221  -10.813 1.00 37.20 ? 652 HOH A O   1 
HETATM 1280 O  O   . HOH R 6 .   ? -9.043  -9.504  -11.823 1.00 33.23 ? 654 HOH A O   1 
HETATM 1281 O  O   . HOH R 6 .   ? -4.603  12.729  4.588   1.00 18.17 ? 723 HOH A O   1 
HETATM 1282 O  O   . HOH R 6 .   ? -8.646  -13.350 5.848   1.00 37.21 ? 724 HOH A O   1 
HETATM 1283 O  O   . HOH R 6 .   ? -9.036  7.833   1.976   1.00 18.10 ? 725 HOH A O   1 
HETATM 1284 O  O   . HOH R 6 .   ? -8.601  -6.563  -5.438  1.00 23.34 ? 726 HOH A O   1 
HETATM 1285 O  O   . HOH R 6 .   ? -8.771  -3.211  12.731  1.00 29.42 ? 727 HOH A O   1 
HETATM 1286 O  O   . HOH R 6 .   ? 3.699   -3.155  14.794  1.00 30.59 ? 729 HOH A O   1 
HETATM 1287 O  O   . HOH R 6 .   ? -10.706 1.412   14.495  1.00 37.89 ? 730 HOH A O   1 
HETATM 1288 O  O   . HOH R 6 .   ? -16.398 -3.215  6.679   1.00 48.03 ? 731 HOH A O   1 
HETATM 1289 O  O   . HOH R 6 .   ? 7.500   8.411   -18.044 1.00 49.33 ? 733 HOH A O   1 
HETATM 1290 O  O   . HOH R 6 .   ? -6.874  8.692   -14.277 1.00 37.60 ? 734 HOH A O   1 
HETATM 1291 O  O   . HOH R 6 .   ? -7.068  13.239  -13.849 1.00 25.22 ? 735 HOH A O   1 
HETATM 1292 O  O   . HOH R 6 .   ? 10.852  -10.914 4.697   1.00 45.71 ? 736 HOH A O   1 
HETATM 1293 O  O   . HOH R 6 .   ? -6.145  10.537  7.515   1.00 30.94 ? 737 HOH A O   1 
HETATM 1294 O  O   . HOH R 6 .   ? -11.930 4.132   -1.981  1.00 33.78 ? 738 HOH A O   1 
HETATM 1295 O  O   . HOH R 6 .   ? -19.009 6.236   1.589   1.00 41.88 ? 739 HOH A O   1 
HETATM 1296 O  O   . HOH R 6 .   ? -7.677  7.494   13.544  1.00 36.31 ? 740 HOH A O   1 
HETATM 1297 O  O   . HOH R 6 .   ? 5.944   10.532  -23.313 1.00 37.88 ? 741 HOH A O   1 
HETATM 1298 O  O   . HOH R 6 .   ? 5.914   7.860   12.153  1.00 34.56 ? 742 HOH A O   1 
HETATM 1299 O  O   . HOH R 6 .   ? 8.486   1.179   -13.345 1.00 23.77 ? 801 HOH A O   1 
HETATM 1300 O  O   . HOH R 6 .   ? -2.796  -6.547  -13.021 1.00 30.70 ? 802 HOH A O   1 
HETATM 1301 O  O   . HOH R 6 .   ? -8.835  9.433   -7.151  1.00 49.00 ? 803 HOH A O   1 
HETATM 1302 O  O   . HOH R 6 .   ? -11.927 9.362   10.474  1.00 53.88 ? 804 HOH A O   1 
HETATM 1303 O  O   . HOH R 6 .   ? -7.635  -2.724  15.749  1.00 42.33 ? 805 HOH A O   1 
HETATM 1304 O  O   . HOH R 6 .   ? -3.735  15.540  1.098   1.00 40.40 ? 806 HOH A O   1 
HETATM 1305 O  O   . HOH R 6 .   ? 7.373   -9.743  -11.274 1.00 41.45 ? 807 HOH A O   1 
HETATM 1306 O  O   . HOH R 6 .   ? -0.217  -6.345  15.749  1.00 56.21 ? 808 HOH A O   1 
HETATM 1307 O  O   . HOH R 6 .   ? -9.969  -1.130  14.304  1.00 47.00 ? 809 HOH A O   1 
HETATM 1308 O  O   . HOH R 6 .   ? -12.610 7.453   2.728   1.00 42.52 ? 810 HOH A O   1 
HETATM 1309 O  O   . HOH R 6 .   ? -1.349  -19.269 7.145   1.00 40.31 ? 812 HOH A O   1 
HETATM 1310 O  O   . HOH R 6 .   ? -10.141 -6.351  -7.541  1.00 38.24 ? 813 HOH A O   1 
HETATM 1311 O  O   . HOH R 6 .   ? -17.738 2.765   8.288   1.00 52.93 ? 814 HOH A O   1 
HETATM 1312 O  O   . HOH R 6 .   ? 7.930   18.678  -4.117  1.00 47.97 ? 815 HOH A O   1 
HETATM 1313 O  O   . HOH R 6 .   ? 13.004  -12.305 9.221   1.00 42.91 ? 816 HOH A O   1 
HETATM 1314 O  O   . HOH R 6 .   ? -8.289  12.355  2.201   1.00 50.11 ? 818 HOH A O   1 
HETATM 1315 O  O   . HOH R 6 .   ? -1.328  0.689   -20.736 1.00 47.98 ? 819 HOH A O   1 
HETATM 1316 O  O   . HOH R 6 .   ? 10.130  3.247   -13.321 1.00 21.73 ? 820 HOH A O   1 
HETATM 1317 O  O   . HOH R 6 .   ? -5.786  8.785   -7.031  1.00 27.37 ? 821 HOH A O   1 
HETATM 1318 O  O   . HOH R 6 .   ? 1.343   -4.380  15.787  1.00 28.96 ? 822 HOH A O   1 
HETATM 1319 O  O   . HOH R 6 .   ? 9.374   6.045   -13.006 1.00 26.96 ? 823 HOH A O   1 
HETATM 1320 O  O   . HOH R 6 .   ? -8.642  11.562  -0.429  1.00 31.52 ? 824 HOH A O   1 
HETATM 1321 O  O   . HOH R 6 .   ? -3.145  14.856  4.312   1.00 31.58 ? 825 HOH A O   1 
HETATM 1322 O  O   . HOH R 6 .   ? 5.171   -11.254 -11.381 1.00 33.33 ? 826 HOH A O   1 
HETATM 1323 O  O   . HOH R 6 .   ? -0.746  14.465  5.486   1.00 36.52 ? 827 HOH A O   1 
HETATM 1324 O  O   . HOH R 6 .   ? 2.972   -6.565  17.484  1.00 51.64 ? 828 HOH A O   1 
HETATM 1325 O  O   . HOH R 6 .   ? -1.383  12.078  6.699   1.00 34.86 ? 829 HOH A O   1 
HETATM 1326 O  O   . HOH R 6 .   ? 8.197   21.130  -4.992  1.00 46.74 ? 830 HOH A O   1 
HETATM 1327 O  O   . HOH R 6 .   ? -3.786  11.446  6.683   1.00 37.91 ? 831 HOH A O   1 
HETATM 1328 O  O   . HOH R 6 .   ? 8.603   7.178   -15.369 1.00 39.20 ? 832 HOH A O   1 
HETATM 1329 O  O   . HOH R 6 .   ? 1.556   14.423  4.137   1.00 24.11 ? 833 HOH A O   1 
HETATM 1330 O  O   . HOH R 6 .   ? 1.161   11.243  6.724   1.00 22.03 ? 834 HOH A O   1 
HETATM 1331 O  O   . HOH R 6 .   ? 3.167   16.166  5.234   1.00 38.73 ? 835 HOH A O   1 
HETATM 1332 O  O   . HOH R 6 .   ? -8.040  8.358   -4.972  1.00 23.29 ? 836 HOH A O   1 
HETATM 1333 O  O   . HOH R 6 .   ? -8.366  6.176   -4.021  1.00 24.86 ? 837 HOH A O   1 
HETATM 1334 O  O   . HOH R 6 .   ? -4.755  0.263   -7.847  1.00 24.63 ? 838 HOH A O   1 
HETATM 1335 O  O   . HOH R 6 .   ? -8.026  -11.079 -2.045  1.00 17.89 ? 839 HOH A O   1 
HETATM 1336 O  O   . HOH R 6 .   ? 13.156  -0.867  7.586   1.00 22.72 ? 840 HOH A O   1 
HETATM 1337 O  O   . HOH R 6 .   ? 12.467  0.814   11.575  1.00 28.85 ? 841 HOH A O   1 
HETATM 1338 O  O   . HOH R 6 .   ? 3.659   9.727   9.889   1.00 27.69 ? 842 HOH A O   1 
HETATM 1339 O  O   . HOH R 6 .   ? 5.168   12.147  5.564   1.00 27.44 ? 843 HOH A O   1 
HETATM 1340 O  O   . HOH R 6 .   ? 16.797  -0.129  4.829   1.00 32.01 ? 844 HOH A O   1 
HETATM 1341 O  O   . HOH R 6 .   ? 1.839   11.239  -22.585 1.00 35.88 ? 845 HOH A O   1 
HETATM 1342 O  O   . HOH R 6 .   ? 5.901   -10.322 12.917  1.00 29.80 ? 846 HOH A O   1 
HETATM 1343 O  O   . HOH R 6 .   ? 7.651   9.422   7.091   1.00 27.99 ? 847 HOH A O   1 
# 
loop_
_pdbx_poly_seq_scheme.asym_id 
_pdbx_poly_seq_scheme.entity_id 
_pdbx_poly_seq_scheme.seq_id 
_pdbx_poly_seq_scheme.mon_id 
_pdbx_poly_seq_scheme.ndb_seq_num 
_pdbx_poly_seq_scheme.pdb_seq_num 
_pdbx_poly_seq_scheme.auth_seq_num 
_pdbx_poly_seq_scheme.pdb_mon_id 
_pdbx_poly_seq_scheme.auth_mon_id 
_pdbx_poly_seq_scheme.pdb_strand_id 
_pdbx_poly_seq_scheme.pdb_ins_code 
_pdbx_poly_seq_scheme.hetero 
A 1 1   MET 1   -21 ?   ?   ?   A . n 
A 1 2   HIS 2   -20 ?   ?   ?   A . n 
A 1 3   HIS 3   -19 ?   ?   ?   A . n 
A 1 4   HIS 4   -18 ?   ?   ?   A . n 
A 1 5   HIS 5   -17 ?   ?   ?   A . n 
A 1 6   HIS 6   -16 ?   ?   ?   A . n 
A 1 7   HIS 7   -15 ?   ?   ?   A . n 
A 1 8   SER 8   -14 ?   ?   ?   A . n 
A 1 9   SER 9   -13 ?   ?   ?   A . n 
A 1 10  GLY 10  -12 ?   ?   ?   A . n 
A 1 11  VAL 11  -11 ?   ?   ?   A . n 
A 1 12  ASP 12  -10 ?   ?   ?   A . n 
A 1 13  LEU 13  -9  ?   ?   ?   A . n 
A 1 14  GLY 14  -8  ?   ?   ?   A . n 
A 1 15  THR 15  -7  ?   ?   ?   A . n 
A 1 16  GLU 16  -6  ?   ?   ?   A . n 
A 1 17  ASN 17  -5  ?   ?   ?   A . n 
A 1 18  LEU 18  -4  ?   ?   ?   A . n 
A 1 19  TYR 19  -3  ?   ?   ?   A . n 
A 1 20  PHE 20  -2  ?   ?   ?   A . n 
A 1 21  GLN 21  -1  ?   ?   ?   A . n 
A 1 22  SER 22  0   ?   ?   ?   A . n 
A 1 23  MET 23  1   ?   ?   ?   A . n 
A 1 24  MET 24  2   ?   ?   ?   A . n 
A 1 25  LYS 25  3   ?   ?   ?   A . n 
A 1 26  LEU 26  4   ?   ?   ?   A . n 
A 1 27  LYS 27  5   ?   ?   ?   A . n 
A 1 28  SER 28  6   ?   ?   ?   A . n 
A 1 29  ASN 29  7   ?   ?   ?   A . n 
A 1 30  GLN 30  8   ?   ?   ?   A . n 
A 1 31  THR 31  9   ?   ?   ?   A . n 
A 1 32  ARG 32  10  10  ARG ARG A . n 
A 1 33  THR 33  11  11  THR THR A . n 
A 1 34  TYR 34  12  12  TYR TYR A . n 
A 1 35  ASP 35  13  13  ASP ASP A . n 
A 1 36  GLY 36  14  14  GLY GLY A . n 
A 1 37  ASP 37  15  15  ASP ASP A . n 
A 1 38  GLY 38  16  16  GLY GLY A . n 
A 1 39  TYR 39  17  17  TYR TYR A . n 
A 1 40  LYS 40  18  18  LYS LYS A . n 
A 1 41  LYS 41  19  19  LYS LYS A . n 
A 1 42  ARG 42  20  20  ARG ARG A . n 
A 1 43  ALA 43  21  21  ALA ALA A . n 
A 1 44  ALA 44  22  22  ALA ALA A . n 
A 1 45  CYS 45  23  23  CYS CYS A . n 
A 1 46  LEU 46  24  24  LEU LEU A . n 
A 1 47  CYS 47  25  25  CYS CYS A . n 
A 1 48  PHE 48  26  26  PHE PHE A . n 
A 1 49  ARG 49  27  27  ARG ARG A . n 
A 1 50  SER 50  28  28  SER SER A . n 
A 1 51  GLU 51  29  29  GLU GLU A . n 
A 1 52  SER 52  30  30  SER SER A . n 
A 1 53  GLU 53  31  31  GLU GLU A . n 
A 1 54  GLU 54  32  32  GLU GLU A . n 
A 1 55  GLU 55  33  33  GLU GLU A . n 
A 1 56  VAL 56  34  34  VAL VAL A . n 
A 1 57  LEU 57  35  35  LEU LEU A . n 
A 1 58  LEU 58  36  36  LEU LEU A . n 
A 1 59  VAL 59  37  37  VAL VAL A . n 
A 1 60  SER 60  38  38  SER SER A . n 
A 1 61  SER 61  39  39  SER SER A . n 
A 1 62  SER 62  40  40  SER SER A . n 
A 1 63  ARG 63  41  41  ARG ARG A . n 
A 1 64  HIS 64  42  42  HIS HIS A . n 
A 1 65  PRO 65  43  43  PRO PRO A . n 
A 1 66  ASP 66  44  44  ASP ASP A . n 
A 1 67  ARG 67  45  45  ARG ARG A . n 
A 1 68  TRP 68  46  46  TRP TRP A . n 
A 1 69  ILE 69  47  47  ILE ILE A . n 
A 1 70  VAL 70  48  48  VAL VAL A . n 
A 1 71  PRO 71  49  49  PRO PRO A . n 
A 1 72  GLY 72  50  50  GLY GLY A . n 
A 1 73  GLY 73  51  51  GLY GLY A . n 
A 1 74  GLY 74  52  52  GLY GLY A . n 
A 1 75  MET 75  53  53  MET MET A . n 
A 1 76  GLU 76  54  54  GLU GLU A . n 
A 1 77  PRO 77  55  55  PRO PRO A . n 
A 1 78  GLU 78  56  56  GLU GLU A . n 
A 1 79  GLU 79  57  57  GLU GLU A . n 
A 1 80  GLU 80  58  58  GLU GLU A . n 
A 1 81  PRO 81  59  59  PRO PRO A . n 
A 1 82  SER 82  60  60  SER SER A . n 
A 1 83  VAL 83  61  61  VAL VAL A . n 
A 1 84  ALA 84  62  62  ALA ALA A . n 
A 1 85  ALA 85  63  63  ALA ALA A . n 
A 1 86  VAL 86  64  64  VAL VAL A . n 
A 1 87  ARG 87  65  65  ARG ARG A . n 
A 1 88  GLU 88  66  66  GLU GLU A . n 
A 1 89  VAL 89  67  67  VAL VAL A . n 
A 1 90  CYS 90  68  68  CYS CYS A . n 
A 1 91  GLU 91  69  69  GLU GLU A . n 
A 1 92  GLU 92  70  70  GLU GLU A . n 
A 1 93  ALA 93  71  71  ALA ALA A . n 
A 1 94  GLY 94  72  72  GLY GLY A . n 
A 1 95  VAL 95  73  73  VAL VAL A . n 
A 1 96  LYS 96  74  74  LYS LYS A . n 
A 1 97  GLY 97  75  75  GLY GLY A . n 
A 1 98  THR 98  76  76  THR THR A . n 
A 1 99  LEU 99  77  77  LEU LEU A . n 
A 1 100 GLY 100 78  78  GLY GLY A . n 
A 1 101 ARG 101 79  79  ARG ARG A . n 
A 1 102 LEU 102 80  80  LEU LEU A . n 
A 1 103 VAL 103 81  81  VAL VAL A . n 
A 1 104 GLY 104 82  82  GLY GLY A . n 
A 1 105 ILE 105 83  83  ILE ILE A . n 
A 1 106 PHE 106 84  84  PHE PHE A . n 
A 1 107 GLU 107 85  85  GLU GLU A . n 
A 1 108 ASN 108 86  86  ASN ASN A . n 
A 1 109 GLN 109 87  87  GLN GLN A . n 
A 1 110 GLU 110 88  88  GLU GLU A . n 
A 1 111 ARG 111 89  89  ARG ARG A . n 
A 1 112 LYS 112 90  90  LYS LYS A . n 
A 1 113 HIS 113 91  91  HIS HIS A . n 
A 1 114 ARG 114 92  92  ARG ARG A . n 
A 1 115 THR 115 93  93  THR THR A . n 
A 1 116 TYR 116 94  94  TYR TYR A . n 
A 1 117 VAL 117 95  95  VAL VAL A . n 
A 1 118 TYR 118 96  96  TYR TYR A . n 
A 1 119 VAL 119 97  97  VAL VAL A . n 
A 1 120 LEU 120 98  98  LEU LEU A . n 
A 1 121 ILE 121 99  99  ILE ILE A . n 
A 1 122 VAL 122 100 100 VAL VAL A . n 
A 1 123 THR 123 101 101 THR THR A . n 
A 1 124 GLU 124 102 102 GLU GLU A . n 
A 1 125 VAL 125 103 103 VAL VAL A . n 
A 1 126 LEU 126 104 104 LEU LEU A . n 
A 1 127 GLU 127 105 105 GLU GLU A . n 
A 1 128 ASP 128 106 106 ASP ASP A . n 
A 1 129 TRP 129 107 107 TRP TRP A . n 
A 1 130 GLU 130 108 108 GLU GLU A . n 
A 1 131 ASP 131 109 109 ASP ASP A . n 
A 1 132 SER 132 110 110 SER SER A . n 
A 1 133 VAL 133 111 111 VAL VAL A . n 
A 1 134 ASN 134 112 112 ASN ASN A . n 
A 1 135 ILE 135 113 113 ILE ILE A . n 
A 1 136 GLY 136 114 114 GLY GLY A . n 
A 1 137 ARG 137 115 115 ARG ARG A . n 
A 1 138 LYS 138 116 116 LYS LYS A . n 
A 1 139 ARG 139 117 117 ARG ARG A . n 
A 1 140 GLU 140 118 118 GLU GLU A . n 
A 1 141 TRP 141 119 119 TRP TRP A . n 
A 1 142 PHE 142 120 120 PHE PHE A . n 
A 1 143 LYS 143 121 121 LYS LYS A . n 
A 1 144 ILE 144 122 122 ILE ILE A . n 
A 1 145 GLU 145 123 123 GLU GLU A . n 
A 1 146 ASP 146 124 124 ASP ASP A . n 
A 1 147 ALA 147 125 125 ALA ALA A . n 
A 1 148 ILE 148 126 126 ILE ILE A . n 
A 1 149 LYS 149 127 127 LYS LYS A . n 
A 1 150 VAL 150 128 128 VAL VAL A . n 
A 1 151 LEU 151 129 129 LEU LEU A . n 
A 1 152 GLN 152 130 130 GLN GLN A . n 
A 1 153 TYR 153 131 131 TYR TYR A . n 
A 1 154 HIS 154 132 132 HIS HIS A . n 
A 1 155 LYS 155 133 133 LYS LYS A . n 
A 1 156 PRO 156 134 134 PRO PRO A . n 
A 1 157 VAL 157 135 135 VAL VAL A . n 
A 1 158 GLN 158 136 136 GLN GLN A . n 
A 1 159 ALA 159 137 137 ALA ALA A . n 
A 1 160 SER 160 138 138 SER SER A . n 
A 1 161 TYR 161 139 139 TYR TYR A . n 
A 1 162 PHE 162 140 140 PHE PHE A . n 
A 1 163 GLU 163 141 141 GLU GLU A . n 
A 1 164 THR 164 142 ?   ?   ?   A . n 
A 1 165 LEU 165 143 ?   ?   ?   A . n 
A 1 166 ARG 166 144 ?   ?   ?   A . n 
A 1 167 GLN 167 145 ?   ?   ?   A . n 
A 1 168 GLY 168 146 ?   ?   ?   A . n 
A 1 169 TYR 169 147 ?   ?   ?   A . n 
A 1 170 SER 170 148 ?   ?   ?   A . n 
A 1 171 ALA 171 149 ?   ?   ?   A . n 
A 1 172 ASN 172 150 ?   ?   ?   A . n 
A 1 173 ASN 173 151 ?   ?   ?   A . n 
A 1 174 GLY 174 152 ?   ?   ?   A . n 
A 1 175 THR 175 153 ?   ?   ?   A . n 
A 1 176 PRO 176 154 ?   ?   ?   A . n 
A 1 177 VAL 177 155 ?   ?   ?   A . n 
A 1 178 VAL 178 156 ?   ?   ?   A . n 
A 1 179 ALA 179 157 ?   ?   ?   A . n 
A 1 180 THR 180 158 ?   ?   ?   A . n 
A 1 181 THR 181 159 ?   ?   ?   A . n 
A 1 182 TYR 182 160 ?   ?   ?   A . n 
A 1 183 SER 183 161 ?   ?   ?   A . n 
A 1 184 VAL 184 162 ?   ?   ?   A . n 
A 1 185 SER 185 163 ?   ?   ?   A . n 
A 1 186 ALA 186 164 ?   ?   ?   A . n 
A 1 187 GLN 187 165 ?   ?   ?   A . n 
A 1 188 SER 188 166 ?   ?   ?   A . n 
A 1 189 SER 189 167 ?   ?   ?   A . n 
A 1 190 MET 190 168 ?   ?   ?   A . n 
A 1 191 SER 191 169 ?   ?   ?   A . n 
A 1 192 GLY 192 170 ?   ?   ?   A . n 
A 1 193 ILE 193 171 ?   ?   ?   A . n 
A 1 194 ARG 194 172 ?   ?   ?   A . n 
# 
_pdbx_SG_project.id                    1 
_pdbx_SG_project.project_name          ? 
_pdbx_SG_project.full_name_of_center   'Structural Genomics Consortium' 
_pdbx_SG_project.initial_of_center     SGC 
# 
loop_
_pdbx_nonpoly_scheme.asym_id 
_pdbx_nonpoly_scheme.entity_id 
_pdbx_nonpoly_scheme.mon_id 
_pdbx_nonpoly_scheme.ndb_seq_num 
_pdbx_nonpoly_scheme.pdb_seq_num 
_pdbx_nonpoly_scheme.auth_seq_num 
_pdbx_nonpoly_scheme.pdb_mon_id 
_pdbx_nonpoly_scheme.auth_mon_id 
_pdbx_nonpoly_scheme.pdb_strand_id 
_pdbx_nonpoly_scheme.pdb_ins_code 
B 2 MG  1   301 301 MG  MG  A . 
C 2 MG  1   302 302 MG  MG  A . 
D 2 MG  1   303 303 MG  MG  A . 
E 2 MG  1   304 304 MG  MG  A . 
F 3 CL  1   401 401 CL  CL  A . 
G 4 F   1   402 402 F   F   A . 
H 4 F   1   403 403 F   F   A . 
I 4 F   1   404 404 F   F   A . 
J 4 F   1   405 405 F   F   A . 
K 4 F   1   406 406 F   F   A . 
L 4 F   1   407 407 F   F   A . 
M 4 F   1   408 408 F   F   A . 
N 4 F   1   409 409 F   F   A . 
O 4 F   1   410 410 F   F   A . 
P 4 F   1   411 411 F   F   A . 
Q 5 IHP 1   201 201 IHP IHP A . 
R 6 HOH 1   543 543 HOH HOH A . 
R 6 HOH 2   544 544 HOH HOH A . 
R 6 HOH 3   546 546 HOH HOH A . 
R 6 HOH 4   548 548 HOH HOH A . 
R 6 HOH 5   549 549 HOH HOH A . 
R 6 HOH 6   550 550 HOH HOH A . 
R 6 HOH 7   551 551 HOH HOH A . 
R 6 HOH 8   552 552 HOH HOH A . 
R 6 HOH 9   553 553 HOH HOH A . 
R 6 HOH 10  554 554 HOH HOH A . 
R 6 HOH 11  555 555 HOH HOH A . 
R 6 HOH 12  556 556 HOH HOH A . 
R 6 HOH 13  557 557 HOH HOH A . 
R 6 HOH 14  558 558 HOH HOH A . 
R 6 HOH 15  559 559 HOH HOH A . 
R 6 HOH 16  560 560 HOH HOH A . 
R 6 HOH 17  561 561 HOH HOH A . 
R 6 HOH 18  562 562 HOH HOH A . 
R 6 HOH 19  563 563 HOH HOH A . 
R 6 HOH 20  564 564 HOH HOH A . 
R 6 HOH 21  566 566 HOH HOH A . 
R 6 HOH 22  567 567 HOH HOH A . 
R 6 HOH 23  568 568 HOH HOH A . 
R 6 HOH 24  569 569 HOH HOH A . 
R 6 HOH 25  570 570 HOH HOH A . 
R 6 HOH 26  572 572 HOH HOH A . 
R 6 HOH 27  573 573 HOH HOH A . 
R 6 HOH 28  574 574 HOH HOH A . 
R 6 HOH 29  575 575 HOH HOH A . 
R 6 HOH 30  577 577 HOH HOH A . 
R 6 HOH 31  578 578 HOH HOH A . 
R 6 HOH 32  579 579 HOH HOH A . 
R 6 HOH 33  580 580 HOH HOH A . 
R 6 HOH 34  581 581 HOH HOH A . 
R 6 HOH 35  582 582 HOH HOH A . 
R 6 HOH 36  583 583 HOH HOH A . 
R 6 HOH 37  584 584 HOH HOH A . 
R 6 HOH 38  585 585 HOH HOH A . 
R 6 HOH 39  588 588 HOH HOH A . 
R 6 HOH 40  589 589 HOH HOH A . 
R 6 HOH 41  590 590 HOH HOH A . 
R 6 HOH 42  591 591 HOH HOH A . 
R 6 HOH 43  592 592 HOH HOH A . 
R 6 HOH 44  593 593 HOH HOH A . 
R 6 HOH 45  594 594 HOH HOH A . 
R 6 HOH 46  595 595 HOH HOH A . 
R 6 HOH 47  596 596 HOH HOH A . 
R 6 HOH 48  599 599 HOH HOH A . 
R 6 HOH 49  600 600 HOH HOH A . 
R 6 HOH 50  601 601 HOH HOH A . 
R 6 HOH 51  602 602 HOH HOH A . 
R 6 HOH 52  603 603 HOH HOH A . 
R 6 HOH 53  604 604 HOH HOH A . 
R 6 HOH 54  605 605 HOH HOH A . 
R 6 HOH 55  606 606 HOH HOH A . 
R 6 HOH 56  608 608 HOH HOH A . 
R 6 HOH 57  609 609 HOH HOH A . 
R 6 HOH 58  610 610 HOH HOH A . 
R 6 HOH 59  611 611 HOH HOH A . 
R 6 HOH 60  612 612 HOH HOH A . 
R 6 HOH 61  615 615 HOH HOH A . 
R 6 HOH 62  617 617 HOH HOH A . 
R 6 HOH 63  619 619 HOH HOH A . 
R 6 HOH 64  621 621 HOH HOH A . 
R 6 HOH 65  622 622 HOH HOH A . 
R 6 HOH 66  624 624 HOH HOH A . 
R 6 HOH 67  626 626 HOH HOH A . 
R 6 HOH 68  629 629 HOH HOH A . 
R 6 HOH 69  630 630 HOH HOH A . 
R 6 HOH 70  634 634 HOH HOH A . 
R 6 HOH 71  635 635 HOH HOH A . 
R 6 HOH 72  637 637 HOH HOH A . 
R 6 HOH 73  638 638 HOH HOH A . 
R 6 HOH 74  640 640 HOH HOH A . 
R 6 HOH 75  641 641 HOH HOH A . 
R 6 HOH 76  642 642 HOH HOH A . 
R 6 HOH 77  643 643 HOH HOH A . 
R 6 HOH 78  644 644 HOH HOH A . 
R 6 HOH 79  647 647 HOH HOH A . 
R 6 HOH 80  648 648 HOH HOH A . 
R 6 HOH 81  649 649 HOH HOH A . 
R 6 HOH 82  652 652 HOH HOH A . 
R 6 HOH 83  654 654 HOH HOH A . 
R 6 HOH 84  723 723 HOH HOH A . 
R 6 HOH 85  724 724 HOH HOH A . 
R 6 HOH 86  725 725 HOH HOH A . 
R 6 HOH 87  726 726 HOH HOH A . 
R 6 HOH 88  727 727 HOH HOH A . 
R 6 HOH 89  729 729 HOH HOH A . 
R 6 HOH 90  730 730 HOH HOH A . 
R 6 HOH 91  731 731 HOH HOH A . 
R 6 HOH 92  733 733 HOH HOH A . 
R 6 HOH 93  734 734 HOH HOH A . 
R 6 HOH 94  735 735 HOH HOH A . 
R 6 HOH 95  736 736 HOH HOH A . 
R 6 HOH 96  737 737 HOH HOH A . 
R 6 HOH 97  738 738 HOH HOH A . 
R 6 HOH 98  739 739 HOH HOH A . 
R 6 HOH 99  740 740 HOH HOH A . 
R 6 HOH 100 741 741 HOH HOH A . 
R 6 HOH 101 742 742 HOH HOH A . 
R 6 HOH 102 801 801 HOH HOH A . 
R 6 HOH 103 802 802 HOH HOH A . 
R 6 HOH 104 803 803 HOH HOH A . 
R 6 HOH 105 804 804 HOH HOH A . 
R 6 HOH 106 805 805 HOH HOH A . 
R 6 HOH 107 806 806 HOH HOH A . 
R 6 HOH 108 807 807 HOH HOH A . 
R 6 HOH 109 808 808 HOH HOH A . 
R 6 HOH 110 809 809 HOH HOH A . 
R 6 HOH 111 810 810 HOH HOH A . 
R 6 HOH 112 812 812 HOH HOH A . 
R 6 HOH 113 813 813 HOH HOH A . 
R 6 HOH 114 814 814 HOH HOH A . 
R 6 HOH 115 815 815 HOH HOH A . 
R 6 HOH 116 816 816 HOH HOH A . 
R 6 HOH 117 818 818 HOH HOH A . 
R 6 HOH 118 819 819 HOH HOH A . 
R 6 HOH 119 820 820 HOH HOH A . 
R 6 HOH 120 821 821 HOH HOH A . 
R 6 HOH 121 822 822 HOH HOH A . 
R 6 HOH 122 823 823 HOH HOH A . 
R 6 HOH 123 824 824 HOH HOH A . 
R 6 HOH 124 825 825 HOH HOH A . 
R 6 HOH 125 826 826 HOH HOH A . 
R 6 HOH 126 827 827 HOH HOH A . 
R 6 HOH 127 828 828 HOH HOH A . 
R 6 HOH 128 829 829 HOH HOH A . 
R 6 HOH 129 830 830 HOH HOH A . 
R 6 HOH 130 831 831 HOH HOH A . 
R 6 HOH 131 832 832 HOH HOH A . 
R 6 HOH 132 833 833 HOH HOH A . 
R 6 HOH 133 834 834 HOH HOH A . 
R 6 HOH 134 835 835 HOH HOH A . 
R 6 HOH 135 836 836 HOH HOH A . 
R 6 HOH 136 837 837 HOH HOH A . 
R 6 HOH 137 838 838 HOH HOH A . 
R 6 HOH 138 839 839 HOH HOH A . 
R 6 HOH 139 840 840 HOH HOH A . 
R 6 HOH 140 841 841 HOH HOH A . 
R 6 HOH 141 842 842 HOH HOH A . 
R 6 HOH 142 843 843 HOH HOH A . 
R 6 HOH 143 844 844 HOH HOH A . 
R 6 HOH 144 845 845 HOH HOH A . 
R 6 HOH 145 846 846 HOH HOH A . 
R 6 HOH 146 847 847 HOH HOH A . 
# 
_pdbx_struct_assembly.id                   1 
_pdbx_struct_assembly.details              author_and_software_defined_assembly 
_pdbx_struct_assembly.method_details       PISA 
_pdbx_struct_assembly.oligomeric_details   monomeric 
_pdbx_struct_assembly.oligomeric_count     1 
# 
_pdbx_struct_assembly_gen.assembly_id       1 
_pdbx_struct_assembly_gen.oper_expression   1 
_pdbx_struct_assembly_gen.asym_id_list      A,B,C,D,E,F,G,H,I,J,K,L,M,N,O,P,Q,R 
# 
_pdbx_struct_oper_list.id                   1 
_pdbx_struct_oper_list.type                 'identity operation' 
_pdbx_struct_oper_list.name                 1_555 
_pdbx_struct_oper_list.symmetry_operation   x,y,z 
_pdbx_struct_oper_list.matrix[1][1]         1.0000000000 
_pdbx_struct_oper_list.matrix[1][2]         0.0000000000 
_pdbx_struct_oper_list.matrix[1][3]         0.0000000000 
_pdbx_struct_oper_list.vector[1]            0.0000000000 
_pdbx_struct_oper_list.matrix[2][1]         0.0000000000 
_pdbx_struct_oper_list.matrix[2][2]         1.0000000000 
_pdbx_struct_oper_list.matrix[2][3]         0.0000000000 
_pdbx_struct_oper_list.vector[2]            0.0000000000 
_pdbx_struct_oper_list.matrix[3][1]         0.0000000000 
_pdbx_struct_oper_list.matrix[3][2]         0.0000000000 
_pdbx_struct_oper_list.matrix[3][3]         1.0000000000 
_pdbx_struct_oper_list.vector[3]            0.0000000000 
# 
loop_
_pdbx_struct_conn_angle.id 
_pdbx_struct_conn_angle.ptnr1_label_atom_id 
_pdbx_struct_conn_angle.ptnr1_label_alt_id 
_pdbx_struct_conn_angle.ptnr1_label_asym_id 
_pdbx_struct_conn_angle.ptnr1_label_comp_id 
_pdbx_struct_conn_angle.ptnr1_label_seq_id 
_pdbx_struct_conn_angle.ptnr1_auth_atom_id 
_pdbx_struct_conn_angle.ptnr1_auth_asym_id 
_pdbx_struct_conn_angle.ptnr1_auth_comp_id 
_pdbx_struct_conn_angle.ptnr1_auth_seq_id 
_pdbx_struct_conn_angle.ptnr1_PDB_ins_code 
_pdbx_struct_conn_angle.ptnr1_symmetry 
_pdbx_struct_conn_angle.ptnr2_label_atom_id 
_pdbx_struct_conn_angle.ptnr2_label_alt_id 
_pdbx_struct_conn_angle.ptnr2_label_asym_id 
_pdbx_struct_conn_angle.ptnr2_label_comp_id 
_pdbx_struct_conn_angle.ptnr2_label_seq_id 
_pdbx_struct_conn_angle.ptnr2_auth_atom_id 
_pdbx_struct_conn_angle.ptnr2_auth_asym_id 
_pdbx_struct_conn_angle.ptnr2_auth_comp_id 
_pdbx_struct_conn_angle.ptnr2_auth_seq_id 
_pdbx_struct_conn_angle.ptnr2_PDB_ins_code 
_pdbx_struct_conn_angle.ptnr2_symmetry 
_pdbx_struct_conn_angle.ptnr3_label_atom_id 
_pdbx_struct_conn_angle.ptnr3_label_alt_id 
_pdbx_struct_conn_angle.ptnr3_label_asym_id 
_pdbx_struct_conn_angle.ptnr3_label_comp_id 
_pdbx_struct_conn_angle.ptnr3_label_seq_id 
_pdbx_struct_conn_angle.ptnr3_auth_atom_id 
_pdbx_struct_conn_angle.ptnr3_auth_asym_id 
_pdbx_struct_conn_angle.ptnr3_auth_comp_id 
_pdbx_struct_conn_angle.ptnr3_auth_seq_id 
_pdbx_struct_conn_angle.ptnr3_PDB_ins_code 
_pdbx_struct_conn_angle.ptnr3_symmetry 
_pdbx_struct_conn_angle.value 
_pdbx_struct_conn_angle.value_esd 
1  O   ? A GLY 72 ? A GLY 50  ? 1_555 MG ? C MG . ? A MG 302 ? 1_555 OE2 ? A GLU 92 ? A GLU 70  ? 1_555 83.8  ? 
2  O   ? A GLY 72 ? A GLY 50  ? 1_555 MG ? C MG . ? A MG 302 ? 1_555 O24 A Q IHP .  ? A IHP 201 ? 1_555 99.5  ? 
3  OE2 ? A GLU 92 ? A GLU 70  ? 1_555 MG ? C MG . ? A MG 302 ? 1_555 O24 A Q IHP .  ? A IHP 201 ? 1_555 172.9 ? 
4  O   ? A GLY 72 ? A GLY 50  ? 1_555 MG ? C MG . ? A MG 302 ? 1_555 O35 B Q IHP .  ? A IHP 201 ? 1_555 86.4  ? 
5  OE2 ? A GLU 92 ? A GLU 70  ? 1_555 MG ? C MG . ? A MG 302 ? 1_555 O35 B Q IHP .  ? A IHP 201 ? 1_555 162.4 ? 
6  O24 A Q IHP .  ? A IHP 201 ? 1_555 MG ? C MG . ? A MG 302 ? 1_555 O35 B Q IHP .  ? A IHP 201 ? 1_555 15.5  ? 
7  O   ? A GLY 72 ? A GLY 50  ? 1_555 MG ? C MG . ? A MG 302 ? 1_555 O24 B Q IHP .  ? A IHP 201 ? 1_555 159.5 ? 
8  OE2 ? A GLU 92 ? A GLU 70  ? 1_555 MG ? C MG . ? A MG 302 ? 1_555 O24 B Q IHP .  ? A IHP 201 ? 1_555 84.9  ? 
9  O24 A Q IHP .  ? A IHP 201 ? 1_555 MG ? C MG . ? A MG 302 ? 1_555 O24 B Q IHP .  ? A IHP 201 ? 1_555 93.7  ? 
10 O35 B Q IHP .  ? A IHP 201 ? 1_555 MG ? C MG . ? A MG 302 ? 1_555 O24 B Q IHP .  ? A IHP 201 ? 1_555 108.5 ? 
11 O   ? A GLY 72 ? A GLY 50  ? 1_555 MG ? C MG . ? A MG 302 ? 1_555 O35 A Q IHP .  ? A IHP 201 ? 1_555 176.8 ? 
12 OE2 ? A GLU 92 ? A GLU 70  ? 1_555 MG ? C MG . ? A MG 302 ? 1_555 O35 A Q IHP .  ? A IHP 201 ? 1_555 95.1  ? 
13 O24 A Q IHP .  ? A IHP 201 ? 1_555 MG ? C MG . ? A MG 302 ? 1_555 O35 A Q IHP .  ? A IHP 201 ? 1_555 82.0  ? 
14 O35 B Q IHP .  ? A IHP 201 ? 1_555 MG ? C MG . ? A MG 302 ? 1_555 O35 A Q IHP .  ? A IHP 201 ? 1_555 95.5  ? 
15 O24 B Q IHP .  ? A IHP 201 ? 1_555 MG ? C MG . ? A MG 302 ? 1_555 O35 A Q IHP .  ? A IHP 201 ? 1_555 17.4  ? 
16 OE1 ? A GLU 88 ? A GLU 66  ? 1_555 MG ? B MG . ? A MG 301 ? 1_555 OE2 ? A GLU 92 ? A GLU 70  ? 1_555 91.5  ? 
# 
loop_
_pdbx_audit_revision_history.ordinal 
_pdbx_audit_revision_history.data_content_type 
_pdbx_audit_revision_history.major_revision 
_pdbx_audit_revision_history.minor_revision 
_pdbx_audit_revision_history.revision_date 
1 'Structure model' 1 0 2007-09-11 
2 'Structure model' 1 1 2011-07-13 
3 'Structure model' 1 2 2020-10-14 
4 'Structure model' 1 3 2023-08-30 
# 
_pdbx_audit_revision_details.ordinal             1 
_pdbx_audit_revision_details.revision_ordinal    1 
_pdbx_audit_revision_details.data_content_type   'Structure model' 
_pdbx_audit_revision_details.provider            repository 
_pdbx_audit_revision_details.type                'Initial release' 
_pdbx_audit_revision_details.description         ? 
_pdbx_audit_revision_details.details             ? 
# 
loop_
_pdbx_audit_revision_group.ordinal 
_pdbx_audit_revision_group.revision_ordinal 
_pdbx_audit_revision_group.data_content_type 
_pdbx_audit_revision_group.group 
1 2 'Structure model' 'Version format compliance' 
2 3 'Structure model' 'Database references'       
3 3 'Structure model' 'Derived calculations'      
4 3 'Structure model' 'Structure summary'         
5 4 'Structure model' 'Data collection'           
6 4 'Structure model' 'Database references'       
7 4 'Structure model' 'Refinement description'    
# 
loop_
_pdbx_audit_revision_category.ordinal 
_pdbx_audit_revision_category.revision_ordinal 
_pdbx_audit_revision_category.data_content_type 
_pdbx_audit_revision_category.category 
1 3 'Structure model' chem_comp                     
2 3 'Structure model' struct_conn                   
3 3 'Structure model' struct_ref_seq_dif            
4 3 'Structure model' struct_site                   
5 4 'Structure model' chem_comp_atom                
6 4 'Structure model' chem_comp_bond                
7 4 'Structure model' database_2                    
8 4 'Structure model' pdbx_initial_refinement_model 
# 
loop_
_pdbx_audit_revision_item.ordinal 
_pdbx_audit_revision_item.revision_ordinal 
_pdbx_audit_revision_item.data_content_type 
_pdbx_audit_revision_item.item 
1  3 'Structure model' '_chem_comp.pdbx_synonyms'             
2  3 'Structure model' '_struct_conn.pdbx_dist_value'         
3  3 'Structure model' '_struct_conn.pdbx_ptnr1_label_alt_id' 
4  3 'Structure model' '_struct_conn.pdbx_ptnr2_label_alt_id' 
5  3 'Structure model' '_struct_conn.ptnr1_auth_comp_id'      
6  3 'Structure model' '_struct_conn.ptnr1_auth_seq_id'       
7  3 'Structure model' '_struct_conn.ptnr1_label_asym_id'     
8  3 'Structure model' '_struct_conn.ptnr1_label_atom_id'     
9  3 'Structure model' '_struct_conn.ptnr1_label_comp_id'     
10 3 'Structure model' '_struct_conn.ptnr2_auth_comp_id'      
11 3 'Structure model' '_struct_conn.ptnr2_auth_seq_id'       
12 3 'Structure model' '_struct_conn.ptnr2_label_asym_id'     
13 3 'Structure model' '_struct_conn.ptnr2_label_atom_id'     
14 3 'Structure model' '_struct_conn.ptnr2_label_comp_id'     
15 3 'Structure model' '_struct_ref_seq_dif.details'          
16 3 'Structure model' '_struct_site.pdbx_auth_asym_id'       
17 3 'Structure model' '_struct_site.pdbx_auth_comp_id'       
18 3 'Structure model' '_struct_site.pdbx_auth_seq_id'        
19 4 'Structure model' '_database_2.pdbx_DOI'                 
20 4 'Structure model' '_database_2.pdbx_database_accession'  
# 
loop_
_software.name 
_software.version 
_software.date 
_software.type 
_software.contact_author 
_software.contact_author_email 
_software.classification 
_software.location 
_software.language 
_software.citation_id 
_software.pdbx_ordinal 
REFMAC         5.2.0019 ?                program 'Murshudov, G.N.' ccp4@dl.ac.uk            refinement        
http://www.ccp4.ac.uk/main.html  Fortran_77 ? 1 
PDB_EXTRACT    2.000    'April. 3, 2006' package PDB               sw-help@rcsb.rutgers.edu 'data extraction' 
http://pdb.rutgers.edu/software/ C++        ? 2 
'PROTEUM PLUS' 2        ?                ?       ?                 ?                        'data collection' ? ?          ? 3 
SAINT          .        ?                ?       ?                 ?                        'data reduction'  ? ?          ? 4 
SADABS         .        ?                ?       ?                 ?                        'data scaling'    ? ?          ? 5 
REFMAC         5.2.0019 ?                ?       ?                 ?                        phasing           ? ?          ? 6 
# 
loop_
_pdbx_unobs_or_zero_occ_residues.id 
_pdbx_unobs_or_zero_occ_residues.PDB_model_num 
_pdbx_unobs_or_zero_occ_residues.polymer_flag 
_pdbx_unobs_or_zero_occ_residues.occupancy_flag 
_pdbx_unobs_or_zero_occ_residues.auth_asym_id 
_pdbx_unobs_or_zero_occ_residues.auth_comp_id 
_pdbx_unobs_or_zero_occ_residues.auth_seq_id 
_pdbx_unobs_or_zero_occ_residues.PDB_ins_code 
_pdbx_unobs_or_zero_occ_residues.label_asym_id 
_pdbx_unobs_or_zero_occ_residues.label_comp_id 
_pdbx_unobs_or_zero_occ_residues.label_seq_id 
1  1 Y 1 A MET -21 ? A MET 1   
2  1 Y 1 A HIS -20 ? A HIS 2   
3  1 Y 1 A HIS -19 ? A HIS 3   
4  1 Y 1 A HIS -18 ? A HIS 4   
5  1 Y 1 A HIS -17 ? A HIS 5   
6  1 Y 1 A HIS -16 ? A HIS 6   
7  1 Y 1 A HIS -15 ? A HIS 7   
8  1 Y 1 A SER -14 ? A SER 8   
9  1 Y 1 A SER -13 ? A SER 9   
10 1 Y 1 A GLY -12 ? A GLY 10  
11 1 Y 1 A VAL -11 ? A VAL 11  
12 1 Y 1 A ASP -10 ? A ASP 12  
13 1 Y 1 A LEU -9  ? A LEU 13  
14 1 Y 1 A GLY -8  ? A GLY 14  
15 1 Y 1 A THR -7  ? A THR 15  
16 1 Y 1 A GLU -6  ? A GLU 16  
17 1 Y 1 A ASN -5  ? A ASN 17  
18 1 Y 1 A LEU -4  ? A LEU 18  
19 1 Y 1 A TYR -3  ? A TYR 19  
20 1 Y 1 A PHE -2  ? A PHE 20  
21 1 Y 1 A GLN -1  ? A GLN 21  
22 1 Y 1 A SER 0   ? A SER 22  
23 1 Y 1 A MET 1   ? A MET 23  
24 1 Y 1 A MET 2   ? A MET 24  
25 1 Y 1 A LYS 3   ? A LYS 25  
26 1 Y 1 A LEU 4   ? A LEU 26  
27 1 Y 1 A LYS 5   ? A LYS 27  
28 1 Y 1 A SER 6   ? A SER 28  
29 1 Y 1 A ASN 7   ? A ASN 29  
30 1 Y 1 A GLN 8   ? A GLN 30  
31 1 Y 1 A THR 9   ? A THR 31  
32 1 Y 1 A THR 142 ? A THR 164 
33 1 Y 1 A LEU 143 ? A LEU 165 
34 1 Y 1 A ARG 144 ? A ARG 166 
35 1 Y 1 A GLN 145 ? A GLN 167 
36 1 Y 1 A GLY 146 ? A GLY 168 
37 1 Y 1 A TYR 147 ? A TYR 169 
38 1 Y 1 A SER 148 ? A SER 170 
39 1 Y 1 A ALA 149 ? A ALA 171 
40 1 Y 1 A ASN 150 ? A ASN 172 
41 1 Y 1 A ASN 151 ? A ASN 173 
42 1 Y 1 A GLY 152 ? A GLY 174 
43 1 Y 1 A THR 153 ? A THR 175 
44 1 Y 1 A PRO 154 ? A PRO 176 
45 1 Y 1 A VAL 155 ? A VAL 177 
46 1 Y 1 A VAL 156 ? A VAL 178 
47 1 Y 1 A ALA 157 ? A ALA 179 
48 1 Y 1 A THR 158 ? A THR 180 
49 1 Y 1 A THR 159 ? A THR 181 
50 1 Y 1 A TYR 160 ? A TYR 182 
51 1 Y 1 A SER 161 ? A SER 183 
52 1 Y 1 A VAL 162 ? A VAL 184 
53 1 Y 1 A SER 163 ? A SER 185 
54 1 Y 1 A ALA 164 ? A ALA 186 
55 1 Y 1 A GLN 165 ? A GLN 187 
56 1 Y 1 A SER 166 ? A SER 188 
57 1 Y 1 A SER 167 ? A SER 189 
58 1 Y 1 A MET 168 ? A MET 190 
59 1 Y 1 A SER 169 ? A SER 191 
60 1 Y 1 A GLY 170 ? A GLY 192 
61 1 Y 1 A ILE 171 ? A ILE 193 
62 1 Y 1 A ARG 172 ? A ARG 194 
# 
loop_
_chem_comp_atom.comp_id 
_chem_comp_atom.atom_id 
_chem_comp_atom.type_symbol 
_chem_comp_atom.pdbx_aromatic_flag 
_chem_comp_atom.pdbx_stereo_config 
_chem_comp_atom.pdbx_ordinal 
ALA N    N  N N 1   
ALA CA   C  N S 2   
ALA C    C  N N 3   
ALA O    O  N N 4   
ALA CB   C  N N 5   
ALA OXT  O  N N 6   
ALA H    H  N N 7   
ALA H2   H  N N 8   
ALA HA   H  N N 9   
ALA HB1  H  N N 10  
ALA HB2  H  N N 11  
ALA HB3  H  N N 12  
ALA HXT  H  N N 13  
ARG N    N  N N 14  
ARG CA   C  N S 15  
ARG C    C  N N 16  
ARG O    O  N N 17  
ARG CB   C  N N 18  
ARG CG   C  N N 19  
ARG CD   C  N N 20  
ARG NE   N  N N 21  
ARG CZ   C  N N 22  
ARG NH1  N  N N 23  
ARG NH2  N  N N 24  
ARG OXT  O  N N 25  
ARG H    H  N N 26  
ARG H2   H  N N 27  
ARG HA   H  N N 28  
ARG HB2  H  N N 29  
ARG HB3  H  N N 30  
ARG HG2  H  N N 31  
ARG HG3  H  N N 32  
ARG HD2  H  N N 33  
ARG HD3  H  N N 34  
ARG HE   H  N N 35  
ARG HH11 H  N N 36  
ARG HH12 H  N N 37  
ARG HH21 H  N N 38  
ARG HH22 H  N N 39  
ARG HXT  H  N N 40  
ASN N    N  N N 41  
ASN CA   C  N S 42  
ASN C    C  N N 43  
ASN O    O  N N 44  
ASN CB   C  N N 45  
ASN CG   C  N N 46  
ASN OD1  O  N N 47  
ASN ND2  N  N N 48  
ASN OXT  O  N N 49  
ASN H    H  N N 50  
ASN H2   H  N N 51  
ASN HA   H  N N 52  
ASN HB2  H  N N 53  
ASN HB3  H  N N 54  
ASN HD21 H  N N 55  
ASN HD22 H  N N 56  
ASN HXT  H  N N 57  
ASP N    N  N N 58  
ASP CA   C  N S 59  
ASP C    C  N N 60  
ASP O    O  N N 61  
ASP CB   C  N N 62  
ASP CG   C  N N 63  
ASP OD1  O  N N 64  
ASP OD2  O  N N 65  
ASP OXT  O  N N 66  
ASP H    H  N N 67  
ASP H2   H  N N 68  
ASP HA   H  N N 69  
ASP HB2  H  N N 70  
ASP HB3  H  N N 71  
ASP HD2  H  N N 72  
ASP HXT  H  N N 73  
CL  CL   CL N N 74  
CYS N    N  N N 75  
CYS CA   C  N R 76  
CYS C    C  N N 77  
CYS O    O  N N 78  
CYS CB   C  N N 79  
CYS SG   S  N N 80  
CYS OXT  O  N N 81  
CYS H    H  N N 82  
CYS H2   H  N N 83  
CYS HA   H  N N 84  
CYS HB2  H  N N 85  
CYS HB3  H  N N 86  
CYS HG   H  N N 87  
CYS HXT  H  N N 88  
F   F    F  N N 89  
GLN N    N  N N 90  
GLN CA   C  N S 91  
GLN C    C  N N 92  
GLN O    O  N N 93  
GLN CB   C  N N 94  
GLN CG   C  N N 95  
GLN CD   C  N N 96  
GLN OE1  O  N N 97  
GLN NE2  N  N N 98  
GLN OXT  O  N N 99  
GLN H    H  N N 100 
GLN H2   H  N N 101 
GLN HA   H  N N 102 
GLN HB2  H  N N 103 
GLN HB3  H  N N 104 
GLN HG2  H  N N 105 
GLN HG3  H  N N 106 
GLN HE21 H  N N 107 
GLN HE22 H  N N 108 
GLN HXT  H  N N 109 
GLU N    N  N N 110 
GLU CA   C  N S 111 
GLU C    C  N N 112 
GLU O    O  N N 113 
GLU CB   C  N N 114 
GLU CG   C  N N 115 
GLU CD   C  N N 116 
GLU OE1  O  N N 117 
GLU OE2  O  N N 118 
GLU OXT  O  N N 119 
GLU H    H  N N 120 
GLU H2   H  N N 121 
GLU HA   H  N N 122 
GLU HB2  H  N N 123 
GLU HB3  H  N N 124 
GLU HG2  H  N N 125 
GLU HG3  H  N N 126 
GLU HE2  H  N N 127 
GLU HXT  H  N N 128 
GLY N    N  N N 129 
GLY CA   C  N N 130 
GLY C    C  N N 131 
GLY O    O  N N 132 
GLY OXT  O  N N 133 
GLY H    H  N N 134 
GLY H2   H  N N 135 
GLY HA2  H  N N 136 
GLY HA3  H  N N 137 
GLY HXT  H  N N 138 
HIS N    N  N N 139 
HIS CA   C  N S 140 
HIS C    C  N N 141 
HIS O    O  N N 142 
HIS CB   C  N N 143 
HIS CG   C  Y N 144 
HIS ND1  N  Y N 145 
HIS CD2  C  Y N 146 
HIS CE1  C  Y N 147 
HIS NE2  N  Y N 148 
HIS OXT  O  N N 149 
HIS H    H  N N 150 
HIS H2   H  N N 151 
HIS HA   H  N N 152 
HIS HB2  H  N N 153 
HIS HB3  H  N N 154 
HIS HD1  H  N N 155 
HIS HD2  H  N N 156 
HIS HE1  H  N N 157 
HIS HE2  H  N N 158 
HIS HXT  H  N N 159 
HOH O    O  N N 160 
HOH H1   H  N N 161 
HOH H2   H  N N 162 
IHP C1   C  N N 163 
IHP C2   C  N N 164 
IHP C3   C  N N 165 
IHP C4   C  N N 166 
IHP C5   C  N N 167 
IHP C6   C  N N 168 
IHP O11  O  N N 169 
IHP P1   P  N N 170 
IHP O21  O  N N 171 
IHP O31  O  N N 172 
IHP O41  O  N N 173 
IHP O12  O  N N 174 
IHP P2   P  N N 175 
IHP O22  O  N N 176 
IHP O32  O  N N 177 
IHP O42  O  N N 178 
IHP O13  O  N N 179 
IHP P3   P  N N 180 
IHP O23  O  N N 181 
IHP O33  O  N N 182 
IHP O43  O  N N 183 
IHP O14  O  N N 184 
IHP P4   P  N N 185 
IHP O24  O  N N 186 
IHP O34  O  N N 187 
IHP O44  O  N N 188 
IHP O15  O  N N 189 
IHP P5   P  N N 190 
IHP O25  O  N N 191 
IHP O35  O  N N 192 
IHP O45  O  N N 193 
IHP O16  O  N N 194 
IHP P6   P  N N 195 
IHP O26  O  N N 196 
IHP O36  O  N N 197 
IHP O46  O  N N 198 
IHP H1   H  N N 199 
IHP H2   H  N N 200 
IHP H3   H  N N 201 
IHP H4   H  N N 202 
IHP H5   H  N N 203 
IHP H6   H  N N 204 
IHP H31  H  N N 205 
IHP H41  H  N N 206 
IHP H32  H  N N 207 
IHP H42  H  N N 208 
IHP H33  H  N N 209 
IHP H43  H  N N 210 
IHP H34  H  N N 211 
IHP H44  H  N N 212 
IHP H35  H  N N 213 
IHP H45  H  N N 214 
IHP H36  H  N N 215 
IHP H46  H  N N 216 
ILE N    N  N N 217 
ILE CA   C  N S 218 
ILE C    C  N N 219 
ILE O    O  N N 220 
ILE CB   C  N S 221 
ILE CG1  C  N N 222 
ILE CG2  C  N N 223 
ILE CD1  C  N N 224 
ILE OXT  O  N N 225 
ILE H    H  N N 226 
ILE H2   H  N N 227 
ILE HA   H  N N 228 
ILE HB   H  N N 229 
ILE HG12 H  N N 230 
ILE HG13 H  N N 231 
ILE HG21 H  N N 232 
ILE HG22 H  N N 233 
ILE HG23 H  N N 234 
ILE HD11 H  N N 235 
ILE HD12 H  N N 236 
ILE HD13 H  N N 237 
ILE HXT  H  N N 238 
LEU N    N  N N 239 
LEU CA   C  N S 240 
LEU C    C  N N 241 
LEU O    O  N N 242 
LEU CB   C  N N 243 
LEU CG   C  N N 244 
LEU CD1  C  N N 245 
LEU CD2  C  N N 246 
LEU OXT  O  N N 247 
LEU H    H  N N 248 
LEU H2   H  N N 249 
LEU HA   H  N N 250 
LEU HB2  H  N N 251 
LEU HB3  H  N N 252 
LEU HG   H  N N 253 
LEU HD11 H  N N 254 
LEU HD12 H  N N 255 
LEU HD13 H  N N 256 
LEU HD21 H  N N 257 
LEU HD22 H  N N 258 
LEU HD23 H  N N 259 
LEU HXT  H  N N 260 
LYS N    N  N N 261 
LYS CA   C  N S 262 
LYS C    C  N N 263 
LYS O    O  N N 264 
LYS CB   C  N N 265 
LYS CG   C  N N 266 
LYS CD   C  N N 267 
LYS CE   C  N N 268 
LYS NZ   N  N N 269 
LYS OXT  O  N N 270 
LYS H    H  N N 271 
LYS H2   H  N N 272 
LYS HA   H  N N 273 
LYS HB2  H  N N 274 
LYS HB3  H  N N 275 
LYS HG2  H  N N 276 
LYS HG3  H  N N 277 
LYS HD2  H  N N 278 
LYS HD3  H  N N 279 
LYS HE2  H  N N 280 
LYS HE3  H  N N 281 
LYS HZ1  H  N N 282 
LYS HZ2  H  N N 283 
LYS HZ3  H  N N 284 
LYS HXT  H  N N 285 
MET N    N  N N 286 
MET CA   C  N S 287 
MET C    C  N N 288 
MET O    O  N N 289 
MET CB   C  N N 290 
MET CG   C  N N 291 
MET SD   S  N N 292 
MET CE   C  N N 293 
MET OXT  O  N N 294 
MET H    H  N N 295 
MET H2   H  N N 296 
MET HA   H  N N 297 
MET HB2  H  N N 298 
MET HB3  H  N N 299 
MET HG2  H  N N 300 
MET HG3  H  N N 301 
MET HE1  H  N N 302 
MET HE2  H  N N 303 
MET HE3  H  N N 304 
MET HXT  H  N N 305 
MG  MG   MG N N 306 
PHE N    N  N N 307 
PHE CA   C  N S 308 
PHE C    C  N N 309 
PHE O    O  N N 310 
PHE CB   C  N N 311 
PHE CG   C  Y N 312 
PHE CD1  C  Y N 313 
PHE CD2  C  Y N 314 
PHE CE1  C  Y N 315 
PHE CE2  C  Y N 316 
PHE CZ   C  Y N 317 
PHE OXT  O  N N 318 
PHE H    H  N N 319 
PHE H2   H  N N 320 
PHE HA   H  N N 321 
PHE HB2  H  N N 322 
PHE HB3  H  N N 323 
PHE HD1  H  N N 324 
PHE HD2  H  N N 325 
PHE HE1  H  N N 326 
PHE HE2  H  N N 327 
PHE HZ   H  N N 328 
PHE HXT  H  N N 329 
PRO N    N  N N 330 
PRO CA   C  N S 331 
PRO C    C  N N 332 
PRO O    O  N N 333 
PRO CB   C  N N 334 
PRO CG   C  N N 335 
PRO CD   C  N N 336 
PRO OXT  O  N N 337 
PRO H    H  N N 338 
PRO HA   H  N N 339 
PRO HB2  H  N N 340 
PRO HB3  H  N N 341 
PRO HG2  H  N N 342 
PRO HG3  H  N N 343 
PRO HD2  H  N N 344 
PRO HD3  H  N N 345 
PRO HXT  H  N N 346 
SER N    N  N N 347 
SER CA   C  N S 348 
SER C    C  N N 349 
SER O    O  N N 350 
SER CB   C  N N 351 
SER OG   O  N N 352 
SER OXT  O  N N 353 
SER H    H  N N 354 
SER H2   H  N N 355 
SER HA   H  N N 356 
SER HB2  H  N N 357 
SER HB3  H  N N 358 
SER HG   H  N N 359 
SER HXT  H  N N 360 
THR N    N  N N 361 
THR CA   C  N S 362 
THR C    C  N N 363 
THR O    O  N N 364 
THR CB   C  N R 365 
THR OG1  O  N N 366 
THR CG2  C  N N 367 
THR OXT  O  N N 368 
THR H    H  N N 369 
THR H2   H  N N 370 
THR HA   H  N N 371 
THR HB   H  N N 372 
THR HG1  H  N N 373 
THR HG21 H  N N 374 
THR HG22 H  N N 375 
THR HG23 H  N N 376 
THR HXT  H  N N 377 
TRP N    N  N N 378 
TRP CA   C  N S 379 
TRP C    C  N N 380 
TRP O    O  N N 381 
TRP CB   C  N N 382 
TRP CG   C  Y N 383 
TRP CD1  C  Y N 384 
TRP CD2  C  Y N 385 
TRP NE1  N  Y N 386 
TRP CE2  C  Y N 387 
TRP CE3  C  Y N 388 
TRP CZ2  C  Y N 389 
TRP CZ3  C  Y N 390 
TRP CH2  C  Y N 391 
TRP OXT  O  N N 392 
TRP H    H  N N 393 
TRP H2   H  N N 394 
TRP HA   H  N N 395 
TRP HB2  H  N N 396 
TRP HB3  H  N N 397 
TRP HD1  H  N N 398 
TRP HE1  H  N N 399 
TRP HE3  H  N N 400 
TRP HZ2  H  N N 401 
TRP HZ3  H  N N 402 
TRP HH2  H  N N 403 
TRP HXT  H  N N 404 
TYR N    N  N N 405 
TYR CA   C  N S 406 
TYR C    C  N N 407 
TYR O    O  N N 408 
TYR CB   C  N N 409 
TYR CG   C  Y N 410 
TYR CD1  C  Y N 411 
TYR CD2  C  Y N 412 
TYR CE1  C  Y N 413 
TYR CE2  C  Y N 414 
TYR CZ   C  Y N 415 
TYR OH   O  N N 416 
TYR OXT  O  N N 417 
TYR H    H  N N 418 
TYR H2   H  N N 419 
TYR HA   H  N N 420 
TYR HB2  H  N N 421 
TYR HB3  H  N N 422 
TYR HD1  H  N N 423 
TYR HD2  H  N N 424 
TYR HE1  H  N N 425 
TYR HE2  H  N N 426 
TYR HH   H  N N 427 
TYR HXT  H  N N 428 
VAL N    N  N N 429 
VAL CA   C  N S 430 
VAL C    C  N N 431 
VAL O    O  N N 432 
VAL CB   C  N N 433 
VAL CG1  C  N N 434 
VAL CG2  C  N N 435 
VAL OXT  O  N N 436 
VAL H    H  N N 437 
VAL H2   H  N N 438 
VAL HA   H  N N 439 
VAL HB   H  N N 440 
VAL HG11 H  N N 441 
VAL HG12 H  N N 442 
VAL HG13 H  N N 443 
VAL HG21 H  N N 444 
VAL HG22 H  N N 445 
VAL HG23 H  N N 446 
VAL HXT  H  N N 447 
# 
loop_
_chem_comp_bond.comp_id 
_chem_comp_bond.atom_id_1 
_chem_comp_bond.atom_id_2 
_chem_comp_bond.value_order 
_chem_comp_bond.pdbx_aromatic_flag 
_chem_comp_bond.pdbx_stereo_config 
_chem_comp_bond.pdbx_ordinal 
ALA N   CA   sing N N 1   
ALA N   H    sing N N 2   
ALA N   H2   sing N N 3   
ALA CA  C    sing N N 4   
ALA CA  CB   sing N N 5   
ALA CA  HA   sing N N 6   
ALA C   O    doub N N 7   
ALA C   OXT  sing N N 8   
ALA CB  HB1  sing N N 9   
ALA CB  HB2  sing N N 10  
ALA CB  HB3  sing N N 11  
ALA OXT HXT  sing N N 12  
ARG N   CA   sing N N 13  
ARG N   H    sing N N 14  
ARG N   H2   sing N N 15  
ARG CA  C    sing N N 16  
ARG CA  CB   sing N N 17  
ARG CA  HA   sing N N 18  
ARG C   O    doub N N 19  
ARG C   OXT  sing N N 20  
ARG CB  CG   sing N N 21  
ARG CB  HB2  sing N N 22  
ARG CB  HB3  sing N N 23  
ARG CG  CD   sing N N 24  
ARG CG  HG2  sing N N 25  
ARG CG  HG3  sing N N 26  
ARG CD  NE   sing N N 27  
ARG CD  HD2  sing N N 28  
ARG CD  HD3  sing N N 29  
ARG NE  CZ   sing N N 30  
ARG NE  HE   sing N N 31  
ARG CZ  NH1  sing N N 32  
ARG CZ  NH2  doub N N 33  
ARG NH1 HH11 sing N N 34  
ARG NH1 HH12 sing N N 35  
ARG NH2 HH21 sing N N 36  
ARG NH2 HH22 sing N N 37  
ARG OXT HXT  sing N N 38  
ASN N   CA   sing N N 39  
ASN N   H    sing N N 40  
ASN N   H2   sing N N 41  
ASN CA  C    sing N N 42  
ASN CA  CB   sing N N 43  
ASN CA  HA   sing N N 44  
ASN C   O    doub N N 45  
ASN C   OXT  sing N N 46  
ASN CB  CG   sing N N 47  
ASN CB  HB2  sing N N 48  
ASN CB  HB3  sing N N 49  
ASN CG  OD1  doub N N 50  
ASN CG  ND2  sing N N 51  
ASN ND2 HD21 sing N N 52  
ASN ND2 HD22 sing N N 53  
ASN OXT HXT  sing N N 54  
ASP N   CA   sing N N 55  
ASP N   H    sing N N 56  
ASP N   H2   sing N N 57  
ASP CA  C    sing N N 58  
ASP CA  CB   sing N N 59  
ASP CA  HA   sing N N 60  
ASP C   O    doub N N 61  
ASP C   OXT  sing N N 62  
ASP CB  CG   sing N N 63  
ASP CB  HB2  sing N N 64  
ASP CB  HB3  sing N N 65  
ASP CG  OD1  doub N N 66  
ASP CG  OD2  sing N N 67  
ASP OD2 HD2  sing N N 68  
ASP OXT HXT  sing N N 69  
CYS N   CA   sing N N 70  
CYS N   H    sing N N 71  
CYS N   H2   sing N N 72  
CYS CA  C    sing N N 73  
CYS CA  CB   sing N N 74  
CYS CA  HA   sing N N 75  
CYS C   O    doub N N 76  
CYS C   OXT  sing N N 77  
CYS CB  SG   sing N N 78  
CYS CB  HB2  sing N N 79  
CYS CB  HB3  sing N N 80  
CYS SG  HG   sing N N 81  
CYS OXT HXT  sing N N 82  
GLN N   CA   sing N N 83  
GLN N   H    sing N N 84  
GLN N   H2   sing N N 85  
GLN CA  C    sing N N 86  
GLN CA  CB   sing N N 87  
GLN CA  HA   sing N N 88  
GLN C   O    doub N N 89  
GLN C   OXT  sing N N 90  
GLN CB  CG   sing N N 91  
GLN CB  HB2  sing N N 92  
GLN CB  HB3  sing N N 93  
GLN CG  CD   sing N N 94  
GLN CG  HG2  sing N N 95  
GLN CG  HG3  sing N N 96  
GLN CD  OE1  doub N N 97  
GLN CD  NE2  sing N N 98  
GLN NE2 HE21 sing N N 99  
GLN NE2 HE22 sing N N 100 
GLN OXT HXT  sing N N 101 
GLU N   CA   sing N N 102 
GLU N   H    sing N N 103 
GLU N   H2   sing N N 104 
GLU CA  C    sing N N 105 
GLU CA  CB   sing N N 106 
GLU CA  HA   sing N N 107 
GLU C   O    doub N N 108 
GLU C   OXT  sing N N 109 
GLU CB  CG   sing N N 110 
GLU CB  HB2  sing N N 111 
GLU CB  HB3  sing N N 112 
GLU CG  CD   sing N N 113 
GLU CG  HG2  sing N N 114 
GLU CG  HG3  sing N N 115 
GLU CD  OE1  doub N N 116 
GLU CD  OE2  sing N N 117 
GLU OE2 HE2  sing N N 118 
GLU OXT HXT  sing N N 119 
GLY N   CA   sing N N 120 
GLY N   H    sing N N 121 
GLY N   H2   sing N N 122 
GLY CA  C    sing N N 123 
GLY CA  HA2  sing N N 124 
GLY CA  HA3  sing N N 125 
GLY C   O    doub N N 126 
GLY C   OXT  sing N N 127 
GLY OXT HXT  sing N N 128 
HIS N   CA   sing N N 129 
HIS N   H    sing N N 130 
HIS N   H2   sing N N 131 
HIS CA  C    sing N N 132 
HIS CA  CB   sing N N 133 
HIS CA  HA   sing N N 134 
HIS C   O    doub N N 135 
HIS C   OXT  sing N N 136 
HIS CB  CG   sing N N 137 
HIS CB  HB2  sing N N 138 
HIS CB  HB3  sing N N 139 
HIS CG  ND1  sing Y N 140 
HIS CG  CD2  doub Y N 141 
HIS ND1 CE1  doub Y N 142 
HIS ND1 HD1  sing N N 143 
HIS CD2 NE2  sing Y N 144 
HIS CD2 HD2  sing N N 145 
HIS CE1 NE2  sing Y N 146 
HIS CE1 HE1  sing N N 147 
HIS NE2 HE2  sing N N 148 
HIS OXT HXT  sing N N 149 
HOH O   H1   sing N N 150 
HOH O   H2   sing N N 151 
IHP C1  C2   sing N N 152 
IHP C1  C6   sing N N 153 
IHP C1  O11  sing N N 154 
IHP C1  H1   sing N N 155 
IHP C2  C3   sing N N 156 
IHP C2  O12  sing N N 157 
IHP C2  H2   sing N N 158 
IHP C3  C4   sing N N 159 
IHP C3  O13  sing N N 160 
IHP C3  H3   sing N N 161 
IHP C4  C5   sing N N 162 
IHP C4  O14  sing N N 163 
IHP C4  H4   sing N N 164 
IHP C5  C6   sing N N 165 
IHP C5  O15  sing N N 166 
IHP C5  H5   sing N N 167 
IHP C6  O16  sing N N 168 
IHP C6  H6   sing N N 169 
IHP O11 P1   sing N N 170 
IHP P1  O21  doub N N 171 
IHP P1  O31  sing N N 172 
IHP P1  O41  sing N N 173 
IHP O31 H31  sing N N 174 
IHP O41 H41  sing N N 175 
IHP O12 P2   sing N N 176 
IHP P2  O22  doub N N 177 
IHP P2  O32  sing N N 178 
IHP P2  O42  sing N N 179 
IHP O32 H32  sing N N 180 
IHP O42 H42  sing N N 181 
IHP O13 P3   sing N N 182 
IHP P3  O23  doub N N 183 
IHP P3  O33  sing N N 184 
IHP P3  O43  sing N N 185 
IHP O33 H33  sing N N 186 
IHP O43 H43  sing N N 187 
IHP O14 P4   sing N N 188 
IHP P4  O24  doub N N 189 
IHP P4  O34  sing N N 190 
IHP P4  O44  sing N N 191 
IHP O34 H34  sing N N 192 
IHP O44 H44  sing N N 193 
IHP O15 P5   sing N N 194 
IHP P5  O25  doub N N 195 
IHP P5  O35  sing N N 196 
IHP P5  O45  sing N N 197 
IHP O35 H35  sing N N 198 
IHP O45 H45  sing N N 199 
IHP O16 P6   sing N N 200 
IHP P6  O26  doub N N 201 
IHP P6  O36  sing N N 202 
IHP P6  O46  sing N N 203 
IHP O36 H36  sing N N 204 
IHP O46 H46  sing N N 205 
ILE N   CA   sing N N 206 
ILE N   H    sing N N 207 
ILE N   H2   sing N N 208 
ILE CA  C    sing N N 209 
ILE CA  CB   sing N N 210 
ILE CA  HA   sing N N 211 
ILE C   O    doub N N 212 
ILE C   OXT  sing N N 213 
ILE CB  CG1  sing N N 214 
ILE CB  CG2  sing N N 215 
ILE CB  HB   sing N N 216 
ILE CG1 CD1  sing N N 217 
ILE CG1 HG12 sing N N 218 
ILE CG1 HG13 sing N N 219 
ILE CG2 HG21 sing N N 220 
ILE CG2 HG22 sing N N 221 
ILE CG2 HG23 sing N N 222 
ILE CD1 HD11 sing N N 223 
ILE CD1 HD12 sing N N 224 
ILE CD1 HD13 sing N N 225 
ILE OXT HXT  sing N N 226 
LEU N   CA   sing N N 227 
LEU N   H    sing N N 228 
LEU N   H2   sing N N 229 
LEU CA  C    sing N N 230 
LEU CA  CB   sing N N 231 
LEU CA  HA   sing N N 232 
LEU C   O    doub N N 233 
LEU C   OXT  sing N N 234 
LEU CB  CG   sing N N 235 
LEU CB  HB2  sing N N 236 
LEU CB  HB3  sing N N 237 
LEU CG  CD1  sing N N 238 
LEU CG  CD2  sing N N 239 
LEU CG  HG   sing N N 240 
LEU CD1 HD11 sing N N 241 
LEU CD1 HD12 sing N N 242 
LEU CD1 HD13 sing N N 243 
LEU CD2 HD21 sing N N 244 
LEU CD2 HD22 sing N N 245 
LEU CD2 HD23 sing N N 246 
LEU OXT HXT  sing N N 247 
LYS N   CA   sing N N 248 
LYS N   H    sing N N 249 
LYS N   H2   sing N N 250 
LYS CA  C    sing N N 251 
LYS CA  CB   sing N N 252 
LYS CA  HA   sing N N 253 
LYS C   O    doub N N 254 
LYS C   OXT  sing N N 255 
LYS CB  CG   sing N N 256 
LYS CB  HB2  sing N N 257 
LYS CB  HB3  sing N N 258 
LYS CG  CD   sing N N 259 
LYS CG  HG2  sing N N 260 
LYS CG  HG3  sing N N 261 
LYS CD  CE   sing N N 262 
LYS CD  HD2  sing N N 263 
LYS CD  HD3  sing N N 264 
LYS CE  NZ   sing N N 265 
LYS CE  HE2  sing N N 266 
LYS CE  HE3  sing N N 267 
LYS NZ  HZ1  sing N N 268 
LYS NZ  HZ2  sing N N 269 
LYS NZ  HZ3  sing N N 270 
LYS OXT HXT  sing N N 271 
MET N   CA   sing N N 272 
MET N   H    sing N N 273 
MET N   H2   sing N N 274 
MET CA  C    sing N N 275 
MET CA  CB   sing N N 276 
MET CA  HA   sing N N 277 
MET C   O    doub N N 278 
MET C   OXT  sing N N 279 
MET CB  CG   sing N N 280 
MET CB  HB2  sing N N 281 
MET CB  HB3  sing N N 282 
MET CG  SD   sing N N 283 
MET CG  HG2  sing N N 284 
MET CG  HG3  sing N N 285 
MET SD  CE   sing N N 286 
MET CE  HE1  sing N N 287 
MET CE  HE2  sing N N 288 
MET CE  HE3  sing N N 289 
MET OXT HXT  sing N N 290 
PHE N   CA   sing N N 291 
PHE N   H    sing N N 292 
PHE N   H2   sing N N 293 
PHE CA  C    sing N N 294 
PHE CA  CB   sing N N 295 
PHE CA  HA   sing N N 296 
PHE C   O    doub N N 297 
PHE C   OXT  sing N N 298 
PHE CB  CG   sing N N 299 
PHE CB  HB2  sing N N 300 
PHE CB  HB3  sing N N 301 
PHE CG  CD1  doub Y N 302 
PHE CG  CD2  sing Y N 303 
PHE CD1 CE1  sing Y N 304 
PHE CD1 HD1  sing N N 305 
PHE CD2 CE2  doub Y N 306 
PHE CD2 HD2  sing N N 307 
PHE CE1 CZ   doub Y N 308 
PHE CE1 HE1  sing N N 309 
PHE CE2 CZ   sing Y N 310 
PHE CE2 HE2  sing N N 311 
PHE CZ  HZ   sing N N 312 
PHE OXT HXT  sing N N 313 
PRO N   CA   sing N N 314 
PRO N   CD   sing N N 315 
PRO N   H    sing N N 316 
PRO CA  C    sing N N 317 
PRO CA  CB   sing N N 318 
PRO CA  HA   sing N N 319 
PRO C   O    doub N N 320 
PRO C   OXT  sing N N 321 
PRO CB  CG   sing N N 322 
PRO CB  HB2  sing N N 323 
PRO CB  HB3  sing N N 324 
PRO CG  CD   sing N N 325 
PRO CG  HG2  sing N N 326 
PRO CG  HG3  sing N N 327 
PRO CD  HD2  sing N N 328 
PRO CD  HD3  sing N N 329 
PRO OXT HXT  sing N N 330 
SER N   CA   sing N N 331 
SER N   H    sing N N 332 
SER N   H2   sing N N 333 
SER CA  C    sing N N 334 
SER CA  CB   sing N N 335 
SER CA  HA   sing N N 336 
SER C   O    doub N N 337 
SER C   OXT  sing N N 338 
SER CB  OG   sing N N 339 
SER CB  HB2  sing N N 340 
SER CB  HB3  sing N N 341 
SER OG  HG   sing N N 342 
SER OXT HXT  sing N N 343 
THR N   CA   sing N N 344 
THR N   H    sing N N 345 
THR N   H2   sing N N 346 
THR CA  C    sing N N 347 
THR CA  CB   sing N N 348 
THR CA  HA   sing N N 349 
THR C   O    doub N N 350 
THR C   OXT  sing N N 351 
THR CB  OG1  sing N N 352 
THR CB  CG2  sing N N 353 
THR CB  HB   sing N N 354 
THR OG1 HG1  sing N N 355 
THR CG2 HG21 sing N N 356 
THR CG2 HG22 sing N N 357 
THR CG2 HG23 sing N N 358 
THR OXT HXT  sing N N 359 
TRP N   CA   sing N N 360 
TRP N   H    sing N N 361 
TRP N   H2   sing N N 362 
TRP CA  C    sing N N 363 
TRP CA  CB   sing N N 364 
TRP CA  HA   sing N N 365 
TRP C   O    doub N N 366 
TRP C   OXT  sing N N 367 
TRP CB  CG   sing N N 368 
TRP CB  HB2  sing N N 369 
TRP CB  HB3  sing N N 370 
TRP CG  CD1  doub Y N 371 
TRP CG  CD2  sing Y N 372 
TRP CD1 NE1  sing Y N 373 
TRP CD1 HD1  sing N N 374 
TRP CD2 CE2  doub Y N 375 
TRP CD2 CE3  sing Y N 376 
TRP NE1 CE2  sing Y N 377 
TRP NE1 HE1  sing N N 378 
TRP CE2 CZ2  sing Y N 379 
TRP CE3 CZ3  doub Y N 380 
TRP CE3 HE3  sing N N 381 
TRP CZ2 CH2  doub Y N 382 
TRP CZ2 HZ2  sing N N 383 
TRP CZ3 CH2  sing Y N 384 
TRP CZ3 HZ3  sing N N 385 
TRP CH2 HH2  sing N N 386 
TRP OXT HXT  sing N N 387 
TYR N   CA   sing N N 388 
TYR N   H    sing N N 389 
TYR N   H2   sing N N 390 
TYR CA  C    sing N N 391 
TYR CA  CB   sing N N 392 
TYR CA  HA   sing N N 393 
TYR C   O    doub N N 394 
TYR C   OXT  sing N N 395 
TYR CB  CG   sing N N 396 
TYR CB  HB2  sing N N 397 
TYR CB  HB3  sing N N 398 
TYR CG  CD1  doub Y N 399 
TYR CG  CD2  sing Y N 400 
TYR CD1 CE1  sing Y N 401 
TYR CD1 HD1  sing N N 402 
TYR CD2 CE2  doub Y N 403 
TYR CD2 HD2  sing N N 404 
TYR CE1 CZ   doub Y N 405 
TYR CE1 HE1  sing N N 406 
TYR CE2 CZ   sing Y N 407 
TYR CE2 HE2  sing N N 408 
TYR CZ  OH   sing N N 409 
TYR OH  HH   sing N N 410 
TYR OXT HXT  sing N N 411 
VAL N   CA   sing N N 412 
VAL N   H    sing N N 413 
VAL N   H2   sing N N 414 
VAL CA  C    sing N N 415 
VAL CA  CB   sing N N 416 
VAL CA  HA   sing N N 417 
VAL C   O    doub N N 418 
VAL C   OXT  sing N N 419 
VAL CB  CG1  sing N N 420 
VAL CB  CG2  sing N N 421 
VAL CB  HB   sing N N 422 
VAL CG1 HG11 sing N N 423 
VAL CG1 HG12 sing N N 424 
VAL CG1 HG13 sing N N 425 
VAL CG2 HG21 sing N N 426 
VAL CG2 HG22 sing N N 427 
VAL CG2 HG23 sing N N 428 
VAL OXT HXT  sing N N 429 
# 
loop_
_pdbx_entity_nonpoly.entity_id 
_pdbx_entity_nonpoly.name 
_pdbx_entity_nonpoly.comp_id 
2 'MAGNESIUM ION'             MG  
3 'CHLORIDE ION'              CL  
4 'FLUORIDE ION'              F   
5 'INOSITOL HEXAKISPHOSPHATE' IHP 
6 water                       HOH 
# 
_pdbx_initial_refinement_model.id               1 
_pdbx_initial_refinement_model.entity_id_list   ? 
_pdbx_initial_refinement_model.type             'experimental model' 
_pdbx_initial_refinement_model.source_name      PDB 
_pdbx_initial_refinement_model.accession_code   2FVV 
_pdbx_initial_refinement_model.details          'PDB entry 2FVV' 
# 
